data_9CJB
#
_entry.id   9CJB
#
_cell.length_a   1.00
_cell.length_b   1.00
_cell.length_c   1.00
_cell.angle_alpha   90.00
_cell.angle_beta   90.00
_cell.angle_gamma   90.00
#
_symmetry.space_group_name_H-M   'P 1'
#
loop_
_entity.id
_entity.type
_entity.pdbx_description
1 polymer 'Nitrogenase molybdenum-iron protein alpha chain'
2 polymer 'Nitrogenase molybdenum-iron protein beta chain'
3 non-polymer 'iron-sulfur-molybdenum cluster with interstitial carbon'
4 non-polymer 'FE(8)-S(7) CLUSTER'
5 non-polymer 'FE (III) ION'
6 water water
#
loop_
_entity_poly.entity_id
_entity_poly.type
_entity_poly.pdbx_seq_one_letter_code
_entity_poly.pdbx_strand_id
1 'polypeptide(L)'
;MTGMSREEVESLIQEVLEVYPEKARKDRNKHLAVNDPAVTQSKKCIISNKKSQPGLMTIRGCAYAGSKGVVWGPIKDMIH
ISHGPVGCGQYSRAGRRNYYIGTTGVNAFVTMNFTSDFQEKDIVFGGDKKLAKLIDEVETLFPLNKGISVQSECPIGLIG
DDIESVSKVKGAELSKTIVPVRCEGFRGVSQSLGHHIANDAVRDWVLGKRDEDTTFASTPYDVAIIGDYNIGGDAWSSRI
LLEEMGLRCVAQWSGDGSISEIELTPKVKLNLVHCYRSMNYISRHMEEKYGIPWMEYNFFGPTKTIESLRAIAAKFDESI
QKKCEEVIAKYKPEWEAVVAKYRPRLEGKRVMLYIGGLRPRHVIGAYEDLGMEVVGTGYEFAHNDDYDRTMKEMGDSTLL
YDDVTGYEFEEFVKRIKPDLIGSGIKEKFIFQKMGIPFREMHSWDYSGPYHGFDGFAIFARDMDMTLNNPCWKKLQAPWE
ASEGAEKVAASA
;
A,C
2 'polypeptide(L)'
;MSQQVDKIKASYPLFLDQDYKDMLAKKRDGFEEKYPQDKIDEVFQWTTTKEYQELNFQREALTVNPAKACQPLGAVLCAL
GFEKTMPYVHGSQGCVAYFRSYFNRHFREPVSCVSDSMTEDAAVFGGQQNMKDGLQNCKATYKPDMIAVSTTCMAEVIGD
DLNAFINNSKKEGFIPDEFPVPFAHTPSFVGSHVTGWDNMFEGIARYFTLKSMDDKVVGSNKKINIVPGFETYLGNFRVI
KRMLSEMGVGYSLLSDPEEVLDTPADGQFRMYAGGTTQEEMKDAPNALNTVLLQPWHLEKTKKFVEGTWKHEVPKLNIPM
GLDWTDEFLMKVSEISGQPIPASLTKERGRLVDMMTDSHTWLHGKRFALWGDPDFVMGLVKFLLELGCEPVHILCHNGNK
RWKKAVDAILAASPYGKNATVYIGKDLWHLRSLVFTDKPDFMIGNSYGKFIQRDTLHKGKEFEVPLIRIGFPIFDRHHLH
RSTTLGYEGAMQILTTLVNSILERLDEETRGMQATDYNHDLVR
;
B,D
#
loop_
_chem_comp.id
_chem_comp.type
_chem_comp.name
_chem_comp.formula
CLF non-polymer 'FE(8)-S(7) CLUSTER' 'Fe8 S7'
FE non-polymer 'FE (III) ION' 'Fe 3'
ICS non-polymer 'iron-sulfur-molybdenum cluster with interstitial carbon' 'C Fe7 Mo S9'
#
# COMPACT_ATOMS: atom_id res chain seq x y z
N LYS A 51 -42.74 -13.21 15.89
CA LYS A 51 -42.52 -11.94 15.21
C LYS A 51 -41.66 -11.01 16.05
N SER A 52 -40.73 -10.32 15.41
CA SER A 52 -39.85 -9.39 16.12
C SER A 52 -40.65 -8.21 16.67
N GLN A 53 -40.27 -7.79 17.87
CA GLN A 53 -40.84 -6.57 18.44
C GLN A 53 -40.40 -5.38 17.60
N PRO A 54 -41.31 -4.53 17.15
CA PRO A 54 -40.89 -3.35 16.38
C PRO A 54 -39.96 -2.45 17.17
N GLY A 55 -38.95 -1.92 16.49
CA GLY A 55 -38.03 -0.96 17.07
C GLY A 55 -37.05 -1.49 18.10
N LEU A 56 -36.55 -2.72 17.92
CA LEU A 56 -35.64 -3.25 18.94
C LEU A 56 -34.30 -3.75 18.40
N MET A 57 -33.84 -3.28 17.24
CA MET A 57 -32.44 -3.49 16.82
C MET A 57 -32.04 -4.97 16.82
N THR A 58 -32.84 -5.79 16.16
CA THR A 58 -32.42 -7.16 15.94
C THR A 58 -31.51 -7.26 14.72
N ILE A 59 -31.01 -8.48 14.48
CA ILE A 59 -30.13 -8.76 13.35
C ILE A 59 -30.77 -9.71 12.35
N ARG A 60 -32.01 -10.13 12.59
CA ARG A 60 -32.71 -11.07 11.74
C ARG A 60 -32.78 -10.54 10.32
N GLY A 61 -32.58 -11.42 9.35
CA GLY A 61 -32.80 -11.07 7.96
C GLY A 61 -34.23 -11.28 7.53
N CYS A 62 -34.45 -11.15 6.23
CA CYS A 62 -35.76 -11.30 5.61
C CYS A 62 -35.85 -12.61 4.85
N ALA A 63 -37.00 -12.78 4.19
CA ALA A 63 -37.21 -13.96 3.37
C ALA A 63 -36.28 -13.96 2.17
N TYR A 64 -36.00 -12.78 1.62
CA TYR A 64 -35.08 -12.68 0.49
C TYR A 64 -33.67 -13.12 0.90
N ALA A 65 -33.24 -12.72 2.09
CA ALA A 65 -31.94 -13.15 2.60
C ALA A 65 -31.91 -14.66 2.76
N GLY A 66 -33.00 -15.24 3.28
CA GLY A 66 -33.05 -16.67 3.45
C GLY A 66 -33.06 -17.43 2.14
N SER A 67 -33.71 -16.88 1.12
CA SER A 67 -33.87 -17.56 -0.16
C SER A 67 -32.69 -17.24 -1.09
N LYS A 68 -32.48 -15.96 -1.38
CA LYS A 68 -31.41 -15.59 -2.30
C LYS A 68 -30.06 -15.76 -1.64
N GLY A 69 -29.92 -15.26 -0.41
CA GLY A 69 -28.62 -15.26 0.24
C GLY A 69 -28.15 -16.65 0.60
N VAL A 70 -29.05 -17.51 1.03
CA VAL A 70 -28.70 -18.79 1.63
C VAL A 70 -28.91 -19.96 0.67
N VAL A 71 -30.10 -20.09 0.09
CA VAL A 71 -30.43 -21.31 -0.66
C VAL A 71 -30.06 -21.17 -2.13
N TRP A 72 -30.66 -20.22 -2.83
CA TRP A 72 -30.45 -20.10 -4.28
C TRP A 72 -29.09 -19.52 -4.62
N GLY A 73 -28.63 -18.51 -3.86
CA GLY A 73 -27.45 -17.76 -4.22
C GLY A 73 -26.18 -18.58 -4.38
N PRO A 74 -25.88 -19.51 -3.47
CA PRO A 74 -24.68 -20.33 -3.64
C PRO A 74 -24.65 -21.16 -4.92
N ILE A 75 -25.78 -21.43 -5.58
CA ILE A 75 -25.72 -22.28 -6.76
C ILE A 75 -24.88 -21.55 -7.78
N LYS A 76 -23.92 -22.26 -8.38
CA LYS A 76 -22.90 -21.52 -9.11
C LYS A 76 -23.20 -21.34 -10.60
N ASP A 77 -23.80 -22.33 -11.24
CA ASP A 77 -23.97 -22.26 -12.69
C ASP A 77 -25.29 -21.60 -13.08
N MET A 78 -26.04 -21.10 -12.10
CA MET A 78 -27.29 -20.39 -12.32
C MET A 78 -27.07 -18.90 -12.08
N ILE A 79 -27.85 -18.09 -12.79
CA ILE A 79 -27.87 -16.64 -12.56
C ILE A 79 -29.07 -16.29 -11.73
N HIS A 80 -28.85 -15.61 -10.61
CA HIS A 80 -29.90 -15.24 -9.67
C HIS A 80 -30.18 -13.74 -9.82
N ILE A 81 -31.40 -13.40 -10.19
CA ILE A 81 -31.80 -12.01 -10.38
C ILE A 81 -32.47 -11.51 -9.11
N SER A 82 -31.87 -10.51 -8.49
CA SER A 82 -32.50 -9.81 -7.35
C SER A 82 -33.55 -8.87 -7.92
N HIS A 83 -34.77 -9.37 -8.06
CA HIS A 83 -35.83 -8.65 -8.77
C HIS A 83 -36.40 -7.57 -7.87
N GLY A 84 -36.20 -6.31 -8.26
CA GLY A 84 -36.69 -5.17 -7.51
C GLY A 84 -35.70 -4.04 -7.47
N PRO A 85 -35.80 -3.17 -6.47
CA PRO A 85 -34.83 -2.07 -6.33
C PRO A 85 -33.44 -2.56 -6.00
N VAL A 86 -32.48 -1.65 -6.16
CA VAL A 86 -31.07 -2.01 -6.19
C VAL A 86 -30.52 -2.48 -4.83
N GLY A 87 -31.14 -2.07 -3.73
CA GLY A 87 -30.51 -2.22 -2.43
C GLY A 87 -30.17 -3.66 -2.08
N CYS A 88 -31.14 -4.56 -2.18
CA CYS A 88 -31.01 -5.89 -1.58
C CYS A 88 -29.85 -6.66 -2.22
N GLY A 89 -29.79 -6.65 -3.55
CA GLY A 89 -28.72 -7.36 -4.24
C GLY A 89 -27.37 -6.78 -3.91
N GLN A 90 -27.29 -5.45 -3.78
CA GLN A 90 -26.00 -4.82 -3.49
C GLN A 90 -25.54 -5.22 -2.10
N TYR A 91 -26.43 -5.20 -1.11
CA TYR A 91 -26.00 -5.50 0.25
C TYR A 91 -25.68 -6.98 0.39
N SER A 92 -26.33 -7.83 -0.39
CA SER A 92 -26.11 -9.27 -0.29
C SER A 92 -24.99 -9.76 -1.21
N ARG A 93 -24.41 -8.89 -2.04
CA ARG A 93 -23.46 -9.35 -3.04
C ARG A 93 -22.18 -9.84 -2.36
N ALA A 94 -21.84 -11.11 -2.58
CA ALA A 94 -20.60 -11.71 -2.11
C ALA A 94 -20.46 -11.57 -0.60
N GLY A 95 -21.58 -11.45 0.11
CA GLY A 95 -21.58 -11.22 1.53
C GLY A 95 -21.49 -12.49 2.34
N ARG A 96 -21.79 -13.62 1.72
CA ARG A 96 -21.65 -14.91 2.36
C ARG A 96 -20.55 -15.69 1.66
N ARG A 97 -19.68 -16.32 2.46
CA ARG A 97 -18.53 -17.04 1.91
C ARG A 97 -18.89 -18.46 1.50
N ASN A 98 -19.86 -18.57 0.60
CA ASN A 98 -20.27 -19.86 0.05
C ASN A 98 -19.31 -20.21 -1.09
N TYR A 99 -18.26 -20.96 -0.75
CA TYR A 99 -17.16 -21.20 -1.66
C TYR A 99 -17.57 -22.10 -2.82
N TYR A 100 -17.02 -21.81 -4.00
CA TYR A 100 -17.32 -22.57 -5.21
C TYR A 100 -16.09 -22.54 -6.12
N ILE A 101 -16.09 -23.46 -7.08
CA ILE A 101 -15.07 -23.50 -8.13
C ILE A 101 -15.73 -23.13 -9.44
N GLY A 102 -15.19 -22.13 -10.12
CA GLY A 102 -15.69 -21.78 -11.44
C GLY A 102 -15.04 -20.52 -11.96
N THR A 103 -15.41 -20.19 -13.18
CA THR A 103 -14.94 -18.98 -13.87
C THR A 103 -16.03 -17.94 -13.74
N THR A 104 -15.86 -17.00 -12.82
CA THR A 104 -16.93 -16.07 -12.49
C THR A 104 -17.20 -15.17 -13.69
N GLY A 105 -18.49 -15.05 -14.03
CA GLY A 105 -18.90 -14.26 -15.16
C GLY A 105 -18.96 -15.02 -16.47
N VAL A 106 -18.55 -16.29 -16.47
CA VAL A 106 -18.55 -17.09 -17.68
C VAL A 106 -19.43 -18.32 -17.45
N ASN A 107 -19.04 -19.17 -16.50
CA ASN A 107 -19.82 -20.36 -16.18
C ASN A 107 -20.27 -20.37 -14.73
N ALA A 108 -19.85 -19.41 -13.92
CA ALA A 108 -20.23 -19.32 -12.52
C ALA A 108 -20.56 -17.86 -12.23
N PHE A 109 -21.48 -17.63 -11.29
CA PHE A 109 -22.02 -16.29 -11.11
C PHE A 109 -22.25 -15.91 -9.66
N VAL A 110 -21.63 -16.62 -8.71
CA VAL A 110 -22.04 -16.54 -7.31
C VAL A 110 -21.80 -15.14 -6.75
N THR A 111 -20.61 -14.59 -7.01
CA THR A 111 -20.22 -13.34 -6.37
C THR A 111 -20.74 -12.12 -7.10
N MET A 112 -21.43 -12.30 -8.22
CA MET A 112 -21.97 -11.21 -9.00
C MET A 112 -23.35 -10.81 -8.48
N ASN A 113 -23.75 -9.58 -8.79
CA ASN A 113 -25.07 -9.07 -8.42
C ASN A 113 -25.85 -8.76 -9.68
N PHE A 114 -26.84 -9.60 -9.99
CA PHE A 114 -27.77 -9.36 -11.07
C PHE A 114 -29.04 -8.80 -10.48
N THR A 115 -29.52 -7.68 -11.03
CA THR A 115 -30.71 -7.04 -10.50
C THR A 115 -31.48 -6.37 -11.62
N SER A 116 -32.79 -6.23 -11.39
CA SER A 116 -33.64 -5.46 -12.30
C SER A 116 -33.56 -3.97 -12.02
N ASP A 117 -33.03 -3.57 -10.87
CA ASP A 117 -32.77 -2.17 -10.53
C ASP A 117 -34.03 -1.31 -10.72
N PHE A 118 -35.07 -1.66 -9.97
CA PHE A 118 -36.38 -1.05 -10.16
C PHE A 118 -36.31 0.45 -9.95
N GLN A 119 -36.90 1.19 -10.87
CA GLN A 119 -37.13 2.62 -10.77
C GLN A 119 -38.60 2.89 -10.50
N GLU A 120 -38.94 4.18 -10.43
CA GLU A 120 -40.31 4.59 -10.15
C GLU A 120 -41.28 4.04 -11.19
N LYS A 121 -40.93 4.14 -12.48
CA LYS A 121 -41.78 3.61 -13.53
C LYS A 121 -42.06 2.12 -13.32
N ASP A 122 -41.07 1.35 -12.88
CA ASP A 122 -41.26 -0.07 -12.66
C ASP A 122 -42.26 -0.32 -11.53
N ILE A 123 -42.21 0.51 -10.48
CA ILE A 123 -43.14 0.37 -9.38
C ILE A 123 -44.56 0.69 -9.85
N VAL A 124 -44.71 1.79 -10.60
CA VAL A 124 -46.03 2.27 -10.96
C VAL A 124 -46.68 1.35 -11.99
N PHE A 125 -45.93 0.95 -13.01
CA PHE A 125 -46.47 0.23 -14.16
C PHE A 125 -46.13 -1.24 -14.17
N GLY A 126 -45.49 -1.75 -13.13
CA GLY A 126 -45.10 -3.15 -13.05
C GLY A 126 -43.79 -3.45 -13.74
N GLY A 127 -43.22 -4.59 -13.39
CA GLY A 127 -41.90 -4.97 -13.88
C GLY A 127 -41.83 -6.27 -14.65
N ASP A 128 -42.98 -6.76 -15.14
CA ASP A 128 -42.97 -8.03 -15.88
C ASP A 128 -42.29 -7.89 -17.23
N LYS A 129 -42.57 -6.80 -17.96
CA LYS A 129 -41.92 -6.59 -19.25
C LYS A 129 -40.43 -6.39 -19.06
N LYS A 130 -40.06 -5.63 -18.03
CA LYS A 130 -38.64 -5.43 -17.74
C LYS A 130 -38.00 -6.77 -17.40
N LEU A 131 -38.71 -7.63 -16.69
CA LEU A 131 -38.15 -8.94 -16.31
C LEU A 131 -37.92 -9.80 -17.55
N ALA A 132 -38.86 -9.78 -18.49
CA ALA A 132 -38.68 -10.56 -19.72
C ALA A 132 -37.49 -10.03 -20.51
N LYS A 133 -37.37 -8.71 -20.62
CA LYS A 133 -36.26 -8.12 -21.36
C LYS A 133 -34.96 -8.46 -20.67
N LEU A 134 -34.98 -8.46 -19.32
CA LEU A 134 -33.77 -8.76 -18.56
C LEU A 134 -33.34 -10.18 -18.81
N ILE A 135 -34.30 -11.11 -18.87
CA ILE A 135 -33.97 -12.52 -19.12
C ILE A 135 -33.33 -12.64 -20.51
N ASP A 136 -33.87 -11.93 -21.50
CA ASP A 136 -33.26 -11.94 -22.83
C ASP A 136 -31.82 -11.42 -22.78
N GLU A 137 -31.60 -10.32 -22.05
CA GLU A 137 -30.26 -9.76 -21.97
C GLU A 137 -29.31 -10.70 -21.25
N VAL A 138 -29.80 -11.40 -20.22
CA VAL A 138 -28.98 -12.38 -19.50
C VAL A 138 -28.56 -13.48 -20.47
N GLU A 139 -29.51 -13.96 -21.27
CA GLU A 139 -29.20 -15.00 -22.25
C GLU A 139 -28.13 -14.52 -23.22
N THR A 140 -28.24 -13.27 -23.67
CA THR A 140 -27.27 -12.75 -24.63
C THR A 140 -25.87 -12.64 -24.02
N LEU A 141 -25.77 -12.09 -22.81
CA LEU A 141 -24.46 -11.72 -22.28
C LEU A 141 -23.79 -12.81 -21.47
N PHE A 142 -24.54 -13.80 -20.99
CA PHE A 142 -24.01 -14.89 -20.19
C PHE A 142 -24.53 -16.20 -20.76
N PRO A 143 -24.07 -16.58 -21.96
CA PRO A 143 -24.65 -17.76 -22.63
C PRO A 143 -24.37 -19.08 -21.96
N LEU A 144 -23.40 -19.17 -21.05
CA LEU A 144 -23.09 -20.43 -20.41
C LEU A 144 -23.85 -20.64 -19.11
N ASN A 145 -24.78 -19.75 -18.77
CA ASN A 145 -25.59 -19.98 -17.58
C ASN A 145 -26.48 -21.19 -17.82
N LYS A 146 -26.69 -21.97 -16.77
CA LYS A 146 -27.49 -23.19 -16.89
C LYS A 146 -28.88 -23.05 -16.27
N GLY A 147 -29.31 -21.83 -16.01
CA GLY A 147 -30.59 -21.58 -15.38
C GLY A 147 -30.61 -20.23 -14.73
N ILE A 148 -31.82 -19.71 -14.54
CA ILE A 148 -32.04 -18.41 -13.94
C ILE A 148 -33.05 -18.55 -12.82
N SER A 149 -32.76 -17.93 -11.68
CA SER A 149 -33.74 -17.77 -10.61
C SER A 149 -34.11 -16.30 -10.54
N VAL A 150 -35.36 -16.04 -10.17
CA VAL A 150 -35.88 -14.69 -9.99
C VAL A 150 -36.28 -14.57 -8.52
N GLN A 151 -35.45 -13.92 -7.71
CA GLN A 151 -35.72 -13.78 -6.29
C GLN A 151 -36.45 -12.46 -6.06
N SER A 152 -37.72 -12.54 -5.64
CA SER A 152 -38.52 -11.34 -5.48
C SER A 152 -38.08 -10.56 -4.25
N GLU A 153 -37.90 -9.26 -4.42
CA GLU A 153 -37.76 -8.35 -3.31
C GLU A 153 -39.13 -7.83 -2.91
N CYS A 154 -39.18 -7.00 -1.86
CA CYS A 154 -40.45 -6.52 -1.30
C CYS A 154 -41.43 -5.97 -2.33
N PRO A 155 -41.07 -5.01 -3.20
CA PRO A 155 -42.09 -4.39 -4.05
C PRO A 155 -42.75 -5.37 -4.97
N ILE A 156 -42.11 -6.49 -5.25
CA ILE A 156 -42.62 -7.43 -6.24
C ILE A 156 -43.95 -7.97 -5.74
N GLY A 157 -44.03 -8.27 -4.44
CA GLY A 157 -45.25 -8.81 -3.89
C GLY A 157 -46.34 -7.79 -3.64
N LEU A 158 -46.05 -6.50 -3.78
CA LEU A 158 -47.00 -5.46 -3.45
C LEU A 158 -47.60 -4.76 -4.66
N ILE A 159 -46.96 -4.85 -5.82
CA ILE A 159 -47.42 -4.17 -7.03
C ILE A 159 -48.15 -5.12 -7.97
N GLY A 160 -48.35 -6.38 -7.56
CA GLY A 160 -49.10 -7.33 -8.35
C GLY A 160 -48.37 -7.85 -9.58
N ASP A 161 -47.04 -7.87 -9.54
CA ASP A 161 -46.26 -8.48 -10.60
C ASP A 161 -46.46 -9.99 -10.61
N ASP A 162 -46.55 -10.57 -11.80
CA ASP A 162 -46.71 -12.01 -11.98
C ASP A 162 -45.41 -12.58 -12.56
N ILE A 163 -44.46 -12.91 -11.68
CA ILE A 163 -43.18 -13.42 -12.13
C ILE A 163 -43.33 -14.86 -12.60
N GLU A 164 -44.34 -15.58 -12.09
CA GLU A 164 -44.53 -16.99 -12.48
C GLU A 164 -44.85 -17.09 -13.97
N SER A 165 -45.74 -16.24 -14.47
CA SER A 165 -46.11 -16.29 -15.88
C SER A 165 -44.90 -15.96 -16.75
N VAL A 166 -44.14 -14.92 -16.37
CA VAL A 166 -42.97 -14.53 -17.15
C VAL A 166 -41.96 -15.67 -17.15
N SER A 167 -41.75 -16.28 -15.98
CA SER A 167 -40.80 -17.37 -15.86
C SER A 167 -41.21 -18.53 -16.77
N LYS A 168 -42.48 -18.90 -16.74
CA LYS A 168 -42.96 -20.00 -17.57
C LYS A 168 -42.78 -19.69 -19.04
N VAL A 169 -43.17 -18.49 -19.47
CA VAL A 169 -43.13 -18.14 -20.87
C VAL A 169 -41.70 -18.11 -21.37
N LYS A 170 -40.81 -17.42 -20.64
CA LYS A 170 -39.43 -17.29 -21.07
C LYS A 170 -38.69 -18.62 -20.99
N GLY A 171 -39.01 -19.46 -19.99
CA GLY A 171 -38.41 -20.77 -19.89
C GLY A 171 -38.81 -21.65 -21.06
N ALA A 172 -40.09 -21.60 -21.44
CA ALA A 172 -40.54 -22.38 -22.59
C ALA A 172 -39.88 -21.87 -23.86
N GLU A 173 -39.74 -20.55 -23.98
CA GLU A 173 -39.19 -19.96 -25.20
C GLU A 173 -37.72 -20.30 -25.34
N LEU A 174 -36.96 -20.22 -24.25
CA LEU A 174 -35.51 -20.36 -24.30
C LEU A 174 -35.04 -21.76 -23.91
N SER A 175 -35.97 -22.67 -23.60
CA SER A 175 -35.63 -24.03 -23.16
C SER A 175 -34.71 -23.99 -21.94
N LYS A 176 -34.99 -23.09 -21.02
CA LYS A 176 -34.17 -22.86 -19.85
C LYS A 176 -35.02 -22.99 -18.59
N THR A 177 -34.41 -23.46 -17.51
CA THR A 177 -35.07 -23.50 -16.22
C THR A 177 -35.05 -22.10 -15.62
N ILE A 178 -36.21 -21.48 -15.51
CA ILE A 178 -36.36 -20.19 -14.83
C ILE A 178 -37.25 -20.43 -13.61
N VAL A 179 -36.69 -20.19 -12.43
CA VAL A 179 -37.36 -20.50 -11.17
C VAL A 179 -37.87 -19.19 -10.56
N PRO A 180 -39.18 -18.96 -10.52
CA PRO A 180 -39.70 -17.77 -9.81
C PRO A 180 -39.77 -18.06 -8.32
N VAL A 181 -39.10 -17.23 -7.52
CA VAL A 181 -39.14 -17.36 -6.07
C VAL A 181 -39.83 -16.13 -5.50
N ARG A 182 -40.95 -16.35 -4.82
CA ARG A 182 -41.73 -15.30 -4.17
C ARG A 182 -41.24 -15.15 -2.73
N CYS A 183 -40.03 -14.61 -2.62
CA CYS A 183 -39.33 -14.48 -1.34
C CYS A 183 -39.30 -13.05 -0.83
N GLU A 184 -40.39 -12.32 -1.04
CA GLU A 184 -40.42 -10.91 -0.71
C GLU A 184 -40.11 -10.72 0.78
N GLY A 185 -39.26 -9.75 1.06
CA GLY A 185 -38.68 -9.63 2.40
C GLY A 185 -39.70 -9.52 3.51
N PHE A 186 -40.84 -8.87 3.25
CA PHE A 186 -41.83 -8.69 4.31
C PHE A 186 -42.56 -9.96 4.68
N ARG A 187 -42.43 -11.03 3.88
CA ARG A 187 -43.08 -12.29 4.22
C ARG A 187 -42.43 -12.92 5.45
N GLY A 188 -43.26 -13.45 6.34
CA GLY A 188 -42.81 -14.14 7.52
C GLY A 188 -42.15 -13.18 8.50
N VAL A 189 -41.27 -13.73 9.33
CA VAL A 189 -40.72 -12.97 10.45
C VAL A 189 -39.20 -13.06 10.46
N SER A 190 -38.65 -13.98 9.68
CA SER A 190 -37.22 -14.24 9.70
C SER A 190 -36.82 -14.86 8.36
N GLN A 191 -35.53 -15.19 8.24
CA GLN A 191 -35.03 -15.91 7.07
C GLN A 191 -35.65 -17.31 6.94
N SER A 192 -36.31 -17.82 7.99
CA SER A 192 -36.77 -19.22 7.98
C SER A 192 -37.84 -19.41 6.93
N LEU A 193 -38.76 -18.45 6.79
CA LEU A 193 -39.77 -18.58 5.75
C LEU A 193 -39.12 -18.45 4.38
N GLY A 194 -38.06 -17.64 4.27
CA GLY A 194 -37.32 -17.58 3.03
C GLY A 194 -36.73 -18.92 2.66
N HIS A 195 -36.18 -19.63 3.66
CA HIS A 195 -35.71 -21.00 3.44
C HIS A 195 -36.85 -21.87 2.92
N HIS A 196 -38.01 -21.78 3.55
CA HIS A 196 -39.15 -22.60 3.16
C HIS A 196 -39.55 -22.32 1.71
N ILE A 197 -39.64 -21.03 1.36
CA ILE A 197 -40.06 -20.62 0.02
C ILE A 197 -39.05 -21.11 -1.00
N ALA A 198 -37.77 -20.95 -0.69
CA ALA A 198 -36.71 -21.36 -1.61
C ALA A 198 -36.75 -22.87 -1.82
N ASN A 199 -36.99 -23.63 -0.75
CA ASN A 199 -37.08 -25.08 -0.86
C ASN A 199 -38.28 -25.49 -1.71
N ASP A 200 -39.41 -24.80 -1.52
CA ASP A 200 -40.58 -25.09 -2.33
C ASP A 200 -40.30 -24.80 -3.81
N ALA A 201 -39.57 -23.72 -4.08
CA ALA A 201 -39.22 -23.40 -5.46
C ALA A 201 -38.32 -24.49 -6.04
N VAL A 202 -37.35 -24.96 -5.25
CA VAL A 202 -36.47 -26.04 -5.68
C VAL A 202 -37.31 -27.25 -6.05
N ARG A 203 -38.24 -27.62 -5.17
CA ARG A 203 -39.08 -28.79 -5.40
C ARG A 203 -39.91 -28.63 -6.66
N ASP A 204 -40.49 -27.45 -6.86
CA ASP A 204 -41.47 -27.27 -7.92
C ASP A 204 -40.81 -27.10 -9.29
N TRP A 205 -39.58 -26.61 -9.35
CA TRP A 205 -39.03 -26.19 -10.63
C TRP A 205 -37.76 -26.93 -11.06
N VAL A 206 -37.00 -27.50 -10.13
CA VAL A 206 -35.69 -28.08 -10.44
C VAL A 206 -35.63 -29.55 -10.06
N LEU A 207 -36.10 -29.89 -8.87
CA LEU A 207 -35.84 -31.21 -8.30
C LEU A 207 -36.43 -32.34 -9.14
N GLY A 208 -37.60 -32.12 -9.72
CA GLY A 208 -38.28 -33.14 -10.49
C GLY A 208 -37.95 -33.17 -11.96
N LYS A 209 -36.87 -32.49 -12.38
CA LYS A 209 -36.59 -32.35 -13.81
C LYS A 209 -36.21 -33.68 -14.45
N ARG A 210 -35.56 -34.57 -13.70
CA ARG A 210 -35.11 -35.85 -14.23
C ARG A 210 -35.94 -37.02 -13.68
N ASP A 211 -37.23 -36.78 -13.44
CA ASP A 211 -38.10 -37.82 -12.90
C ASP A 211 -38.23 -38.99 -13.87
N GLU A 212 -38.36 -38.69 -15.17
CA GLU A 212 -38.53 -39.72 -16.18
C GLU A 212 -37.21 -40.18 -16.76
N ASP A 213 -36.10 -39.59 -16.34
CA ASP A 213 -34.78 -39.90 -16.86
C ASP A 213 -34.18 -41.05 -16.05
N THR A 214 -33.67 -42.06 -16.76
CA THR A 214 -33.05 -43.21 -16.10
C THR A 214 -31.64 -43.48 -16.64
N THR A 215 -31.00 -42.47 -17.22
CA THR A 215 -29.68 -42.64 -17.82
C THR A 215 -28.54 -42.47 -16.82
N PHE A 216 -28.83 -42.00 -15.61
CA PHE A 216 -27.78 -41.82 -14.61
C PHE A 216 -27.43 -43.16 -13.99
N ALA A 217 -26.17 -43.56 -14.09
CA ALA A 217 -25.72 -44.81 -13.50
C ALA A 217 -25.59 -44.63 -12.00
N SER A 218 -26.39 -45.38 -11.25
CA SER A 218 -26.44 -45.26 -9.79
C SER A 218 -25.67 -46.41 -9.14
N THR A 219 -25.12 -46.12 -7.97
CA THR A 219 -24.40 -47.08 -7.14
C THR A 219 -25.06 -47.16 -5.77
N PRO A 220 -24.85 -48.26 -5.05
CA PRO A 220 -25.40 -48.35 -3.69
C PRO A 220 -24.83 -47.34 -2.71
N TYR A 221 -23.71 -46.68 -3.04
CA TYR A 221 -23.07 -45.74 -2.13
C TYR A 221 -23.31 -44.29 -2.54
N ASP A 222 -24.49 -44.00 -3.10
CA ASP A 222 -24.81 -42.66 -3.57
C ASP A 222 -25.44 -41.84 -2.45
N VAL A 223 -24.81 -40.70 -2.14
CA VAL A 223 -25.30 -39.78 -1.13
C VAL A 223 -25.37 -38.40 -1.76
N ALA A 224 -26.21 -37.56 -1.15
CA ALA A 224 -26.30 -36.15 -1.50
C ALA A 224 -26.04 -35.32 -0.25
N ILE A 225 -25.15 -34.34 -0.36
CA ILE A 225 -24.95 -33.36 0.70
C ILE A 225 -25.94 -32.23 0.51
N ILE A 226 -26.92 -32.17 1.40
CA ILE A 226 -28.00 -31.19 1.34
C ILE A 226 -27.77 -30.18 2.45
N GLY A 227 -27.91 -28.91 2.13
CA GLY A 227 -27.94 -27.87 3.13
C GLY A 227 -26.59 -27.50 3.70
N ASP A 228 -25.51 -27.85 3.02
CA ASP A 228 -24.18 -27.35 3.36
C ASP A 228 -23.89 -26.21 2.41
N TYR A 229 -23.63 -25.03 2.96
CA TYR A 229 -23.43 -23.86 2.15
C TYR A 229 -21.96 -23.58 1.88
N ASN A 230 -21.08 -24.51 2.28
CA ASN A 230 -19.66 -24.48 1.93
C ASN A 230 -19.00 -23.18 2.40
N ILE A 231 -19.29 -22.80 3.64
CA ILE A 231 -18.72 -21.59 4.20
C ILE A 231 -17.23 -21.83 4.45
N GLY A 232 -16.40 -21.06 3.77
CA GLY A 232 -14.96 -21.26 3.81
C GLY A 232 -14.55 -22.64 3.37
N GLY A 233 -15.35 -23.29 2.52
CA GLY A 233 -15.04 -24.63 2.06
C GLY A 233 -15.46 -25.72 3.01
N ASP A 234 -16.35 -25.43 3.96
CA ASP A 234 -16.76 -26.44 4.94
C ASP A 234 -17.30 -27.69 4.26
N ALA A 235 -18.11 -27.53 3.22
CA ALA A 235 -18.67 -28.69 2.53
C ALA A 235 -17.55 -29.51 1.90
N TRP A 236 -16.56 -28.85 1.31
CA TRP A 236 -15.46 -29.59 0.71
C TRP A 236 -14.75 -30.41 1.77
N SER A 237 -14.48 -29.80 2.94
CA SER A 237 -13.86 -30.53 4.03
C SER A 237 -14.71 -31.70 4.49
N SER A 238 -16.03 -31.57 4.35
CA SER A 238 -16.90 -32.70 4.67
C SER A 238 -16.83 -33.74 3.56
N ARG A 239 -16.89 -33.29 2.32
CA ARG A 239 -17.04 -34.21 1.18
C ARG A 239 -15.85 -35.16 1.10
N ILE A 240 -14.64 -34.63 1.33
CA ILE A 240 -13.43 -35.44 1.22
C ILE A 240 -13.50 -36.60 2.19
N LEU A 241 -14.08 -36.39 3.36
CA LEU A 241 -14.20 -37.51 4.31
C LEU A 241 -15.15 -38.56 3.77
N LEU A 242 -16.31 -38.13 3.24
CA LEU A 242 -17.31 -39.06 2.75
C LEU A 242 -16.77 -39.85 1.57
N GLU A 243 -16.00 -39.20 0.70
CA GLU A 243 -15.37 -39.90 -0.41
C GLU A 243 -14.34 -40.91 0.09
N GLU A 244 -13.60 -40.56 1.15
CA GLU A 244 -12.60 -41.47 1.68
C GLU A 244 -13.24 -42.67 2.34
N MET A 245 -14.51 -42.55 2.73
CA MET A 245 -15.29 -43.61 3.38
C MET A 245 -15.86 -44.60 2.36
N GLY A 246 -15.69 -44.33 1.07
CA GLY A 246 -16.19 -45.19 0.01
C GLY A 246 -17.43 -44.69 -0.68
N LEU A 247 -18.09 -43.67 -0.13
CA LEU A 247 -19.28 -43.12 -0.75
C LEU A 247 -18.88 -42.18 -1.88
N ARG A 248 -19.80 -41.97 -2.83
CA ARG A 248 -19.66 -40.91 -3.81
C ARG A 248 -20.77 -39.90 -3.60
N CYS A 249 -20.38 -38.64 -3.41
CA CYS A 249 -21.31 -37.53 -3.28
C CYS A 249 -21.79 -37.14 -4.67
N VAL A 250 -22.93 -37.68 -5.08
CA VAL A 250 -23.50 -37.33 -6.38
C VAL A 250 -23.94 -35.87 -6.38
N ALA A 251 -24.59 -35.43 -5.32
CA ALA A 251 -25.13 -34.09 -5.27
C ALA A 251 -24.58 -33.37 -4.04
N GLN A 252 -24.21 -32.11 -4.22
CA GLN A 252 -23.82 -31.24 -3.11
C GLN A 252 -24.35 -29.85 -3.42
N TRP A 253 -25.32 -29.39 -2.66
CA TRP A 253 -25.90 -28.07 -2.85
C TRP A 253 -26.42 -27.55 -1.51
N SER A 254 -26.46 -26.22 -1.38
CA SER A 254 -26.20 -25.23 -2.42
C SER A 254 -24.74 -24.81 -2.51
N GLY A 255 -23.98 -25.01 -1.43
CA GLY A 255 -22.59 -24.63 -1.42
C GLY A 255 -21.82 -25.36 -2.49
N ASP A 256 -21.19 -24.60 -3.41
CA ASP A 256 -20.50 -25.16 -4.57
C ASP A 256 -21.44 -26.04 -5.38
N GLY A 257 -22.72 -25.68 -5.40
CA GLY A 257 -23.73 -26.49 -6.04
C GLY A 257 -24.00 -26.09 -7.48
N SER A 258 -24.34 -27.08 -8.29
CA SER A 258 -24.76 -26.86 -9.66
C SER A 258 -26.20 -27.33 -9.81
N ILE A 259 -26.88 -26.82 -10.83
CA ILE A 259 -28.27 -27.19 -11.05
C ILE A 259 -28.38 -28.69 -11.36
N SER A 260 -27.38 -29.23 -12.06
CA SER A 260 -27.39 -30.65 -12.39
C SER A 260 -27.31 -31.49 -11.12
N GLU A 261 -26.56 -31.04 -10.12
CA GLU A 261 -26.47 -31.78 -8.87
C GLU A 261 -27.82 -31.81 -8.16
N ILE A 262 -28.54 -30.68 -8.21
CA ILE A 262 -29.87 -30.63 -7.62
C ILE A 262 -30.77 -31.61 -8.34
N GLU A 263 -30.67 -31.64 -9.67
CA GLU A 263 -31.52 -32.52 -10.46
C GLU A 263 -31.19 -33.99 -10.20
N LEU A 264 -29.92 -34.27 -9.88
CA LEU A 264 -29.49 -35.64 -9.62
C LEU A 264 -29.77 -36.08 -8.20
N THR A 265 -30.09 -35.15 -7.30
CA THR A 265 -30.34 -35.51 -5.91
C THR A 265 -31.37 -36.62 -5.73
N PRO A 266 -32.51 -36.66 -6.45
CA PRO A 266 -33.45 -37.77 -6.27
C PRO A 266 -32.93 -39.15 -6.67
N LYS A 267 -31.72 -39.22 -7.20
CA LYS A 267 -31.14 -40.50 -7.62
C LYS A 267 -30.22 -41.12 -6.59
N VAL A 268 -30.01 -40.47 -5.45
CA VAL A 268 -29.05 -40.95 -4.46
C VAL A 268 -29.72 -41.95 -3.51
N LYS A 269 -28.90 -42.65 -2.73
CA LYS A 269 -29.41 -43.59 -1.74
C LYS A 269 -29.64 -42.93 -0.40
N LEU A 270 -28.89 -41.88 -0.08
CA LEU A 270 -29.01 -41.25 1.23
C LEU A 270 -28.88 -39.75 1.08
N ASN A 271 -29.61 -39.00 1.92
CA ASN A 271 -29.52 -37.55 1.93
C ASN A 271 -28.91 -37.12 3.26
N LEU A 272 -27.67 -36.64 3.21
CA LEU A 272 -26.99 -36.15 4.41
C LEU A 272 -27.24 -34.66 4.51
N VAL A 273 -28.03 -34.26 5.48
CA VAL A 273 -28.44 -32.87 5.66
C VAL A 273 -27.57 -32.23 6.74
N HIS A 274 -26.96 -31.11 6.41
CA HIS A 274 -26.15 -30.37 7.37
C HIS A 274 -27.04 -29.40 8.13
N CYS A 275 -27.61 -28.44 7.41
CA CYS A 275 -28.52 -27.46 8.00
C CYS A 275 -29.95 -27.98 7.93
N TYR A 276 -30.41 -28.59 9.02
CA TYR A 276 -31.77 -29.11 9.06
C TYR A 276 -32.79 -27.98 8.92
N ARG A 277 -32.55 -26.86 9.60
CA ARG A 277 -33.56 -25.77 9.61
C ARG A 277 -33.89 -25.29 8.21
N SER A 278 -32.89 -25.13 7.37
CA SER A 278 -33.12 -24.48 6.09
C SER A 278 -33.54 -25.46 5.00
N MET A 279 -33.32 -26.77 5.17
CA MET A 279 -33.56 -27.73 4.09
C MET A 279 -34.36 -28.95 4.53
N ASN A 280 -35.00 -28.88 5.71
CA ASN A 280 -35.82 -30.00 6.16
C ASN A 280 -37.04 -30.19 5.26
N TYR A 281 -37.56 -29.11 4.70
CA TYR A 281 -38.74 -29.22 3.85
C TYR A 281 -38.43 -30.09 2.64
N ILE A 282 -37.36 -29.76 1.92
CA ILE A 282 -36.99 -30.50 0.72
C ILE A 282 -36.60 -31.92 1.10
N SER A 283 -35.98 -32.08 2.27
CA SER A 283 -35.52 -33.42 2.65
C SER A 283 -36.72 -34.32 2.89
N ARG A 284 -37.75 -33.81 3.58
CA ARG A 284 -38.94 -34.61 3.83
C ARG A 284 -39.68 -34.86 2.54
N HIS A 285 -39.69 -33.88 1.63
CA HIS A 285 -40.36 -34.09 0.34
C HIS A 285 -39.70 -35.25 -0.40
N MET A 286 -38.37 -35.29 -0.42
CA MET A 286 -37.71 -36.34 -1.18
C MET A 286 -37.87 -37.69 -0.49
N GLU A 287 -37.96 -37.69 0.84
CA GLU A 287 -38.25 -38.94 1.54
C GLU A 287 -39.64 -39.43 1.16
N GLU A 288 -40.63 -38.54 1.13
CA GLU A 288 -42.01 -38.94 0.89
C GLU A 288 -42.20 -39.39 -0.56
N LYS A 289 -41.58 -38.67 -1.50
CA LYS A 289 -41.81 -38.92 -2.93
C LYS A 289 -40.91 -40.04 -3.44
N TYR A 290 -39.60 -39.89 -3.30
CA TYR A 290 -38.66 -40.83 -3.90
C TYR A 290 -38.22 -41.92 -2.95
N GLY A 291 -38.67 -41.89 -1.70
CA GLY A 291 -38.28 -42.89 -0.73
C GLY A 291 -36.83 -42.85 -0.31
N ILE A 292 -36.19 -41.69 -0.41
CA ILE A 292 -34.79 -41.55 -0.03
C ILE A 292 -34.71 -41.22 1.46
N PRO A 293 -34.06 -42.04 2.27
CA PRO A 293 -33.87 -41.68 3.67
C PRO A 293 -32.93 -40.50 3.80
N TRP A 294 -33.13 -39.73 4.86
CA TRP A 294 -32.26 -38.59 5.14
C TRP A 294 -31.85 -38.61 6.61
N MET A 295 -30.66 -38.05 6.87
CA MET A 295 -30.15 -37.98 8.23
C MET A 295 -29.28 -36.74 8.38
N GLU A 296 -29.21 -36.24 9.60
CA GLU A 296 -28.34 -35.13 9.93
C GLU A 296 -26.93 -35.63 10.24
N TYR A 297 -25.94 -34.87 9.80
CA TYR A 297 -24.55 -35.15 10.10
C TYR A 297 -23.89 -33.90 10.69
N ASN A 298 -22.99 -34.13 11.65
CA ASN A 298 -22.29 -33.06 12.34
C ASN A 298 -20.80 -33.35 12.27
N PHE A 299 -20.08 -32.51 11.52
CA PHE A 299 -18.63 -32.67 11.33
C PHE A 299 -17.86 -31.57 12.04
N PHE A 300 -18.37 -31.08 13.17
CA PHE A 300 -17.72 -30.00 13.92
C PHE A 300 -16.93 -30.63 15.07
N GLY A 301 -15.60 -30.73 14.87
CA GLY A 301 -14.72 -31.31 15.86
C GLY A 301 -14.59 -32.80 15.69
N PRO A 302 -13.47 -33.36 16.18
CA PRO A 302 -13.20 -34.79 15.97
C PRO A 302 -14.28 -35.72 16.53
N THR A 303 -14.84 -35.40 17.69
CA THR A 303 -15.81 -36.30 18.30
C THR A 303 -17.06 -36.39 17.46
N LYS A 304 -17.63 -35.22 17.11
CA LYS A 304 -18.83 -35.19 16.30
C LYS A 304 -18.58 -35.79 14.93
N THR A 305 -17.40 -35.50 14.36
CA THR A 305 -17.07 -36.03 13.04
C THR A 305 -17.02 -37.55 13.06
N ILE A 306 -16.35 -38.13 14.07
CA ILE A 306 -16.24 -39.58 14.16
C ILE A 306 -17.61 -40.20 14.35
N GLU A 307 -18.42 -39.63 15.25
CA GLU A 307 -19.74 -40.19 15.51
C GLU A 307 -20.62 -40.12 14.27
N SER A 308 -20.58 -38.99 13.56
CA SER A 308 -21.37 -38.83 12.35
C SER A 308 -20.90 -39.81 11.27
N LEU A 309 -19.58 -39.97 11.13
CA LEU A 309 -19.06 -40.86 10.10
C LEU A 309 -19.53 -42.29 10.37
N ARG A 310 -19.47 -42.71 11.63
CA ARG A 310 -19.91 -44.06 11.99
C ARG A 310 -21.41 -44.21 11.75
N ALA A 311 -22.19 -43.18 12.09
CA ALA A 311 -23.64 -43.24 11.89
C ALA A 311 -23.96 -43.36 10.41
N ILE A 312 -23.25 -42.60 9.57
CA ILE A 312 -23.50 -42.63 8.14
C ILE A 312 -23.10 -43.99 7.57
N ALA A 313 -21.94 -44.50 7.99
CA ALA A 313 -21.46 -45.78 7.49
C ALA A 313 -22.38 -46.92 7.92
N ALA A 314 -23.05 -46.76 9.06
CA ALA A 314 -23.97 -47.78 9.54
C ALA A 314 -25.17 -47.97 8.62
N LYS A 315 -25.41 -47.02 7.71
CA LYS A 315 -26.50 -47.10 6.75
C LYS A 315 -26.11 -47.86 5.50
N PHE A 316 -24.87 -48.35 5.42
CA PHE A 316 -24.39 -49.06 4.26
C PHE A 316 -23.84 -50.44 4.65
N ASP A 317 -23.16 -51.12 3.73
CA ASP A 317 -22.68 -52.48 3.95
C ASP A 317 -21.39 -52.48 4.76
N GLU A 318 -20.75 -53.65 4.88
CA GLU A 318 -19.58 -53.78 5.75
C GLU A 318 -18.37 -53.06 5.18
N SER A 319 -18.28 -52.96 3.85
CA SER A 319 -17.12 -52.33 3.22
C SER A 319 -17.03 -50.86 3.60
N ILE A 320 -18.16 -50.17 3.62
CA ILE A 320 -18.18 -48.76 3.97
C ILE A 320 -17.81 -48.57 5.43
N GLN A 321 -18.28 -49.46 6.32
CA GLN A 321 -17.91 -49.36 7.73
C GLN A 321 -16.42 -49.58 7.93
N LYS A 322 -15.83 -50.54 7.21
CA LYS A 322 -14.39 -50.76 7.31
C LYS A 322 -13.63 -49.55 6.81
N LYS A 323 -14.07 -48.96 5.70
CA LYS A 323 -13.40 -47.77 5.19
C LYS A 323 -13.55 -46.61 6.15
N CYS A 324 -14.70 -46.53 6.85
CA CYS A 324 -14.91 -45.50 7.85
C CYS A 324 -13.90 -45.64 8.97
N GLU A 325 -13.70 -46.87 9.44
CA GLU A 325 -12.70 -47.11 10.48
C GLU A 325 -11.32 -46.71 9.98
N GLU A 326 -11.01 -47.00 8.72
CA GLU A 326 -9.72 -46.63 8.17
C GLU A 326 -9.55 -45.11 8.16
N VAL A 327 -10.59 -44.39 7.76
CA VAL A 327 -10.51 -42.93 7.72
C VAL A 327 -10.30 -42.36 9.11
N ILE A 328 -11.04 -42.89 10.09
CA ILE A 328 -10.92 -42.42 11.47
C ILE A 328 -9.50 -42.66 11.96
N ALA A 329 -8.97 -43.86 11.69
CA ALA A 329 -7.63 -44.19 12.13
C ALA A 329 -6.61 -43.25 11.46
N LYS A 330 -6.84 -42.93 10.18
CA LYS A 330 -5.89 -42.09 9.47
C LYS A 330 -5.85 -40.70 10.10
N TYR A 331 -7.01 -40.14 10.45
CA TYR A 331 -7.01 -38.76 10.91
C TYR A 331 -6.75 -38.63 12.40
N LYS A 332 -6.86 -39.71 13.17
CA LYS A 332 -6.63 -39.65 14.62
C LYS A 332 -5.36 -38.90 15.01
N PRO A 333 -4.17 -39.24 14.49
CA PRO A 333 -2.96 -38.50 14.88
C PRO A 333 -2.98 -37.02 14.54
N GLU A 334 -3.70 -36.61 13.50
CA GLU A 334 -3.74 -35.20 13.15
C GLU A 334 -4.55 -34.41 14.18
N TRP A 335 -5.77 -34.85 14.45
CA TRP A 335 -6.59 -34.06 15.36
C TRP A 335 -6.08 -34.23 16.78
N GLU A 336 -5.45 -35.37 17.08
CA GLU A 336 -4.80 -35.53 18.39
C GLU A 336 -3.67 -34.53 18.54
N ALA A 337 -2.87 -34.31 17.47
CA ALA A 337 -1.80 -33.32 17.55
C ALA A 337 -2.37 -31.93 17.73
N VAL A 338 -3.47 -31.63 17.04
CA VAL A 338 -4.13 -30.34 17.19
C VAL A 338 -4.57 -30.14 18.64
N VAL A 339 -5.19 -31.18 19.22
CA VAL A 339 -5.65 -31.09 20.60
C VAL A 339 -4.46 -30.90 21.53
N ALA A 340 -3.40 -31.68 21.33
CA ALA A 340 -2.21 -31.58 22.18
C ALA A 340 -1.64 -30.16 22.14
N LYS A 341 -1.69 -29.52 20.98
CA LYS A 341 -1.12 -28.19 20.87
C LYS A 341 -2.03 -27.14 21.50
N TYR A 342 -3.34 -27.21 21.25
CA TYR A 342 -4.20 -26.07 21.52
C TYR A 342 -5.05 -26.21 22.77
N ARG A 343 -5.34 -27.43 23.23
CA ARG A 343 -6.15 -27.59 24.43
C ARG A 343 -5.48 -26.94 25.63
N PRO A 344 -4.17 -27.07 25.87
CA PRO A 344 -3.56 -26.33 26.98
C PRO A 344 -3.77 -24.82 26.89
N ARG A 345 -3.86 -24.26 25.67
CA ARG A 345 -4.07 -22.84 25.54
C ARG A 345 -5.54 -22.44 25.68
N LEU A 346 -6.46 -23.40 25.61
CA LEU A 346 -7.88 -23.11 25.61
C LEU A 346 -8.64 -23.85 26.69
N GLU A 347 -7.99 -24.75 27.43
CA GLU A 347 -8.69 -25.54 28.43
C GLU A 347 -9.22 -24.63 29.53
N GLY A 348 -10.50 -24.78 29.84
CA GLY A 348 -11.15 -24.05 30.90
C GLY A 348 -11.81 -22.77 30.47
N LYS A 349 -11.54 -22.27 29.26
CA LYS A 349 -12.16 -21.04 28.81
C LYS A 349 -13.65 -21.29 28.60
N ARG A 350 -14.46 -20.29 28.92
CA ARG A 350 -15.91 -20.44 28.90
C ARG A 350 -16.51 -19.71 27.71
N VAL A 351 -17.25 -20.47 26.88
CA VAL A 351 -17.97 -19.95 25.73
C VAL A 351 -19.45 -19.97 26.05
N MET A 352 -20.18 -18.95 25.60
CA MET A 352 -21.61 -18.83 25.83
C MET A 352 -22.39 -19.41 24.65
N LEU A 353 -23.14 -20.48 24.89
CA LEU A 353 -23.95 -21.11 23.83
C LEU A 353 -23.11 -21.53 22.63
N HIS A 362 -24.61 -29.24 18.31
CA HIS A 362 -23.98 -29.06 17.02
C HIS A 362 -22.65 -28.34 17.23
N VAL A 363 -22.75 -27.14 17.81
CA VAL A 363 -21.60 -26.27 18.05
C VAL A 363 -20.75 -26.80 19.19
N ILE A 364 -21.39 -27.46 20.16
CA ILE A 364 -20.78 -27.89 21.41
C ILE A 364 -19.52 -28.74 21.18
N GLY A 365 -19.60 -29.70 20.25
CA GLY A 365 -18.55 -30.70 20.13
C GLY A 365 -17.14 -30.16 20.07
N ALA A 366 -16.86 -29.24 19.14
CA ALA A 366 -15.48 -28.83 18.96
C ALA A 366 -14.97 -28.12 20.21
N TYR A 367 -15.84 -27.33 20.86
CA TYR A 367 -15.42 -26.61 22.05
C TYR A 367 -15.02 -27.59 23.14
N GLU A 368 -15.80 -28.67 23.31
CA GLU A 368 -15.44 -29.64 24.33
C GLU A 368 -14.17 -30.38 23.93
N ASP A 369 -14.02 -30.70 22.65
CA ASP A 369 -12.81 -31.38 22.18
C ASP A 369 -11.56 -30.56 22.47
N LEU A 370 -11.69 -29.23 22.58
CA LEU A 370 -10.55 -28.38 22.90
C LEU A 370 -10.49 -28.05 24.38
N GLY A 371 -11.34 -28.67 25.18
CA GLY A 371 -11.34 -28.54 26.62
C GLY A 371 -12.06 -27.29 27.10
N MET A 372 -12.66 -26.54 26.19
CA MET A 372 -13.47 -25.38 26.54
C MET A 372 -14.79 -25.85 27.14
N GLU A 373 -15.37 -25.04 28.00
CA GLU A 373 -16.67 -25.34 28.58
C GLU A 373 -17.70 -24.37 28.03
N VAL A 374 -18.79 -24.92 27.50
CA VAL A 374 -19.93 -24.12 27.07
C VAL A 374 -20.83 -23.93 28.28
N VAL A 375 -21.11 -22.67 28.62
CA VAL A 375 -21.81 -22.32 29.84
C VAL A 375 -23.26 -21.96 29.53
N GLY A 376 -23.50 -21.38 28.37
CA GLY A 376 -24.80 -20.84 28.02
C GLY A 376 -25.44 -19.97 29.07
N GLU A 410 -27.81 -8.28 29.75
CA GLU A 410 -26.61 -7.45 29.82
C GLU A 410 -25.77 -7.81 31.04
N GLU A 411 -26.35 -7.81 32.23
CA GLU A 411 -25.61 -8.19 33.43
C GLU A 411 -25.39 -9.70 33.47
N PHE A 412 -25.98 -10.42 32.53
CA PHE A 412 -25.66 -11.84 32.36
C PHE A 412 -24.19 -11.99 31.96
N VAL A 413 -23.71 -11.15 31.05
CA VAL A 413 -22.34 -11.33 30.57
C VAL A 413 -21.37 -11.01 31.72
N LYS A 414 -21.69 -10.00 32.52
CA LYS A 414 -20.83 -9.64 33.64
C LYS A 414 -20.91 -10.66 34.77
N ARG A 415 -21.97 -11.46 34.82
CA ARG A 415 -22.18 -12.42 35.89
C ARG A 415 -21.53 -13.75 35.51
N ILE A 416 -21.84 -14.22 34.31
CA ILE A 416 -21.35 -15.49 33.80
C ILE A 416 -19.90 -15.34 33.34
N LYS A 417 -19.47 -14.13 33.02
CA LYS A 417 -18.09 -13.81 32.68
C LYS A 417 -17.54 -14.72 31.58
N PRO A 418 -18.15 -14.73 30.40
CA PRO A 418 -17.69 -15.61 29.34
C PRO A 418 -16.40 -15.11 28.73
N ASP A 419 -15.60 -16.05 28.23
CA ASP A 419 -14.41 -15.71 27.48
C ASP A 419 -14.73 -15.47 26.02
N LEU A 420 -15.57 -16.32 25.44
CA LEU A 420 -16.00 -16.20 24.05
C LEU A 420 -17.53 -16.16 24.04
N ILE A 421 -18.10 -15.21 23.31
CA ILE A 421 -19.55 -15.14 23.24
C ILE A 421 -20.09 -16.35 22.47
N GLY A 422 -19.45 -16.70 21.36
CA GLY A 422 -19.67 -18.00 20.73
C GLY A 422 -21.10 -18.41 20.48
N SER A 423 -21.97 -17.46 20.14
CA SER A 423 -23.39 -17.77 20.01
C SER A 423 -23.97 -17.30 18.68
N GLU A 427 -24.46 -9.65 16.61
CA GLU A 427 -24.06 -8.43 17.31
C GLU A 427 -22.59 -8.51 17.71
N LYS A 428 -21.72 -8.71 16.71
CA LYS A 428 -20.31 -9.00 16.99
C LYS A 428 -19.59 -7.78 17.53
N PHE A 429 -19.79 -6.63 16.90
CA PHE A 429 -19.03 -5.43 17.27
C PHE A 429 -19.46 -4.89 18.62
N ILE A 430 -20.71 -5.13 19.02
CA ILE A 430 -21.16 -4.68 20.33
C ILE A 430 -20.43 -5.47 21.40
N PHE A 431 -20.39 -6.80 21.25
CA PHE A 431 -19.72 -7.63 22.24
C PHE A 431 -18.23 -7.31 22.26
N GLN A 432 -17.66 -7.08 21.07
CA GLN A 432 -16.25 -6.72 20.95
C GLN A 432 -15.94 -5.42 21.67
N LYS A 433 -16.88 -4.47 21.63
CA LYS A 433 -16.69 -3.22 22.35
C LYS A 433 -16.75 -3.45 23.86
N MET A 434 -17.55 -4.42 24.29
CA MET A 434 -17.63 -4.80 25.68
C MET A 434 -16.42 -5.62 26.11
N GLY A 435 -15.54 -5.96 25.17
CA GLY A 435 -14.31 -6.66 25.48
C GLY A 435 -14.42 -8.16 25.50
N ILE A 436 -15.38 -8.73 24.80
CA ILE A 436 -15.58 -10.18 24.75
C ILE A 436 -15.51 -10.62 23.29
N PRO A 437 -14.66 -11.58 22.95
CA PRO A 437 -14.67 -12.13 21.59
C PRO A 437 -16.00 -12.80 21.24
N PHE A 438 -16.36 -12.72 19.95
CA PHE A 438 -17.57 -13.34 19.41
C PHE A 438 -17.25 -14.11 18.14
N ARG A 439 -17.20 -15.44 18.23
CA ARG A 439 -17.01 -16.29 17.06
C ARG A 439 -18.07 -17.39 17.07
N GLU A 440 -18.61 -17.70 15.89
CA GLU A 440 -19.59 -18.77 15.73
C GLU A 440 -18.91 -20.10 15.40
N MET A 441 -19.71 -21.12 15.08
CA MET A 441 -19.15 -22.41 14.70
C MET A 441 -18.83 -22.50 13.21
N HIS A 442 -19.40 -21.64 12.38
CA HIS A 442 -19.02 -21.59 10.98
C HIS A 442 -18.04 -20.43 10.90
N SER A 443 -17.06 -20.51 10.00
CA SER A 443 -16.15 -19.38 9.85
C SER A 443 -16.75 -18.35 8.90
N TRP A 444 -17.76 -17.64 9.42
CA TRP A 444 -18.51 -16.69 8.61
C TRP A 444 -17.68 -15.54 8.09
N ASP A 445 -16.79 -15.00 8.91
CA ASP A 445 -16.14 -13.75 8.52
C ASP A 445 -14.91 -13.89 7.63
N TYR A 446 -13.85 -14.55 8.11
CA TYR A 446 -12.62 -14.50 7.35
C TYR A 446 -11.86 -15.81 7.21
N SER A 447 -12.20 -16.86 7.95
CA SER A 447 -11.34 -18.04 7.98
C SER A 447 -12.07 -19.31 7.58
N GLY A 448 -11.50 -20.45 7.92
CA GLY A 448 -12.15 -21.71 7.71
C GLY A 448 -11.50 -22.55 6.63
N PRO A 449 -12.00 -23.78 6.44
CA PRO A 449 -13.23 -24.33 7.04
C PRO A 449 -13.07 -24.68 8.52
N TYR A 450 -14.19 -24.93 9.21
CA TYR A 450 -14.16 -25.40 10.59
C TYR A 450 -14.64 -26.84 10.73
N HIS A 451 -15.34 -27.35 9.73
CA HIS A 451 -15.91 -28.69 9.81
C HIS A 451 -14.91 -29.72 9.31
N GLY A 452 -15.07 -30.94 9.81
CA GLY A 452 -14.19 -32.03 9.44
C GLY A 452 -12.88 -31.96 10.19
N PHE A 453 -12.04 -32.96 9.91
CA PHE A 453 -10.75 -33.05 10.59
C PHE A 453 -9.85 -31.90 10.19
N ASP A 454 -9.86 -31.54 8.90
CA ASP A 454 -9.01 -30.44 8.45
C ASP A 454 -9.49 -29.13 9.04
N GLY A 455 -10.81 -28.97 9.16
CA GLY A 455 -11.37 -27.75 9.69
C GLY A 455 -11.15 -27.61 11.17
N PHE A 456 -10.99 -28.73 11.89
CA PHE A 456 -10.76 -28.66 13.33
C PHE A 456 -9.45 -27.95 13.65
N ALA A 457 -8.40 -28.20 12.86
CA ALA A 457 -7.12 -27.51 13.08
C ALA A 457 -7.28 -26.00 12.94
N ILE A 458 -7.98 -25.58 11.89
CA ILE A 458 -8.19 -24.15 11.65
C ILE A 458 -9.01 -23.56 12.79
N PHE A 459 -10.03 -24.29 13.22
CA PHE A 459 -10.91 -23.81 14.28
C PHE A 459 -10.11 -23.63 15.57
N ALA A 460 -9.28 -24.62 15.91
CA ALA A 460 -8.50 -24.55 17.14
C ALA A 460 -7.52 -23.38 17.09
N ARG A 461 -6.85 -23.21 15.95
CA ARG A 461 -5.90 -22.11 15.81
C ARG A 461 -6.62 -20.77 15.95
N ASP A 462 -7.79 -20.62 15.32
CA ASP A 462 -8.53 -19.37 15.39
C ASP A 462 -9.02 -19.10 16.81
N MET A 463 -9.49 -20.15 17.50
CA MET A 463 -9.94 -19.98 18.88
C MET A 463 -8.79 -19.50 19.76
N ASP A 464 -7.63 -20.14 19.61
CA ASP A 464 -6.48 -19.75 20.42
C ASP A 464 -6.07 -18.32 20.08
N MET A 465 -6.08 -17.99 18.79
CA MET A 465 -5.65 -16.68 18.33
C MET A 465 -6.53 -15.60 18.95
N THR A 466 -7.85 -15.78 18.88
CA THR A 466 -8.76 -14.73 19.30
C THR A 466 -8.86 -14.65 20.81
N LEU A 467 -8.90 -15.80 21.50
CA LEU A 467 -9.10 -15.79 22.94
C LEU A 467 -7.86 -15.31 23.67
N ASN A 468 -6.68 -15.64 23.15
CA ASN A 468 -5.43 -15.36 23.85
C ASN A 468 -4.69 -14.15 23.26
N ASN A 469 -5.34 -13.40 22.38
CA ASN A 469 -4.71 -12.23 21.80
C ASN A 469 -4.49 -11.16 22.88
N PRO A 470 -3.33 -10.51 22.89
CA PRO A 470 -3.10 -9.43 23.88
C PRO A 470 -4.00 -8.21 23.69
N CYS A 471 -4.65 -8.05 22.53
CA CYS A 471 -5.55 -6.90 22.33
C CYS A 471 -6.65 -6.86 23.37
N TRP A 472 -7.10 -8.03 23.85
CA TRP A 472 -8.18 -8.04 24.83
C TRP A 472 -7.72 -7.60 26.21
N LYS A 473 -6.41 -7.55 26.45
CA LYS A 473 -5.88 -7.21 27.75
C LYS A 473 -5.45 -5.75 27.85
N LYS A 474 -5.78 -4.95 26.84
CA LYS A 474 -5.33 -3.56 26.77
C LYS A 474 -6.50 -2.58 26.80
N LEU A 475 -7.66 -3.02 27.28
CA LEU A 475 -8.83 -2.16 27.30
C LEU A 475 -8.70 -1.03 28.31
N GLN A 476 -8.03 -1.27 29.43
CA GLN A 476 -7.89 -0.29 30.50
C GLN A 476 -6.57 0.46 30.32
N ALA A 477 -6.64 1.78 30.18
CA ALA A 477 -5.45 2.60 30.19
C ALA A 477 -4.75 2.47 31.54
N PRO A 478 -3.41 2.37 31.57
CA PRO A 478 -2.72 2.21 32.86
C PRO A 478 -2.91 3.38 33.80
N TRP A 479 -3.29 4.55 33.31
CA TRP A 479 -3.55 5.70 34.17
C TRP A 479 -5.02 5.82 34.58
N GLU A 480 -5.87 4.89 34.14
CA GLU A 480 -7.28 4.94 34.49
C GLU A 480 -7.63 3.81 35.46
N SER B 2 -5.03 -34.04 6.71
CA SER B 2 -4.50 -33.19 5.65
C SER B 2 -3.99 -31.87 6.21
N GLN B 3 -3.75 -31.84 7.52
CA GLN B 3 -3.22 -30.67 8.20
C GLN B 3 -2.02 -31.09 9.03
N GLN B 4 -0.97 -30.28 8.99
CA GLN B 4 0.15 -30.42 9.92
C GLN B 4 -0.05 -29.42 11.05
N VAL B 5 -0.01 -29.93 12.28
CA VAL B 5 -0.31 -29.09 13.44
C VAL B 5 0.66 -27.94 13.57
N ASP B 6 1.89 -28.10 13.07
CA ASP B 6 2.86 -27.01 13.18
C ASP B 6 2.59 -25.89 12.18
N LYS B 7 2.15 -26.20 10.95
CA LYS B 7 1.90 -25.17 9.95
C LYS B 7 0.49 -25.41 9.38
N ILE B 8 -0.52 -24.95 10.10
CA ILE B 8 -1.93 -25.12 9.70
C ILE B 8 -2.28 -24.15 8.59
N LYS B 9 -2.89 -24.65 7.53
CA LYS B 9 -3.30 -23.86 6.37
C LYS B 9 -4.83 -23.69 6.38
N ALA B 10 -5.27 -22.48 6.09
CA ALA B 10 -6.69 -22.19 5.95
C ALA B 10 -7.13 -22.59 4.54
N SER B 11 -8.39 -22.27 4.18
CA SER B 11 -8.97 -22.70 2.91
C SER B 11 -7.98 -22.51 1.77
N TYR B 12 -7.38 -21.34 1.70
CA TYR B 12 -6.20 -21.17 0.86
C TYR B 12 -4.98 -21.25 1.76
N PRO B 13 -4.01 -22.09 1.46
CA PRO B 13 -3.95 -23.01 0.33
C PRO B 13 -4.33 -24.46 0.65
N LEU B 14 -5.18 -24.70 1.64
CA LEU B 14 -5.53 -26.07 2.00
C LEU B 14 -6.13 -26.81 0.81
N PHE B 15 -7.03 -26.16 0.10
CA PHE B 15 -7.76 -26.82 -0.98
C PHE B 15 -6.91 -27.01 -2.23
N LEU B 16 -5.68 -26.49 -2.24
CA LEU B 16 -4.74 -26.76 -3.32
C LEU B 16 -4.01 -28.08 -3.13
N ASP B 17 -4.22 -28.77 -2.01
CA ASP B 17 -3.60 -30.06 -1.78
C ASP B 17 -4.07 -31.05 -2.84
N GLN B 18 -3.27 -32.10 -3.05
CA GLN B 18 -3.57 -33.02 -4.14
C GLN B 18 -4.89 -33.74 -3.93
N ASP B 19 -5.16 -34.17 -2.69
CA ASP B 19 -6.38 -34.93 -2.44
C ASP B 19 -7.62 -34.07 -2.68
N TYR B 20 -7.59 -32.81 -2.23
CA TYR B 20 -8.71 -31.91 -2.47
C TYR B 20 -8.87 -31.62 -3.96
N LYS B 21 -7.74 -31.45 -4.66
CA LYS B 21 -7.79 -31.21 -6.10
C LYS B 21 -8.44 -32.39 -6.82
N ASP B 22 -8.06 -33.61 -6.44
CA ASP B 22 -8.63 -34.81 -7.05
C ASP B 22 -10.12 -34.92 -6.74
N MET B 23 -10.51 -34.62 -5.50
CA MET B 23 -11.91 -34.67 -5.12
C MET B 23 -12.73 -33.67 -5.93
N LEU B 24 -12.21 -32.46 -6.09
CA LEU B 24 -12.93 -31.43 -6.83
C LEU B 24 -13.04 -31.83 -8.30
N ALA B 25 -11.98 -32.41 -8.84
CA ALA B 25 -12.02 -32.86 -10.24
C ALA B 25 -13.07 -33.95 -10.42
N LYS B 26 -13.15 -34.89 -9.47
CA LYS B 26 -14.16 -35.95 -9.57
C LYS B 26 -15.55 -35.36 -9.50
N LYS B 27 -15.77 -34.41 -8.57
CA LYS B 27 -17.09 -33.78 -8.47
C LYS B 27 -17.46 -33.12 -9.79
N ARG B 28 -16.54 -32.32 -10.34
CA ARG B 28 -16.82 -31.57 -11.57
C ARG B 28 -17.11 -32.53 -12.72
N ASP B 29 -16.26 -33.57 -12.87
CA ASP B 29 -16.38 -34.44 -14.04
C ASP B 29 -17.61 -35.31 -13.95
N GLY B 30 -17.98 -35.73 -12.74
CA GLY B 30 -19.03 -36.71 -12.57
C GLY B 30 -20.40 -36.08 -12.57
N PHE B 31 -20.57 -34.96 -11.85
CA PHE B 31 -21.92 -34.51 -11.51
C PHE B 31 -22.23 -33.07 -11.88
N GLU B 32 -21.23 -32.23 -12.14
CA GLU B 32 -21.50 -30.81 -12.33
C GLU B 32 -21.96 -30.51 -13.75
N GLU B 33 -21.70 -31.41 -14.69
CA GLU B 33 -22.04 -31.24 -16.10
C GLU B 33 -21.51 -29.92 -16.63
N LYS B 34 -20.28 -29.61 -16.23
CA LYS B 34 -19.62 -28.36 -16.55
C LYS B 34 -19.32 -28.27 -18.04
N TYR B 35 -19.37 -27.05 -18.57
CA TYR B 35 -18.95 -26.85 -19.94
C TYR B 35 -17.46 -27.17 -20.06
N PRO B 36 -17.03 -27.67 -21.22
CA PRO B 36 -15.59 -27.93 -21.42
C PRO B 36 -14.76 -26.67 -21.24
N GLN B 37 -13.56 -26.85 -20.72
CA GLN B 37 -12.67 -25.73 -20.41
C GLN B 37 -12.38 -24.89 -21.65
N ASP B 38 -12.29 -25.53 -22.83
CA ASP B 38 -12.08 -24.76 -24.05
C ASP B 38 -13.26 -23.85 -24.34
N LYS B 39 -14.48 -24.32 -24.08
CA LYS B 39 -15.67 -23.49 -24.28
C LYS B 39 -15.66 -22.31 -23.29
N ILE B 40 -15.26 -22.57 -22.05
CA ILE B 40 -15.20 -21.51 -21.04
C ILE B 40 -14.18 -20.47 -21.46
N ASP B 41 -13.02 -20.92 -21.94
CA ASP B 41 -11.98 -20.01 -22.40
C ASP B 41 -12.48 -19.16 -23.56
N GLU B 42 -13.19 -19.79 -24.50
CA GLU B 42 -13.71 -19.04 -25.65
C GLU B 42 -14.67 -17.96 -25.17
N VAL B 43 -15.59 -18.32 -24.27
CA VAL B 43 -16.59 -17.35 -23.82
C VAL B 43 -15.91 -16.22 -23.05
N PHE B 44 -14.94 -16.53 -22.18
CA PHE B 44 -14.22 -15.46 -21.48
C PHE B 44 -13.57 -14.51 -22.46
N GLN B 45 -12.83 -15.05 -23.44
CA GLN B 45 -12.16 -14.21 -24.41
C GLN B 45 -13.17 -13.34 -25.14
N TRP B 46 -14.33 -13.92 -25.48
CA TRP B 46 -15.38 -13.16 -26.14
C TRP B 46 -15.86 -12.02 -25.24
N THR B 47 -16.02 -12.29 -23.94
CA THR B 47 -16.44 -11.26 -23.01
C THR B 47 -15.41 -10.14 -22.88
N THR B 48 -14.18 -10.39 -23.30
CA THR B 48 -13.17 -9.34 -23.26
C THR B 48 -13.11 -8.50 -24.54
N THR B 49 -13.97 -8.76 -25.52
CA THR B 49 -13.86 -8.13 -26.83
C THR B 49 -14.75 -6.89 -26.98
N LYS B 50 -14.56 -6.21 -28.11
CA LYS B 50 -15.33 -5.01 -28.44
C LYS B 50 -16.78 -5.36 -28.78
N GLU B 51 -17.01 -6.52 -29.40
CA GLU B 51 -18.36 -6.94 -29.76
C GLU B 51 -19.18 -7.19 -28.51
N TYR B 52 -18.56 -7.84 -27.52
CA TYR B 52 -19.24 -8.04 -26.25
C TYR B 52 -19.53 -6.70 -25.60
N GLN B 53 -18.62 -5.75 -25.72
CA GLN B 53 -18.86 -4.44 -25.14
C GLN B 53 -20.08 -3.79 -25.78
N GLU B 54 -20.24 -3.92 -27.10
CA GLU B 54 -21.42 -3.34 -27.74
C GLU B 54 -22.70 -3.98 -27.19
N LEU B 55 -22.68 -5.32 -27.07
CA LEU B 55 -23.84 -6.01 -26.53
C LEU B 55 -24.09 -5.61 -25.08
N ASN B 56 -23.02 -5.46 -24.30
CA ASN B 56 -23.14 -5.09 -22.90
C ASN B 56 -23.75 -3.70 -22.76
N PHE B 57 -23.29 -2.76 -23.56
CA PHE B 57 -23.75 -1.39 -23.49
C PHE B 57 -25.12 -1.20 -24.11
N GLN B 58 -25.66 -2.22 -24.78
CA GLN B 58 -27.03 -2.14 -25.26
C GLN B 58 -28.03 -2.57 -24.20
N ARG B 59 -27.58 -2.95 -23.01
CA ARG B 59 -28.46 -3.35 -21.92
C ARG B 59 -29.41 -2.22 -21.54
N GLU B 60 -30.67 -2.57 -21.33
CA GLU B 60 -31.68 -1.62 -20.86
C GLU B 60 -32.51 -2.12 -19.70
N ALA B 61 -32.54 -3.43 -19.45
CA ALA B 61 -33.34 -4.01 -18.38
C ALA B 61 -32.50 -4.68 -17.31
N LEU B 62 -31.31 -5.16 -17.64
CA LEU B 62 -30.47 -5.91 -16.72
C LEU B 62 -29.37 -5.01 -16.17
N THR B 63 -29.19 -5.06 -14.86
CA THR B 63 -28.09 -4.40 -14.18
C THR B 63 -27.19 -5.48 -13.57
N VAL B 64 -25.89 -5.40 -13.84
CA VAL B 64 -24.92 -6.35 -13.33
C VAL B 64 -23.88 -5.58 -12.53
N ASN B 65 -23.70 -5.95 -11.26
CA ASN B 65 -22.69 -5.36 -10.39
C ASN B 65 -22.87 -3.84 -10.35
N PRO B 66 -23.96 -3.35 -9.75
CA PRO B 66 -24.15 -1.91 -9.65
C PRO B 66 -23.13 -1.26 -8.73
N ALA B 67 -22.97 0.05 -8.92
CA ALA B 67 -22.07 0.84 -8.10
C ALA B 67 -22.86 1.86 -7.30
N LYS B 68 -23.90 1.41 -6.60
CA LYS B 68 -24.76 2.28 -5.81
C LYS B 68 -25.62 1.43 -4.89
N ALA B 69 -26.17 2.07 -3.87
CA ALA B 69 -27.06 1.45 -2.89
C ALA B 69 -28.38 2.20 -2.91
N CYS B 70 -29.24 1.88 -1.94
CA CYS B 70 -30.59 2.45 -1.90
C CYS B 70 -30.68 3.54 -0.83
N GLN B 71 -31.70 4.39 -0.97
CA GLN B 71 -31.83 5.60 -0.16
C GLN B 71 -31.72 5.37 1.35
N PRO B 72 -32.45 4.43 1.96
CA PRO B 72 -32.43 4.35 3.43
C PRO B 72 -31.04 4.14 4.02
N LEU B 73 -30.09 3.57 3.27
CA LEU B 73 -28.72 3.48 3.78
C LEU B 73 -28.13 4.87 4.02
N GLY B 74 -28.32 5.77 3.04
CA GLY B 74 -27.88 7.14 3.23
C GLY B 74 -28.66 7.85 4.32
N ALA B 75 -29.95 7.54 4.43
CA ALA B 75 -30.75 8.12 5.50
C ALA B 75 -30.22 7.71 6.87
N VAL B 76 -29.83 6.45 7.00
CA VAL B 76 -29.27 5.94 8.25
C VAL B 76 -27.96 6.64 8.56
N LEU B 77 -27.10 6.76 7.54
CA LEU B 77 -25.81 7.41 7.78
C LEU B 77 -26.02 8.85 8.22
N CYS B 78 -26.94 9.56 7.58
CA CYS B 78 -27.23 10.94 7.97
C CYS B 78 -27.74 11.01 9.39
N ALA B 79 -28.66 10.11 9.75
CA ALA B 79 -29.25 10.13 11.08
C ALA B 79 -28.20 9.84 12.16
N LEU B 80 -27.22 8.98 11.84
CA LEU B 80 -26.20 8.64 12.82
C LEU B 80 -25.32 9.82 13.20
N GLY B 81 -25.33 10.89 12.40
CA GLY B 81 -24.51 12.05 12.65
C GLY B 81 -25.08 13.06 13.61
N PHE B 82 -26.22 12.76 14.25
CA PHE B 82 -26.85 13.66 15.21
C PHE B 82 -26.78 13.06 16.60
N GLU B 83 -26.75 13.95 17.60
CA GLU B 83 -26.50 13.54 18.98
C GLU B 83 -27.60 12.64 19.51
N LYS B 84 -27.19 11.47 20.01
CA LYS B 84 -28.08 10.49 20.65
C LYS B 84 -29.32 10.23 19.80
N THR B 85 -29.09 10.06 18.50
CA THR B 85 -30.16 9.85 17.55
C THR B 85 -30.16 8.39 17.12
N MET B 86 -31.33 7.76 17.18
CA MET B 86 -31.47 6.39 16.73
C MET B 86 -32.02 6.43 15.31
N PRO B 87 -31.30 5.95 14.31
CA PRO B 87 -31.92 5.78 12.99
C PRO B 87 -33.03 4.74 13.07
N TYR B 88 -34.16 5.09 12.46
CA TYR B 88 -35.36 4.27 12.49
C TYR B 88 -35.87 4.17 11.07
N VAL B 89 -35.95 2.96 10.54
CA VAL B 89 -36.42 2.75 9.19
C VAL B 89 -37.79 2.10 9.29
N HIS B 90 -38.82 2.82 8.86
CA HIS B 90 -40.18 2.31 8.85
C HIS B 90 -40.31 1.34 7.68
N GLY B 91 -40.45 0.07 7.97
CA GLY B 91 -40.57 -0.95 6.95
C GLY B 91 -40.10 -2.30 7.47
N SER B 92 -39.56 -3.10 6.56
CA SER B 92 -39.22 -4.48 6.85
C SER B 92 -37.83 -4.59 7.49
N GLN B 93 -37.67 -5.61 8.34
CA GLN B 93 -36.46 -5.77 9.14
C GLN B 93 -35.23 -6.14 8.30
N GLY B 94 -35.44 -6.88 7.20
CA GLY B 94 -34.31 -7.31 6.38
C GLY B 94 -33.47 -6.14 5.91
N CYS B 95 -34.14 -5.04 5.56
CA CYS B 95 -33.44 -3.85 5.10
C CYS B 95 -32.47 -3.36 6.16
N VAL B 96 -32.93 -3.27 7.41
CA VAL B 96 -32.11 -2.75 8.48
C VAL B 96 -30.95 -3.70 8.77
N ALA B 97 -31.21 -5.01 8.69
CA ALA B 97 -30.12 -5.97 8.85
C ALA B 97 -29.03 -5.71 7.81
N TYR B 98 -29.43 -5.51 6.56
CA TYR B 98 -28.45 -5.26 5.51
C TYR B 98 -27.71 -3.95 5.73
N PHE B 99 -28.44 -2.89 6.10
CA PHE B 99 -27.80 -1.59 6.30
C PHE B 99 -26.74 -1.70 7.38
N ARG B 100 -27.10 -2.33 8.50
CA ARG B 100 -26.17 -2.45 9.62
C ARG B 100 -24.96 -3.27 9.20
N SER B 101 -25.18 -4.38 8.49
CA SER B 101 -24.05 -5.21 8.07
C SER B 101 -23.13 -4.45 7.13
N TYR B 102 -23.68 -3.70 6.19
CA TYR B 102 -22.90 -2.95 5.22
C TYR B 102 -22.00 -1.94 5.93
N PHE B 103 -22.60 -1.19 6.85
CA PHE B 103 -21.81 -0.17 7.56
C PHE B 103 -20.82 -0.82 8.52
N ASN B 104 -21.19 -1.95 9.15
CA ASN B 104 -20.23 -2.62 10.03
C ASN B 104 -19.02 -3.07 9.23
N ARG B 105 -19.25 -3.59 8.02
CA ARG B 105 -18.15 -4.11 7.24
C ARG B 105 -17.25 -2.98 6.74
N HIS B 106 -17.82 -1.81 6.44
CA HIS B 106 -16.96 -0.73 5.99
C HIS B 106 -16.20 -0.10 7.14
N PHE B 107 -16.90 0.22 8.24
CA PHE B 107 -16.32 0.97 9.35
C PHE B 107 -15.68 0.09 10.41
N ARG B 108 -16.04 -1.20 10.44
CA ARG B 108 -15.60 -2.12 11.50
C ARG B 108 -15.94 -1.58 12.88
N GLU B 109 -17.17 -1.09 13.00
CA GLU B 109 -17.71 -0.50 14.21
C GLU B 109 -19.14 -0.99 14.37
N PRO B 110 -19.68 -0.97 15.59
CA PRO B 110 -21.13 -1.15 15.75
C PRO B 110 -21.87 -0.02 15.05
N VAL B 111 -23.00 -0.37 14.44
CA VAL B 111 -23.85 0.62 13.78
C VAL B 111 -25.27 0.43 14.30
N SER B 112 -25.84 1.47 14.89
CA SER B 112 -27.16 1.39 15.50
C SER B 112 -28.23 1.79 14.49
N CYS B 113 -29.25 0.95 14.36
CA CYS B 113 -30.40 1.21 13.51
C CYS B 113 -31.49 0.23 13.88
N VAL B 114 -32.74 0.71 13.92
CA VAL B 114 -33.85 -0.18 14.22
C VAL B 114 -34.86 -0.14 13.08
N SER B 115 -35.73 -1.17 13.08
CA SER B 115 -36.84 -1.28 12.17
C SER B 115 -38.10 -1.56 12.99
N ASP B 116 -39.26 -1.23 12.43
CA ASP B 116 -40.52 -1.58 13.09
C ASP B 116 -41.10 -2.88 12.56
N SER B 117 -40.35 -3.62 11.74
CA SER B 117 -40.65 -5.01 11.36
C SER B 117 -42.04 -5.15 10.72
N MET B 118 -42.25 -4.38 9.65
CA MET B 118 -43.50 -4.49 8.90
C MET B 118 -43.53 -5.81 8.14
N THR B 119 -44.57 -6.62 8.37
CA THR B 119 -44.75 -7.92 7.74
C THR B 119 -46.00 -7.96 6.87
N GLU B 120 -46.46 -9.16 6.51
CA GLU B 120 -47.59 -9.29 5.59
C GLU B 120 -48.84 -8.65 6.15
N ASP B 121 -48.98 -8.60 7.48
CA ASP B 121 -50.12 -7.90 8.07
C ASP B 121 -50.11 -6.44 7.66
N ALA B 122 -48.94 -5.80 7.71
CA ALA B 122 -48.83 -4.40 7.32
C ALA B 122 -48.99 -4.20 5.83
N ALA B 123 -48.86 -5.27 5.04
CA ALA B 123 -48.90 -5.14 3.58
C ALA B 123 -50.28 -4.71 3.10
N VAL B 124 -51.32 -4.93 3.90
CA VAL B 124 -52.68 -4.64 3.50
C VAL B 124 -53.28 -3.52 4.35
N PHE B 125 -53.03 -3.54 5.66
CA PHE B 125 -53.59 -2.55 6.59
C PHE B 125 -52.68 -1.35 6.78
N GLY B 126 -51.49 -1.35 6.20
CA GLY B 126 -50.52 -0.30 6.45
C GLY B 126 -49.76 -0.53 7.75
N GLY B 127 -48.81 0.36 8.00
CA GLY B 127 -47.90 0.17 9.11
C GLY B 127 -48.05 1.13 10.27
N GLN B 128 -49.27 1.61 10.52
CA GLN B 128 -49.49 2.58 11.59
C GLN B 128 -49.21 1.95 12.95
N GLN B 129 -49.75 0.75 13.20
CA GLN B 129 -49.49 0.08 14.47
C GLN B 129 -48.01 -0.20 14.63
N ASN B 130 -47.35 -0.57 13.54
CA ASN B 130 -45.90 -0.80 13.57
C ASN B 130 -45.18 0.47 14.01
N MET B 131 -45.58 1.62 13.46
CA MET B 131 -44.94 2.88 13.81
C MET B 131 -45.15 3.18 15.30
N LYS B 132 -46.38 3.03 15.79
CA LYS B 132 -46.65 3.36 17.19
C LYS B 132 -45.83 2.46 18.12
N ASP B 133 -45.91 1.15 17.90
CA ASP B 133 -45.20 0.22 18.77
C ASP B 133 -43.70 0.41 18.65
N GLY B 134 -43.19 0.61 17.42
CA GLY B 134 -41.76 0.73 17.23
C GLY B 134 -41.22 1.97 17.90
N LEU B 135 -41.89 3.10 17.73
CA LEU B 135 -41.41 4.33 18.34
C LEU B 135 -41.41 4.20 19.85
N GLN B 136 -42.49 3.63 20.41
CA GLN B 136 -42.56 3.44 21.85
C GLN B 136 -41.44 2.55 22.34
N ASN B 137 -41.26 1.40 21.70
CA ASN B 137 -40.26 0.42 22.13
C ASN B 137 -38.86 0.99 21.99
N CYS B 138 -38.57 1.67 20.88
CA CYS B 138 -37.24 2.22 20.65
C CYS B 138 -36.91 3.26 21.72
N LYS B 139 -37.85 4.16 21.99
CA LYS B 139 -37.61 5.18 22.99
C LYS B 139 -37.41 4.55 24.36
N ALA B 140 -38.24 3.55 24.69
CA ALA B 140 -38.17 2.94 26.01
C ALA B 140 -36.86 2.19 26.20
N THR B 141 -36.37 1.54 25.14
CA THR B 141 -35.26 0.61 25.28
C THR B 141 -33.93 1.32 25.15
N TYR B 142 -33.76 2.12 24.10
CA TYR B 142 -32.47 2.71 23.77
C TYR B 142 -32.31 4.15 24.23
N LYS B 143 -33.35 4.76 24.81
CA LYS B 143 -33.30 6.13 25.32
C LYS B 143 -32.58 7.11 24.39
N PRO B 144 -33.04 7.26 23.16
CA PRO B 144 -32.44 8.26 22.28
C PRO B 144 -33.01 9.64 22.58
N ASP B 145 -32.24 10.66 22.24
CA ASP B 145 -32.75 12.02 22.33
C ASP B 145 -33.64 12.37 21.15
N MET B 146 -33.53 11.62 20.05
CA MET B 146 -34.31 11.89 18.86
C MET B 146 -34.32 10.63 18.01
N ILE B 147 -35.45 10.37 17.36
CA ILE B 147 -35.61 9.24 16.46
C ILE B 147 -35.81 9.79 15.05
N ALA B 148 -34.89 9.46 14.15
CA ALA B 148 -34.98 9.90 12.76
C ALA B 148 -35.56 8.76 11.95
N VAL B 149 -36.69 9.02 11.28
CA VAL B 149 -37.46 7.98 10.60
C VAL B 149 -37.24 8.08 9.10
N SER B 150 -36.87 6.96 8.49
CA SER B 150 -36.82 6.78 7.05
C SER B 150 -37.70 5.58 6.69
N THR B 151 -37.73 5.21 5.42
CA THR B 151 -38.63 4.18 4.94
C THR B 151 -37.91 3.18 4.05
N THR B 152 -38.38 1.94 4.11
CA THR B 152 -38.00 0.91 3.16
C THR B 152 -38.97 0.90 1.98
N CYS B 153 -38.63 0.13 0.95
CA CYS B 153 -39.42 0.17 -0.27
C CYS B 153 -40.84 -0.33 -0.03
N MET B 154 -41.02 -1.29 0.89
CA MET B 154 -42.35 -1.80 1.20
C MET B 154 -43.27 -0.69 1.69
N ALA B 155 -42.80 0.11 2.65
CA ALA B 155 -43.57 1.22 3.19
C ALA B 155 -43.91 2.23 2.12
N GLU B 156 -42.95 2.52 1.24
CA GLU B 156 -43.18 3.50 0.19
C GLU B 156 -44.20 2.98 -0.82
N VAL B 157 -44.13 1.70 -1.18
CA VAL B 157 -45.05 1.16 -2.17
C VAL B 157 -46.47 1.12 -1.60
N ILE B 158 -46.61 0.68 -0.34
CA ILE B 158 -47.92 0.61 0.27
C ILE B 158 -48.49 2.00 0.46
N GLY B 159 -47.63 3.00 0.62
CA GLY B 159 -48.04 4.38 0.74
C GLY B 159 -48.27 4.84 2.15
N ASP B 160 -47.41 4.38 3.06
CA ASP B 160 -47.50 4.79 4.46
C ASP B 160 -47.25 6.29 4.59
N ASP B 161 -48.15 6.98 5.29
CA ASP B 161 -48.03 8.42 5.53
C ASP B 161 -47.25 8.61 6.83
N LEU B 162 -45.94 8.83 6.69
CA LEU B 162 -45.05 8.97 7.84
C LEU B 162 -45.53 10.07 8.79
N ASN B 163 -45.87 11.23 8.23
CA ASN B 163 -46.29 12.36 9.05
C ASN B 163 -47.50 11.99 9.89
N ALA B 164 -48.54 11.45 9.26
CA ALA B 164 -49.76 11.09 9.97
C ALA B 164 -49.49 10.01 11.00
N PHE B 165 -48.67 9.02 10.65
CA PHE B 165 -48.40 7.92 11.59
C PHE B 165 -47.69 8.44 12.83
N ILE B 166 -46.70 9.31 12.65
CA ILE B 166 -45.95 9.84 13.78
C ILE B 166 -46.86 10.72 14.63
N ASN B 167 -47.70 11.54 13.98
CA ASN B 167 -48.63 12.39 14.72
C ASN B 167 -49.61 11.53 15.51
N ASN B 168 -50.07 10.42 14.95
CA ASN B 168 -50.99 9.54 15.66
C ASN B 168 -50.29 8.85 16.84
N SER B 169 -49.02 8.49 16.65
CA SER B 169 -48.24 7.91 17.75
C SER B 169 -48.13 8.91 18.89
N LYS B 170 -47.90 10.18 18.55
CA LYS B 170 -47.80 11.23 19.56
C LYS B 170 -49.14 11.46 20.23
N LYS B 171 -50.23 11.45 19.44
CA LYS B 171 -51.55 11.77 19.96
C LYS B 171 -52.03 10.70 20.94
N GLU B 172 -51.73 9.44 20.64
CA GLU B 172 -52.22 8.31 21.42
C GLU B 172 -51.27 7.92 22.54
N GLY B 173 -50.27 8.75 22.85
CA GLY B 173 -49.44 8.58 24.02
C GLY B 173 -48.32 7.57 23.88
N PHE B 174 -48.06 7.08 22.66
CA PHE B 174 -46.96 6.15 22.45
C PHE B 174 -45.61 6.83 22.63
N ILE B 175 -45.48 8.08 22.23
CA ILE B 175 -44.28 8.86 22.47
C ILE B 175 -44.72 10.23 23.01
N PRO B 176 -43.88 10.91 23.79
CA PRO B 176 -44.21 12.28 24.19
C PRO B 176 -44.34 13.21 23.00
N ASP B 177 -45.26 14.17 23.14
CA ASP B 177 -45.52 15.13 22.07
C ASP B 177 -44.28 15.95 21.72
N GLU B 178 -43.48 16.29 22.73
CA GLU B 178 -42.30 17.10 22.51
C GLU B 178 -41.11 16.31 21.97
N PHE B 179 -41.17 14.98 22.00
CA PHE B 179 -40.03 14.18 21.60
C PHE B 179 -39.78 14.33 20.11
N PRO B 180 -38.56 14.70 19.69
CA PRO B 180 -38.27 14.93 18.27
C PRO B 180 -38.28 13.64 17.47
N VAL B 181 -39.17 13.57 16.49
CA VAL B 181 -39.20 12.44 15.55
C VAL B 181 -39.20 12.98 14.13
N PRO B 182 -38.09 13.50 13.63
CA PRO B 182 -38.04 13.89 12.22
C PRO B 182 -38.12 12.68 11.31
N PHE B 183 -38.65 12.90 10.11
CA PHE B 183 -38.89 11.81 9.17
C PHE B 183 -38.54 12.26 7.76
N ALA B 184 -38.30 11.28 6.90
CA ALA B 184 -38.13 11.52 5.47
C ALA B 184 -38.58 10.27 4.72
N HIS B 185 -39.29 10.49 3.61
CA HIS B 185 -39.57 9.41 2.67
C HIS B 185 -38.31 9.13 1.87
N THR B 186 -37.83 7.88 1.94
CA THR B 186 -36.59 7.47 1.27
C THR B 186 -36.86 6.26 0.38
N PRO B 187 -37.56 6.46 -0.75
CA PRO B 187 -37.89 5.33 -1.63
C PRO B 187 -36.65 4.79 -2.31
N SER B 188 -36.43 3.48 -2.17
CA SER B 188 -35.23 2.84 -2.68
C SER B 188 -35.23 2.77 -4.20
N PHE B 189 -36.37 2.96 -4.84
CA PHE B 189 -36.49 2.91 -6.29
C PHE B 189 -36.31 4.28 -6.93
N VAL B 190 -35.93 5.28 -6.14
CA VAL B 190 -35.60 6.61 -6.65
C VAL B 190 -34.18 6.93 -6.22
N GLY B 191 -33.36 7.38 -7.16
CA GLY B 191 -32.00 7.80 -6.87
C GLY B 191 -31.18 6.69 -6.24
N SER B 192 -30.50 7.01 -5.15
CA SER B 192 -29.56 6.08 -4.54
C SER B 192 -29.39 6.45 -3.07
N HIS B 193 -28.38 5.84 -2.42
CA HIS B 193 -28.11 6.09 -1.02
C HIS B 193 -27.85 7.57 -0.74
N VAL B 194 -27.15 8.26 -1.64
CA VAL B 194 -26.86 9.67 -1.41
C VAL B 194 -28.16 10.48 -1.40
N THR B 195 -29.12 10.08 -2.25
CA THR B 195 -30.43 10.72 -2.23
C THR B 195 -31.10 10.51 -0.88
N GLY B 196 -30.93 9.32 -0.30
CA GLY B 196 -31.46 9.06 1.03
C GLY B 196 -30.85 9.99 2.06
N TRP B 197 -29.54 10.21 1.97
CA TRP B 197 -28.86 11.13 2.88
C TRP B 197 -29.48 12.52 2.77
N ASP B 198 -29.62 13.00 1.53
CA ASP B 198 -30.17 14.32 1.29
C ASP B 198 -31.58 14.44 1.86
N ASN B 199 -32.42 13.43 1.58
CA ASN B 199 -33.79 13.47 2.06
C ASN B 199 -33.85 13.48 3.59
N MET B 200 -33.03 12.64 4.22
CA MET B 200 -33.04 12.57 5.67
C MET B 200 -32.60 13.90 6.27
N PHE B 201 -31.54 14.49 5.71
CA PHE B 201 -31.04 15.75 6.26
C PHE B 201 -32.08 16.83 6.12
N GLU B 202 -32.71 16.90 4.95
CA GLU B 202 -33.72 17.93 4.73
C GLU B 202 -34.88 17.75 5.70
N GLY B 203 -35.26 16.49 5.94
CA GLY B 203 -36.32 16.22 6.91
C GLY B 203 -35.97 16.68 8.31
N ILE B 204 -34.74 16.42 8.76
CA ILE B 204 -34.31 16.85 10.09
C ILE B 204 -34.24 18.37 10.18
N ALA B 205 -33.65 19.02 9.16
CA ALA B 205 -33.53 20.47 9.17
C ALA B 205 -34.92 21.10 9.19
N ARG B 206 -35.84 20.57 8.39
CA ARG B 206 -37.19 21.08 8.34
C ARG B 206 -37.85 20.93 9.70
N TYR B 207 -37.73 19.73 10.28
CA TYR B 207 -38.35 19.47 11.58
C TYR B 207 -37.88 20.48 12.61
N PHE B 208 -36.60 20.82 12.59
CA PHE B 208 -36.08 21.65 13.67
C PHE B 208 -36.19 23.15 13.38
N THR B 209 -36.46 23.55 12.14
CA THR B 209 -36.36 24.96 11.79
C THR B 209 -37.57 25.55 11.10
N LEU B 210 -38.44 24.75 10.47
CA LEU B 210 -39.45 25.31 9.59
C LEU B 210 -40.44 26.19 10.33
N LYS B 211 -40.86 25.77 11.52
CA LYS B 211 -41.96 26.43 12.22
C LYS B 211 -41.46 27.48 13.20
N SER B 212 -40.16 27.75 13.23
CA SER B 212 -39.57 28.72 14.13
C SER B 212 -38.63 29.67 13.39
N MET B 213 -39.03 30.12 12.20
CA MET B 213 -38.20 31.01 11.42
C MET B 213 -38.43 32.48 11.76
N ASP B 214 -39.42 32.80 12.59
CA ASP B 214 -39.76 34.19 12.86
C ASP B 214 -38.63 34.93 13.57
N ASP B 215 -37.96 34.28 14.52
CA ASP B 215 -36.96 34.95 15.35
C ASP B 215 -35.55 34.76 14.83
N LYS B 216 -35.39 34.17 13.65
CA LYS B 216 -34.09 33.87 13.10
C LYS B 216 -33.57 35.07 12.32
N VAL B 217 -32.29 35.40 12.53
CA VAL B 217 -31.61 36.44 11.78
C VAL B 217 -30.38 35.81 11.14
N VAL B 218 -30.25 35.99 9.82
CA VAL B 218 -29.13 35.41 9.10
C VAL B 218 -27.83 36.03 9.58
N GLY B 219 -26.89 35.19 9.99
CA GLY B 219 -25.58 35.66 10.39
C GLY B 219 -25.49 36.15 11.82
N SER B 220 -26.52 35.93 12.63
CA SER B 220 -26.52 36.44 14.00
C SER B 220 -25.64 35.63 14.95
N ASN B 221 -25.28 34.40 14.60
CA ASN B 221 -24.41 33.60 15.46
C ASN B 221 -22.97 33.57 15.00
N LYS B 222 -22.64 34.27 13.91
CA LYS B 222 -21.27 34.41 13.40
C LYS B 222 -20.64 33.06 13.08
N LYS B 223 -21.44 32.14 12.55
CA LYS B 223 -20.95 30.80 12.25
C LYS B 223 -21.31 30.45 10.81
N ILE B 224 -20.64 29.44 10.27
CA ILE B 224 -20.94 28.88 8.97
C ILE B 224 -21.44 27.46 9.16
N ASN B 225 -22.55 27.12 8.52
CA ASN B 225 -23.02 25.75 8.54
C ASN B 225 -22.24 24.94 7.51
N ILE B 226 -21.84 23.73 7.91
CA ILE B 226 -21.21 22.78 7.01
C ILE B 226 -22.07 21.53 6.96
N VAL B 227 -22.54 21.19 5.76
CA VAL B 227 -23.29 19.97 5.52
C VAL B 227 -22.40 19.03 4.71
N PRO B 228 -21.90 17.96 5.31
CA PRO B 228 -20.93 17.10 4.61
C PRO B 228 -21.57 16.22 3.55
N GLY B 229 -22.82 15.86 3.74
CA GLY B 229 -23.45 14.88 2.87
C GLY B 229 -23.01 13.47 3.24
N PHE B 230 -23.26 12.55 2.31
CA PHE B 230 -22.95 11.13 2.54
C PHE B 230 -21.44 10.98 2.51
N GLU B 231 -20.85 10.70 3.67
CA GLU B 231 -19.40 10.68 3.81
C GLU B 231 -18.99 9.49 4.66
N THR B 232 -18.08 8.67 4.12
CA THR B 232 -17.65 7.43 4.77
C THR B 232 -16.18 7.46 5.14
N TYR B 233 -15.51 8.59 5.00
CA TYR B 233 -14.14 8.78 5.48
C TYR B 233 -14.17 9.67 6.71
N LEU B 234 -13.80 9.11 7.86
CA LEU B 234 -13.76 9.89 9.10
C LEU B 234 -12.80 11.07 8.97
N GLY B 235 -11.72 10.87 8.21
CA GLY B 235 -10.75 11.93 8.03
C GLY B 235 -11.34 13.14 7.35
N ASN B 236 -12.39 12.98 6.56
CA ASN B 236 -12.99 14.12 5.87
C ASN B 236 -13.68 15.05 6.87
N PHE B 237 -14.48 14.49 7.78
CA PHE B 237 -15.08 15.30 8.83
C PHE B 237 -13.97 15.96 9.63
N ARG B 238 -12.96 15.17 10.01
CA ARG B 238 -11.92 15.69 10.89
C ARG B 238 -11.17 16.82 10.21
N VAL B 239 -10.87 16.67 8.92
CA VAL B 239 -10.05 17.66 8.23
C VAL B 239 -10.85 18.94 8.03
N ILE B 240 -12.15 18.83 7.75
CA ILE B 240 -12.93 20.05 7.59
C ILE B 240 -12.96 20.81 8.90
N LYS B 241 -13.18 20.10 10.01
CA LYS B 241 -13.18 20.75 11.33
C LYS B 241 -11.83 21.37 11.63
N ARG B 242 -10.75 20.66 11.31
CA ARG B 242 -9.40 21.14 11.60
C ARG B 242 -9.10 22.41 10.80
N MET B 243 -9.44 22.40 9.50
CA MET B 243 -9.16 23.55 8.66
C MET B 243 -9.95 24.76 9.11
N LEU B 244 -11.22 24.55 9.50
CA LEU B 244 -12.04 25.69 9.90
C LEU B 244 -11.56 26.24 11.25
N SER B 245 -11.11 25.35 12.13
CA SER B 245 -10.55 25.79 13.41
C SER B 245 -9.25 26.57 13.20
N GLU B 246 -8.45 26.15 12.22
CA GLU B 246 -7.18 26.82 11.96
C GLU B 246 -7.41 28.27 11.52
N MET B 247 -8.46 28.50 10.75
CA MET B 247 -8.75 29.85 10.28
C MET B 247 -9.46 30.69 11.34
N GLY B 248 -9.83 30.08 12.46
CA GLY B 248 -10.61 30.76 13.48
C GLY B 248 -12.01 31.08 13.00
N VAL B 249 -12.61 30.20 12.22
CA VAL B 249 -13.95 30.38 11.70
C VAL B 249 -14.92 29.60 12.57
N GLY B 250 -15.92 30.29 13.12
CA GLY B 250 -17.01 29.62 13.79
C GLY B 250 -17.79 28.75 12.82
N TYR B 251 -18.02 27.49 13.17
CA TYR B 251 -18.72 26.58 12.28
C TYR B 251 -19.62 25.65 13.08
N SER B 252 -20.60 25.09 12.38
CA SER B 252 -21.47 24.06 12.92
C SER B 252 -21.56 22.94 11.89
N LEU B 253 -20.88 21.83 12.15
CA LEU B 253 -20.94 20.68 11.24
C LEU B 253 -22.22 19.91 11.49
N LEU B 254 -23.21 20.10 10.63
CA LEU B 254 -24.50 19.44 10.78
C LEU B 254 -24.41 18.00 10.28
N SER B 255 -24.89 17.04 11.08
CA SER B 255 -24.67 15.61 10.83
C SER B 255 -23.19 15.23 10.90
N ASP B 256 -22.63 15.35 12.12
CA ASP B 256 -21.29 14.83 12.35
C ASP B 256 -21.30 13.43 12.98
N PRO B 257 -21.05 12.37 12.23
CA PRO B 257 -20.99 11.01 12.78
C PRO B 257 -19.60 10.49 13.14
N GLU B 258 -18.56 11.33 13.06
CA GLU B 258 -17.18 10.88 13.25
C GLU B 258 -16.96 10.25 14.64
N GLU B 259 -17.54 10.81 15.68
CA GLU B 259 -17.39 10.23 17.02
C GLU B 259 -18.10 8.89 17.15
N VAL B 260 -19.33 8.77 16.66
CA VAL B 260 -20.07 7.53 16.85
C VAL B 260 -19.45 6.39 16.04
N LEU B 261 -18.83 6.71 14.90
CA LEU B 261 -18.22 5.69 14.05
C LEU B 261 -16.79 5.39 14.43
N ASP B 262 -16.26 6.00 15.50
CA ASP B 262 -14.87 5.81 15.90
C ASP B 262 -14.75 5.76 17.42
N THR B 263 -15.66 5.03 18.07
CA THR B 263 -15.59 4.93 19.52
C THR B 263 -14.37 4.12 19.95
N PRO B 264 -13.70 4.50 21.03
CA PRO B 264 -12.55 3.72 21.50
C PRO B 264 -12.96 2.39 22.08
N ALA B 265 -12.04 1.43 22.02
CA ALA B 265 -12.18 0.14 22.69
C ALA B 265 -11.60 0.24 24.09
N ASP B 266 -12.45 0.50 25.08
CA ASP B 266 -12.00 0.61 26.46
C ASP B 266 -12.87 -0.22 27.39
N GLY B 267 -13.46 -1.29 26.86
CA GLY B 267 -14.26 -2.22 27.64
C GLY B 267 -15.69 -1.81 27.88
N GLN B 268 -16.13 -0.72 27.25
CA GLN B 268 -17.48 -0.22 27.38
C GLN B 268 -18.07 -0.01 25.99
N PHE B 269 -19.32 -0.43 25.80
CA PHE B 269 -20.02 -0.19 24.55
C PHE B 269 -20.77 1.14 24.64
N ARG B 270 -20.49 2.03 23.69
CA ARG B 270 -21.14 3.32 23.62
C ARG B 270 -22.09 3.32 22.42
N MET B 271 -23.39 3.28 22.69
CA MET B 271 -24.36 3.34 21.60
C MET B 271 -24.29 4.69 20.88
N TYR B 272 -24.13 5.77 21.63
CA TYR B 272 -24.11 7.11 21.08
C TYR B 272 -22.79 7.78 21.43
N ALA B 273 -22.34 8.68 20.55
CA ALA B 273 -21.13 9.45 20.80
C ALA B 273 -21.14 10.67 19.89
N GLY B 274 -20.98 11.85 20.49
CA GLY B 274 -20.86 13.07 19.70
C GLY B 274 -22.10 13.35 18.91
N GLY B 275 -21.91 13.92 17.72
CA GLY B 275 -23.00 14.21 16.82
C GLY B 275 -23.51 15.65 16.93
N THR B 276 -24.15 16.10 15.87
CA THR B 276 -24.76 17.42 15.85
C THR B 276 -25.88 17.48 16.87
N THR B 277 -25.82 18.45 17.77
CA THR B 277 -26.84 18.58 18.79
C THR B 277 -28.08 19.23 18.21
N GLN B 278 -29.20 19.04 18.92
CA GLN B 278 -30.46 19.64 18.52
C GLN B 278 -30.37 21.15 18.59
N GLU B 279 -29.60 21.65 19.54
CA GLU B 279 -29.46 23.10 19.64
C GLU B 279 -28.76 23.66 18.42
N GLU B 280 -27.75 22.96 17.91
CA GLU B 280 -27.07 23.40 16.71
C GLU B 280 -28.03 23.44 15.53
N MET B 281 -28.88 22.42 15.39
CA MET B 281 -29.83 22.43 14.27
C MET B 281 -30.82 23.56 14.42
N LYS B 282 -31.33 23.79 15.63
CA LYS B 282 -32.33 24.82 15.83
C LYS B 282 -31.73 26.21 15.57
N ASP B 283 -30.46 26.38 15.89
CA ASP B 283 -29.78 27.67 15.73
C ASP B 283 -29.16 27.82 14.34
N ALA B 284 -29.16 26.75 13.54
CA ALA B 284 -28.55 26.77 12.21
C ALA B 284 -29.02 27.92 11.31
N PRO B 285 -30.30 28.29 11.27
CA PRO B 285 -30.70 29.43 10.42
C PRO B 285 -30.02 30.74 10.79
N ASN B 286 -29.46 30.85 11.99
CA ASN B 286 -28.80 32.07 12.42
C ASN B 286 -27.37 32.18 11.91
N ALA B 287 -26.88 31.15 11.20
CA ALA B 287 -25.52 31.16 10.68
C ALA B 287 -25.37 32.20 9.58
N LEU B 288 -24.11 32.57 9.33
CA LEU B 288 -23.83 33.49 8.22
C LEU B 288 -24.25 32.86 6.89
N ASN B 289 -23.94 31.59 6.70
CA ASN B 289 -24.20 30.92 5.44
C ASN B 289 -24.12 29.42 5.68
N THR B 290 -24.53 28.65 4.69
CA THR B 290 -24.44 27.20 4.72
C THR B 290 -23.61 26.75 3.52
N VAL B 291 -22.58 25.96 3.77
CA VAL B 291 -21.73 25.38 2.72
C VAL B 291 -22.07 23.91 2.61
N LEU B 292 -22.40 23.47 1.40
CA LEU B 292 -22.66 22.07 1.12
C LEU B 292 -21.39 21.46 0.55
N LEU B 293 -20.81 20.51 1.27
CA LEU B 293 -19.55 19.93 0.83
C LEU B 293 -19.72 19.10 -0.43
N GLN B 294 -20.87 18.45 -0.60
CA GLN B 294 -21.13 17.58 -1.76
C GLN B 294 -22.41 18.05 -2.42
N PRO B 295 -22.35 19.15 -3.16
CA PRO B 295 -23.59 19.77 -3.68
C PRO B 295 -24.37 18.91 -4.65
N TRP B 296 -23.74 17.94 -5.34
CA TRP B 296 -24.43 17.18 -6.37
C TRP B 296 -25.39 16.13 -5.83
N HIS B 297 -25.37 15.83 -4.52
CA HIS B 297 -26.44 15.03 -3.95
C HIS B 297 -27.08 15.73 -2.75
N LEU B 298 -26.98 17.05 -2.67
CA LEU B 298 -27.64 17.83 -1.63
C LEU B 298 -28.57 18.88 -2.23
N GLU B 299 -29.30 18.50 -3.28
CA GLU B 299 -30.15 19.46 -3.98
C GLU B 299 -31.37 19.84 -3.15
N LYS B 300 -32.03 18.85 -2.55
CA LYS B 300 -33.20 19.13 -1.72
C LYS B 300 -32.80 19.96 -0.51
N THR B 301 -31.69 19.58 0.13
CA THR B 301 -31.17 20.35 1.25
C THR B 301 -30.90 21.78 0.81
N LYS B 302 -30.27 21.96 -0.36
CA LYS B 302 -29.97 23.29 -0.85
C LYS B 302 -31.23 24.10 -1.04
N LYS B 303 -32.26 23.47 -1.63
CA LYS B 303 -33.53 24.16 -1.84
C LYS B 303 -34.09 24.63 -0.51
N PHE B 304 -34.06 23.75 0.50
CA PHE B 304 -34.62 24.12 1.80
C PHE B 304 -33.84 25.25 2.43
N VAL B 305 -32.50 25.15 2.40
CA VAL B 305 -31.65 26.13 3.08
C VAL B 305 -31.77 27.49 2.42
N GLU B 306 -31.83 27.53 1.09
CA GLU B 306 -31.97 28.80 0.40
C GLU B 306 -33.38 29.37 0.56
N GLY B 307 -34.39 28.51 0.52
CA GLY B 307 -35.76 29.00 0.51
C GLY B 307 -36.28 29.36 1.88
N THR B 308 -35.86 28.63 2.91
CA THR B 308 -36.38 28.82 4.26
C THR B 308 -35.41 29.58 5.14
N TRP B 309 -34.16 29.10 5.25
CA TRP B 309 -33.17 29.81 6.07
C TRP B 309 -32.71 31.08 5.39
N LYS B 310 -32.95 31.21 4.08
CA LYS B 310 -32.52 32.36 3.29
C LYS B 310 -31.00 32.50 3.28
N HIS B 311 -30.29 31.37 3.33
CA HIS B 311 -28.83 31.42 3.22
C HIS B 311 -28.43 31.44 1.75
N GLU B 312 -27.54 32.37 1.41
CA GLU B 312 -26.95 32.48 0.09
C GLU B 312 -25.84 31.44 -0.05
N VAL B 313 -26.24 30.21 -0.29
CA VAL B 313 -25.37 29.03 -0.34
C VAL B 313 -24.35 29.25 -1.44
N PRO B 314 -23.05 29.26 -1.13
CA PRO B 314 -22.07 29.56 -2.19
C PRO B 314 -22.00 28.41 -3.18
N LYS B 315 -21.70 28.76 -4.43
CA LYS B 315 -21.58 27.79 -5.50
C LYS B 315 -20.18 27.16 -5.43
N LEU B 316 -20.04 26.17 -4.57
CA LEU B 316 -18.75 25.52 -4.35
C LEU B 316 -18.75 24.07 -4.81
N ASN B 317 -17.68 23.68 -5.49
CA ASN B 317 -17.40 22.27 -5.70
C ASN B 317 -16.96 21.60 -4.39
N ILE B 318 -16.94 20.28 -4.40
CA ILE B 318 -16.35 19.52 -3.30
C ILE B 318 -14.91 19.97 -3.06
N PRO B 319 -14.50 20.25 -1.82
CA PRO B 319 -13.11 20.67 -1.58
C PRO B 319 -12.12 19.52 -1.72
N MET B 320 -11.88 19.11 -2.96
CA MET B 320 -10.99 17.99 -3.27
C MET B 320 -9.91 18.48 -4.23
N GLY B 321 -8.68 18.02 -4.00
CA GLY B 321 -7.59 18.45 -4.85
C GLY B 321 -7.11 19.83 -4.43
N LEU B 322 -6.48 20.52 -5.38
CA LEU B 322 -5.77 21.76 -5.07
C LEU B 322 -6.65 22.97 -5.34
N ASP B 323 -7.15 23.11 -6.58
CA ASP B 323 -7.91 24.32 -6.93
C ASP B 323 -9.19 24.42 -6.11
N TRP B 324 -9.90 23.31 -5.96
CA TRP B 324 -11.19 23.35 -5.28
C TRP B 324 -11.02 23.56 -3.78
N THR B 325 -9.96 23.01 -3.17
CA THR B 325 -9.67 23.35 -1.79
C THR B 325 -9.35 24.83 -1.65
N ASP B 326 -8.56 25.38 -2.59
CA ASP B 326 -8.25 26.80 -2.55
C ASP B 326 -9.54 27.61 -2.61
N GLU B 327 -10.44 27.25 -3.52
CA GLU B 327 -11.68 27.98 -3.70
C GLU B 327 -12.53 27.89 -2.45
N PHE B 328 -12.58 26.70 -1.83
CA PHE B 328 -13.36 26.50 -0.61
C PHE B 328 -12.82 27.40 0.50
N LEU B 329 -11.50 27.42 0.67
CA LEU B 329 -10.91 28.22 1.74
C LEU B 329 -11.14 29.71 1.48
N MET B 330 -11.03 30.13 0.22
CA MET B 330 -11.25 31.54 -0.12
C MET B 330 -12.70 31.93 0.14
N LYS B 331 -13.64 31.05 -0.19
CA LYS B 331 -15.05 31.35 0.03
C LYS B 331 -15.36 31.40 1.52
N VAL B 332 -14.78 30.48 2.30
CA VAL B 332 -14.95 30.52 3.75
C VAL B 332 -14.39 31.82 4.30
N SER B 333 -13.22 32.24 3.79
CA SER B 333 -12.60 33.49 4.21
C SER B 333 -13.54 34.65 3.93
N GLU B 334 -14.13 34.66 2.73
CA GLU B 334 -15.02 35.74 2.33
C GLU B 334 -16.25 35.79 3.23
N ILE B 335 -16.84 34.63 3.51
CA ILE B 335 -18.07 34.59 4.28
C ILE B 335 -17.81 35.01 5.72
N SER B 336 -16.75 34.45 6.32
CA SER B 336 -16.47 34.65 7.74
C SER B 336 -15.65 35.91 8.01
N GLY B 337 -14.97 36.44 7.00
CA GLY B 337 -14.09 37.57 7.18
C GLY B 337 -12.75 37.24 7.78
N GLN B 338 -12.45 35.96 7.98
CA GLN B 338 -11.19 35.50 8.56
C GLN B 338 -10.18 35.26 7.46
N PRO B 339 -8.98 35.82 7.54
CA PRO B 339 -7.94 35.52 6.55
C PRO B 339 -7.48 34.06 6.65
N ILE B 340 -7.02 33.55 5.53
CA ILE B 340 -6.45 32.19 5.48
C ILE B 340 -5.11 32.22 6.22
N PRO B 341 -4.94 31.43 7.26
CA PRO B 341 -3.73 31.50 8.07
C PRO B 341 -2.51 30.94 7.35
N ALA B 342 -1.34 31.32 7.89
CA ALA B 342 -0.07 30.87 7.33
C ALA B 342 0.06 29.35 7.34
N SER B 343 -0.55 28.68 8.32
CA SER B 343 -0.46 27.22 8.38
C SER B 343 -1.11 26.57 7.17
N LEU B 344 -2.27 27.07 6.74
CA LEU B 344 -2.94 26.50 5.58
C LEU B 344 -2.16 26.81 4.30
N THR B 345 -1.58 28.01 4.22
CA THR B 345 -0.76 28.36 3.07
C THR B 345 0.43 27.41 2.97
N LYS B 346 1.07 27.11 4.11
CA LYS B 346 2.21 26.22 4.12
C LYS B 346 1.78 24.81 3.73
N GLU B 347 0.63 24.35 4.23
CA GLU B 347 0.15 23.02 3.88
C GLU B 347 -0.10 22.92 2.38
N ARG B 348 -0.68 23.98 1.80
CA ARG B 348 -0.90 24.00 0.36
C ARG B 348 0.43 23.92 -0.38
N GLY B 349 1.42 24.71 0.07
CA GLY B 349 2.72 24.68 -0.57
C GLY B 349 3.38 23.31 -0.47
N ARG B 350 3.16 22.62 0.63
CA ARG B 350 3.69 21.27 0.80
C ARG B 350 3.01 20.29 -0.15
N LEU B 351 1.70 20.46 -0.35
CA LEU B 351 1.01 19.63 -1.33
C LEU B 351 1.60 19.87 -2.71
N VAL B 352 1.84 21.14 -3.06
CA VAL B 352 2.41 21.46 -4.36
C VAL B 352 3.81 20.84 -4.48
N ASP B 353 4.56 20.85 -3.38
CA ASP B 353 5.88 20.25 -3.36
C ASP B 353 5.80 18.76 -3.65
N MET B 354 4.85 18.07 -3.02
CA MET B 354 4.69 16.63 -3.25
C MET B 354 4.30 16.37 -4.70
N MET B 355 3.43 17.21 -5.27
CA MET B 355 3.04 17.07 -6.66
C MET B 355 4.25 17.22 -7.56
N THR B 356 5.10 18.20 -7.28
CA THR B 356 6.30 18.43 -8.08
C THR B 356 7.25 17.25 -7.94
N ASP B 357 7.37 16.69 -6.74
CA ASP B 357 8.27 15.56 -6.54
C ASP B 357 7.80 14.32 -7.30
N SER B 358 6.48 14.12 -7.40
CA SER B 358 5.94 12.88 -7.92
C SER B 358 5.43 12.98 -9.36
N HIS B 359 5.52 14.17 -9.98
CA HIS B 359 4.87 14.37 -11.27
C HIS B 359 5.45 13.47 -12.36
N THR B 360 6.73 13.11 -12.28
CA THR B 360 7.31 12.29 -13.34
C THR B 360 6.66 10.92 -13.37
N TRP B 361 6.30 10.38 -12.20
CA TRP B 361 5.63 9.10 -12.15
C TRP B 361 4.14 9.24 -12.41
N LEU B 362 3.55 10.38 -12.05
CA LEU B 362 2.09 10.49 -12.15
C LEU B 362 1.65 10.84 -13.57
N HIS B 363 2.48 11.59 -14.29
CA HIS B 363 2.06 12.20 -15.55
C HIS B 363 1.71 11.14 -16.60
N GLY B 364 0.57 11.34 -17.27
CA GLY B 364 0.14 10.49 -18.35
C GLY B 364 -0.46 9.15 -17.96
N LYS B 365 -0.55 8.85 -16.67
CA LYS B 365 -1.14 7.59 -16.23
C LYS B 365 -2.63 7.59 -16.53
N ARG B 366 -3.14 6.43 -16.94
CA ARG B 366 -4.54 6.31 -17.35
C ARG B 366 -5.33 5.59 -16.27
N PHE B 367 -6.47 6.19 -15.90
CA PHE B 367 -7.28 5.70 -14.80
C PHE B 367 -8.72 5.48 -15.25
N ALA B 368 -9.31 4.39 -14.78
CA ALA B 368 -10.75 4.18 -14.79
C ALA B 368 -11.22 4.34 -13.35
N LEU B 369 -12.17 5.23 -13.11
CA LEU B 369 -12.62 5.45 -11.74
C LEU B 369 -14.14 5.38 -11.64
N TRP B 370 -14.61 5.09 -10.43
CA TRP B 370 -16.04 5.16 -10.18
C TRP B 370 -16.33 5.53 -8.73
N GLY B 371 -17.59 5.86 -8.48
CA GLY B 371 -18.08 6.20 -7.16
C GLY B 371 -19.22 7.19 -7.26
N ASP B 372 -19.44 7.92 -6.18
CA ASP B 372 -20.54 8.89 -6.08
C ASP B 372 -20.18 10.18 -6.82
N PRO B 373 -21.20 10.94 -7.27
CA PRO B 373 -20.93 12.08 -8.17
C PRO B 373 -19.92 13.10 -7.66
N ASP B 374 -20.08 13.60 -6.44
CA ASP B 374 -19.15 14.62 -5.94
C ASP B 374 -17.77 14.04 -5.77
N PHE B 375 -17.68 12.84 -5.20
CA PHE B 375 -16.38 12.20 -5.01
C PHE B 375 -15.70 12.00 -6.34
N VAL B 376 -16.46 11.51 -7.33
CA VAL B 376 -15.88 11.19 -8.63
C VAL B 376 -15.37 12.46 -9.31
N MET B 377 -16.17 13.53 -9.28
CA MET B 377 -15.74 14.74 -9.97
C MET B 377 -14.54 15.36 -9.28
N GLY B 378 -14.48 15.28 -7.95
CA GLY B 378 -13.30 15.74 -7.23
C GLY B 378 -12.07 14.94 -7.60
N LEU B 379 -12.22 13.62 -7.65
CA LEU B 379 -11.08 12.77 -8.02
C LEU B 379 -10.63 13.07 -9.44
N VAL B 380 -11.56 13.32 -10.36
CA VAL B 380 -11.22 13.63 -11.73
C VAL B 380 -10.45 14.95 -11.78
N LYS B 381 -10.93 15.95 -11.04
CA LYS B 381 -10.27 17.24 -11.04
C LYS B 381 -8.85 17.10 -10.50
N PHE B 382 -8.68 16.35 -9.41
CA PHE B 382 -7.36 16.18 -8.82
C PHE B 382 -6.43 15.45 -9.81
N LEU B 383 -6.95 14.41 -10.46
CA LEU B 383 -6.14 13.67 -11.42
C LEU B 383 -5.69 14.59 -12.55
N LEU B 384 -6.59 15.45 -13.03
CA LEU B 384 -6.21 16.42 -14.05
C LEU B 384 -5.12 17.35 -13.53
N GLU B 385 -5.22 17.75 -12.26
CA GLU B 385 -4.21 18.63 -11.68
C GLU B 385 -2.84 17.94 -11.58
N LEU B 386 -2.83 16.62 -11.47
CA LEU B 386 -1.61 15.84 -11.35
C LEU B 386 -1.02 15.50 -12.71
N GLY B 387 -1.70 15.87 -13.80
CA GLY B 387 -1.28 15.52 -15.13
C GLY B 387 -1.68 14.12 -15.54
N CYS B 388 -2.42 13.41 -14.69
CA CYS B 388 -2.91 12.09 -15.03
C CYS B 388 -4.04 12.20 -16.04
N GLU B 389 -4.26 11.12 -16.77
CA GLU B 389 -5.30 11.13 -17.79
C GLU B 389 -6.40 10.16 -17.38
N PRO B 390 -7.55 10.66 -16.92
CA PRO B 390 -8.70 9.76 -16.75
C PRO B 390 -9.29 9.38 -18.08
N VAL B 391 -9.69 8.12 -18.22
CA VAL B 391 -10.25 7.60 -19.46
C VAL B 391 -11.69 7.13 -19.28
N HIS B 392 -11.95 6.36 -18.22
CA HIS B 392 -13.27 5.79 -17.97
C HIS B 392 -13.75 6.38 -16.65
N ILE B 393 -14.67 7.34 -16.73
CA ILE B 393 -15.29 7.94 -15.56
C ILE B 393 -16.71 7.39 -15.46
N LEU B 394 -16.96 6.59 -14.43
CA LEU B 394 -18.24 5.92 -14.26
C LEU B 394 -18.90 6.41 -12.97
N CYS B 395 -20.16 6.83 -13.09
CA CYS B 395 -20.96 7.20 -11.93
C CYS B 395 -22.35 6.60 -12.14
N HIS B 396 -22.61 5.46 -11.47
CA HIS B 396 -23.87 4.77 -11.68
C HIS B 396 -25.06 5.63 -11.27
N ASN B 397 -24.92 6.39 -10.19
CA ASN B 397 -26.00 7.23 -9.68
C ASN B 397 -25.85 8.68 -10.11
N GLY B 398 -25.12 8.93 -11.19
CA GLY B 398 -25.00 10.28 -11.72
C GLY B 398 -26.16 10.64 -12.63
N ASN B 399 -26.25 11.93 -12.95
CA ASN B 399 -27.30 12.44 -13.82
C ASN B 399 -26.67 13.23 -14.96
N LYS B 400 -27.53 13.70 -15.87
CA LYS B 400 -27.07 14.40 -17.07
C LYS B 400 -26.43 15.74 -16.73
N ARG B 401 -26.97 16.46 -15.74
CA ARG B 401 -26.40 17.75 -15.38
C ARG B 401 -25.01 17.56 -14.79
N TRP B 402 -24.85 16.55 -13.92
CA TRP B 402 -23.55 16.26 -13.35
C TRP B 402 -22.57 15.85 -14.45
N LYS B 403 -23.06 15.09 -15.43
CA LYS B 403 -22.20 14.63 -16.51
C LYS B 403 -21.72 15.83 -17.34
N LYS B 404 -22.64 16.77 -17.61
CA LYS B 404 -22.29 17.98 -18.32
C LYS B 404 -21.22 18.75 -17.57
N ALA B 405 -21.37 18.85 -16.24
CA ALA B 405 -20.38 19.55 -15.42
C ALA B 405 -19.02 18.87 -15.53
N VAL B 406 -18.97 17.55 -15.38
CA VAL B 406 -17.70 16.83 -15.44
C VAL B 406 -17.07 16.97 -16.82
N ASP B 407 -17.91 16.93 -17.88
CA ASP B 407 -17.39 17.11 -19.23
C ASP B 407 -16.78 18.49 -19.41
N ALA B 408 -17.41 19.50 -18.81
CA ALA B 408 -16.85 20.85 -18.82
C ALA B 408 -15.50 20.88 -18.12
N ILE B 409 -15.39 20.18 -16.98
CA ILE B 409 -14.11 20.13 -16.27
C ILE B 409 -13.04 19.47 -17.15
N LEU B 410 -13.41 18.37 -17.81
CA LEU B 410 -12.46 17.65 -18.65
C LEU B 410 -12.02 18.50 -19.85
N ALA B 411 -12.95 19.26 -20.43
CA ALA B 411 -12.65 20.06 -21.60
C ALA B 411 -11.68 21.18 -21.27
N ALA B 412 -11.67 21.65 -20.02
CA ALA B 412 -10.81 22.75 -19.61
C ALA B 412 -9.35 22.33 -19.47
N SER B 413 -9.07 21.03 -19.48
CA SER B 413 -7.74 20.50 -19.25
C SER B 413 -7.25 19.75 -20.48
N PRO B 414 -5.96 19.87 -20.83
CA PRO B 414 -5.41 19.05 -21.91
C PRO B 414 -5.32 17.58 -21.57
N TYR B 415 -5.44 17.21 -20.30
CA TYR B 415 -5.34 15.83 -19.86
C TYR B 415 -6.70 15.13 -19.81
N GLY B 416 -7.77 15.81 -20.20
CA GLY B 416 -9.08 15.22 -20.28
C GLY B 416 -9.55 14.86 -21.67
N LYS B 417 -8.63 14.82 -22.64
CA LYS B 417 -9.02 14.61 -24.03
C LYS B 417 -9.54 13.19 -24.27
N ASN B 418 -8.95 12.19 -23.61
CA ASN B 418 -9.35 10.81 -23.84
C ASN B 418 -10.30 10.31 -22.75
N ALA B 419 -11.02 11.23 -22.13
CA ALA B 419 -11.92 10.88 -21.03
C ALA B 419 -13.36 10.88 -21.53
N THR B 420 -14.11 9.88 -21.14
CA THR B 420 -15.55 9.84 -21.36
C THR B 420 -16.25 9.56 -20.04
N VAL B 421 -17.37 10.22 -19.81
CA VAL B 421 -18.15 10.07 -18.59
C VAL B 421 -19.34 9.17 -18.88
N TYR B 422 -19.59 8.21 -17.99
CA TYR B 422 -20.70 7.28 -18.11
C TYR B 422 -21.59 7.42 -16.89
N ILE B 423 -22.88 7.64 -17.11
CA ILE B 423 -23.88 7.65 -16.04
C ILE B 423 -24.84 6.51 -16.30
N GLY B 424 -25.34 5.92 -15.21
CA GLY B 424 -26.29 4.83 -15.31
C GLY B 424 -25.66 3.52 -15.72
N LYS B 425 -24.34 3.43 -15.75
CA LYS B 425 -23.62 2.22 -16.09
C LYS B 425 -23.09 1.57 -14.82
N ASP B 426 -22.98 0.25 -14.87
CA ASP B 426 -22.57 -0.54 -13.71
C ASP B 426 -21.13 -1.02 -13.90
N LEU B 427 -20.67 -1.86 -12.98
CA LEU B 427 -19.30 -2.33 -13.04
C LEU B 427 -19.06 -3.40 -14.10
N TRP B 428 -20.11 -4.02 -14.64
CA TRP B 428 -19.93 -4.89 -15.79
C TRP B 428 -19.59 -4.06 -17.04
N HIS B 429 -20.23 -2.90 -17.18
CA HIS B 429 -19.85 -1.97 -18.24
C HIS B 429 -18.38 -1.59 -18.09
N LEU B 430 -17.98 -1.28 -16.85
CA LEU B 430 -16.61 -0.82 -16.62
C LEU B 430 -15.63 -1.96 -16.92
N ARG B 431 -16.00 -3.19 -16.57
CA ARG B 431 -15.15 -4.34 -16.89
C ARG B 431 -14.92 -4.40 -18.40
N SER B 432 -15.99 -4.24 -19.18
CA SER B 432 -15.83 -4.22 -20.63
C SER B 432 -14.89 -3.09 -21.04
N LEU B 433 -15.07 -1.91 -20.44
CA LEU B 433 -14.29 -0.74 -20.84
C LEU B 433 -12.81 -0.95 -20.55
N VAL B 434 -12.48 -1.50 -19.39
CA VAL B 434 -11.07 -1.70 -19.04
C VAL B 434 -10.47 -2.84 -19.83
N PHE B 435 -11.30 -3.74 -20.38
CA PHE B 435 -10.76 -4.74 -21.30
C PHE B 435 -10.47 -4.12 -22.67
N THR B 436 -11.39 -3.31 -23.19
CA THR B 436 -11.28 -2.85 -24.58
C THR B 436 -10.37 -1.62 -24.70
N ASP B 437 -10.41 -0.72 -23.72
CA ASP B 437 -9.53 0.45 -23.67
C ASP B 437 -8.85 0.41 -22.31
N LYS B 438 -7.77 -0.35 -22.23
CA LYS B 438 -7.14 -0.66 -20.95
C LYS B 438 -6.52 0.57 -20.33
N PRO B 439 -6.91 0.96 -19.12
CA PRO B 439 -6.18 2.01 -18.41
C PRO B 439 -5.01 1.43 -17.62
N ASP B 440 -4.23 2.30 -17.00
CA ASP B 440 -3.14 1.83 -16.14
C ASP B 440 -3.68 1.32 -14.81
N PHE B 441 -4.68 1.99 -14.26
CA PHE B 441 -5.19 1.62 -12.95
C PHE B 441 -6.70 1.90 -12.88
N MET B 442 -7.36 1.25 -11.93
CA MET B 442 -8.71 1.59 -11.54
C MET B 442 -8.66 2.26 -10.18
N ILE B 443 -9.53 3.25 -9.97
CA ILE B 443 -9.78 3.82 -8.65
C ILE B 443 -11.24 3.59 -8.31
N GLY B 444 -11.48 2.86 -7.23
CA GLY B 444 -12.85 2.60 -6.83
C GLY B 444 -12.90 1.77 -5.57
N ASN B 445 -14.10 1.27 -5.28
CA ASN B 445 -14.34 0.54 -4.04
C ASN B 445 -13.90 -0.91 -4.20
N SER B 446 -14.20 -1.75 -3.20
CA SER B 446 -13.74 -3.13 -3.18
C SER B 446 -14.31 -3.99 -4.31
N TYR B 447 -15.47 -3.63 -4.86
CA TYR B 447 -16.05 -4.44 -5.93
C TYR B 447 -15.16 -4.47 -7.17
N GLY B 448 -14.30 -3.47 -7.34
CA GLY B 448 -13.40 -3.45 -8.46
C GLY B 448 -12.37 -4.55 -8.41
N LYS B 449 -12.20 -5.18 -7.24
CA LYS B 449 -11.24 -6.26 -7.16
C LYS B 449 -11.64 -7.37 -8.13
N PHE B 450 -12.94 -7.62 -8.30
CA PHE B 450 -13.36 -8.67 -9.20
C PHE B 450 -12.97 -8.34 -10.64
N ILE B 451 -12.96 -7.05 -10.98
CA ILE B 451 -12.56 -6.66 -12.31
C ILE B 451 -11.07 -6.95 -12.48
N GLN B 452 -10.28 -6.60 -11.47
CA GLN B 452 -8.85 -6.85 -11.57
C GLN B 452 -8.62 -8.34 -11.79
N ARG B 453 -9.32 -9.17 -11.00
CA ARG B 453 -9.22 -10.61 -11.17
C ARG B 453 -9.50 -10.99 -12.62
N ASP B 454 -10.59 -10.48 -13.18
CA ASP B 454 -10.93 -10.80 -14.57
C ASP B 454 -9.80 -10.39 -15.49
N THR B 455 -9.27 -9.17 -15.31
CA THR B 455 -8.22 -8.70 -16.20
C THR B 455 -6.99 -9.59 -16.08
N LEU B 456 -6.67 -10.02 -14.85
CA LEU B 456 -5.51 -10.88 -14.68
C LEU B 456 -5.72 -12.20 -15.40
N HIS B 457 -6.97 -12.67 -15.48
CA HIS B 457 -7.21 -13.93 -16.17
C HIS B 457 -6.90 -13.81 -17.65
N LYS B 458 -7.08 -12.62 -18.24
CA LYS B 458 -6.72 -12.46 -19.65
C LYS B 458 -5.21 -12.53 -19.84
N GLY B 459 -4.45 -12.06 -18.86
CA GLY B 459 -3.00 -12.08 -18.91
C GLY B 459 -2.43 -11.03 -17.99
N LYS B 460 -1.18 -11.26 -17.59
CA LYS B 460 -0.51 -10.32 -16.69
C LYS B 460 -0.35 -8.96 -17.33
N GLU B 461 -0.08 -8.93 -18.64
CA GLU B 461 0.05 -7.66 -19.35
C GLU B 461 -1.27 -6.91 -19.45
N PHE B 462 -2.40 -7.59 -19.25
CA PHE B 462 -3.71 -6.96 -19.32
C PHE B 462 -4.31 -6.65 -17.96
N GLU B 463 -3.61 -6.99 -16.88
CA GLU B 463 -4.15 -6.77 -15.53
C GLU B 463 -4.25 -5.28 -15.24
N VAL B 464 -5.38 -4.87 -14.68
CA VAL B 464 -5.59 -3.49 -14.26
C VAL B 464 -5.69 -3.46 -12.74
N PRO B 465 -4.65 -3.02 -12.04
CA PRO B 465 -4.70 -3.02 -10.57
C PRO B 465 -5.73 -2.04 -10.03
N LEU B 466 -6.36 -2.43 -8.93
CA LEU B 466 -7.33 -1.59 -8.24
C LEU B 466 -6.64 -0.76 -7.16
N ILE B 467 -7.01 0.52 -7.10
CA ILE B 467 -6.66 1.42 -6.02
C ILE B 467 -7.94 1.73 -5.26
N ARG B 468 -7.97 1.37 -3.98
CA ARG B 468 -9.18 1.38 -3.17
C ARG B 468 -9.38 2.78 -2.60
N ILE B 469 -10.17 3.59 -3.30
CA ILE B 469 -10.65 4.86 -2.79
C ILE B 469 -12.14 4.92 -3.07
N GLY B 470 -12.93 5.13 -2.02
CA GLY B 470 -14.37 5.27 -2.14
C GLY B 470 -15.07 4.38 -1.14
N PHE B 471 -16.33 4.09 -1.42
CA PHE B 471 -17.18 3.34 -0.51
C PHE B 471 -17.94 2.28 -1.28
N PRO B 472 -18.05 1.07 -0.75
CA PRO B 472 -17.42 0.60 0.49
C PRO B 472 -16.10 -0.12 0.25
N ILE B 473 -15.25 -0.16 1.26
CA ILE B 473 -13.98 -0.88 1.21
C ILE B 473 -14.08 -1.99 2.25
N PHE B 474 -14.22 -3.23 1.79
CA PHE B 474 -14.42 -4.36 2.67
C PHE B 474 -13.18 -5.22 2.86
N ASP B 475 -12.26 -5.23 1.90
CA ASP B 475 -11.17 -6.19 1.89
C ASP B 475 -9.87 -5.59 2.40
N ARG B 476 -9.90 -4.35 2.87
CA ARG B 476 -8.75 -3.72 3.52
C ARG B 476 -9.23 -3.16 4.85
N HIS B 477 -8.29 -2.98 5.77
CA HIS B 477 -8.61 -2.54 7.11
C HIS B 477 -8.26 -1.07 7.29
N HIS B 478 -9.18 -0.33 7.93
CA HIS B 478 -8.96 0.99 8.48
C HIS B 478 -8.74 2.05 7.41
N LEU B 479 -9.11 1.78 6.17
CA LEU B 479 -9.03 2.83 5.16
C LEU B 479 -10.13 3.87 5.35
N HIS B 480 -11.15 3.54 6.14
CA HIS B 480 -12.20 4.51 6.45
C HIS B 480 -11.67 5.68 7.27
N ARG B 481 -10.52 5.52 7.93
CA ARG B 481 -9.90 6.59 8.69
C ARG B 481 -9.17 7.59 7.82
N SER B 482 -9.02 7.30 6.52
CA SER B 482 -8.28 8.17 5.62
C SER B 482 -9.03 9.47 5.36
N THR B 483 -8.36 10.37 4.66
CA THR B 483 -8.90 11.66 4.25
C THR B 483 -8.83 11.80 2.74
N THR B 484 -9.85 12.37 2.15
CA THR B 484 -9.85 12.70 0.73
C THR B 484 -10.07 14.17 0.45
N LEU B 485 -10.50 14.95 1.44
CA LEU B 485 -10.82 16.36 1.24
C LEU B 485 -9.62 17.23 1.65
N GLY B 486 -9.56 18.42 1.07
CA GLY B 486 -8.56 19.39 1.48
C GLY B 486 -7.16 19.03 1.02
N TYR B 487 -6.20 19.82 1.51
CA TYR B 487 -4.81 19.57 1.16
C TYR B 487 -4.33 18.25 1.74
N GLU B 488 -4.77 17.93 2.95
CA GLU B 488 -4.36 16.67 3.59
C GLU B 488 -4.89 15.48 2.80
N GLY B 489 -6.15 15.56 2.37
CA GLY B 489 -6.73 14.48 1.59
C GLY B 489 -6.04 14.36 0.24
N ALA B 490 -5.69 15.51 -0.35
CA ALA B 490 -4.95 15.49 -1.62
C ALA B 490 -3.60 14.82 -1.43
N MET B 491 -2.92 15.10 -0.32
CA MET B 491 -1.62 14.49 -0.06
C MET B 491 -1.77 12.98 0.07
N GLN B 492 -2.79 12.54 0.82
CA GLN B 492 -3.00 11.11 1.01
C GLN B 492 -3.29 10.43 -0.33
N ILE B 493 -4.16 11.04 -1.15
CA ILE B 493 -4.52 10.45 -2.43
C ILE B 493 -3.29 10.39 -3.34
N LEU B 494 -2.51 11.47 -3.38
CA LEU B 494 -1.33 11.53 -4.23
C LEU B 494 -0.35 10.44 -3.81
N THR B 495 -0.12 10.29 -2.51
CA THR B 495 0.80 9.28 -2.00
C THR B 495 0.33 7.90 -2.43
N THR B 496 -0.96 7.62 -2.23
CA THR B 496 -1.51 6.33 -2.62
C THR B 496 -1.28 6.08 -4.10
N LEU B 497 -1.57 7.08 -4.94
CA LEU B 497 -1.47 6.88 -6.39
C LEU B 497 -0.02 6.62 -6.79
N VAL B 498 0.89 7.48 -6.36
CA VAL B 498 2.27 7.37 -6.84
C VAL B 498 2.90 6.08 -6.32
N ASN B 499 2.58 5.70 -5.09
CA ASN B 499 3.19 4.50 -4.56
C ASN B 499 2.55 3.25 -5.16
N SER B 500 1.27 3.32 -5.57
CA SER B 500 0.69 2.22 -6.32
C SER B 500 1.39 2.05 -7.66
N ILE B 501 1.68 3.17 -8.34
CA ILE B 501 2.40 3.11 -9.62
C ILE B 501 3.78 2.49 -9.41
N LEU B 502 4.48 2.94 -8.37
CA LEU B 502 5.84 2.48 -8.13
C LEU B 502 5.86 1.02 -7.68
N GLU B 503 4.85 0.64 -6.88
CA GLU B 503 4.72 -0.74 -6.44
C GLU B 503 4.48 -1.66 -7.63
N ARG B 504 3.62 -1.23 -8.56
CA ARG B 504 3.33 -2.03 -9.74
C ARG B 504 4.59 -2.17 -10.59
N LEU B 505 5.33 -1.08 -10.74
CA LEU B 505 6.58 -1.11 -11.49
C LEU B 505 7.59 -2.04 -10.84
N ASP B 506 7.68 -2.01 -9.51
CA ASP B 506 8.57 -2.92 -8.80
C ASP B 506 8.19 -4.35 -9.07
N GLU B 507 6.88 -4.65 -9.06
CA GLU B 507 6.45 -6.02 -9.32
C GLU B 507 6.81 -6.43 -10.73
N GLU B 508 6.62 -5.53 -11.71
CA GLU B 508 6.91 -5.87 -13.09
C GLU B 508 8.40 -5.98 -13.38
N THR B 509 9.26 -5.43 -12.53
CA THR B 509 10.70 -5.44 -12.76
C THR B 509 11.45 -6.30 -11.74
N ARG B 510 10.76 -7.23 -11.09
CA ARG B 510 11.37 -8.05 -10.06
C ARG B 510 12.00 -9.33 -10.62
N GLY B 511 11.83 -9.61 -11.91
CA GLY B 511 12.30 -10.85 -12.50
C GLY B 511 13.80 -10.88 -12.70
N MET B 512 14.48 -11.79 -12.03
CA MET B 512 15.94 -11.83 -12.09
C MET B 512 16.44 -12.17 -13.47
N GLN B 513 17.34 -11.33 -13.99
CA GLN B 513 18.00 -11.49 -15.29
C GLN B 513 16.99 -11.42 -16.44
N ALA B 514 15.79 -10.91 -16.16
CA ALA B 514 14.75 -10.75 -17.17
C ALA B 514 14.29 -9.31 -17.23
N THR B 515 13.78 -8.77 -16.12
CA THR B 515 13.26 -7.41 -16.08
C THR B 515 13.91 -6.61 -14.97
N ASP B 516 14.79 -7.21 -14.17
CA ASP B 516 15.36 -6.56 -13.00
C ASP B 516 16.41 -5.51 -13.34
N TYR B 517 16.74 -5.34 -14.63
CA TYR B 517 17.63 -4.25 -15.02
C TYR B 517 17.01 -2.90 -14.66
N ASN B 518 15.68 -2.82 -14.61
CA ASN B 518 14.96 -1.62 -14.24
C ASN B 518 14.46 -1.66 -12.80
N HIS B 519 14.92 -2.63 -12.01
CA HIS B 519 14.54 -2.73 -10.59
C HIS B 519 15.36 -1.73 -9.75
N ASP B 520 15.14 -0.46 -10.02
CA ASP B 520 15.99 0.58 -9.45
C ASP B 520 15.77 0.73 -7.95
N LEU B 521 16.87 0.91 -7.23
CA LEU B 521 16.79 1.28 -5.81
C LEU B 521 16.12 2.65 -5.64
N VAL B 522 16.47 3.60 -6.49
CA VAL B 522 16.01 4.98 -6.38
C VAL B 522 14.89 5.20 -7.39
N ARG B 523 13.74 5.66 -6.91
CA ARG B 523 12.61 6.02 -7.75
C ARG B 523 12.12 7.41 -7.40
N LYS C 51 41.27 23.74 -5.69
CA LYS C 51 40.59 24.38 -6.81
C LYS C 51 39.17 24.79 -6.43
N SER C 52 38.61 24.07 -5.47
CA SER C 52 37.28 24.33 -4.95
C SER C 52 37.40 25.16 -3.67
N GLN C 53 36.62 26.23 -3.59
CA GLN C 53 36.65 27.10 -2.42
C GLN C 53 36.16 26.32 -1.21
N PRO C 54 36.92 26.26 -0.11
CA PRO C 54 36.41 25.62 1.11
C PRO C 54 35.15 26.32 1.62
N GLY C 55 34.27 25.53 2.19
CA GLY C 55 33.09 26.04 2.87
C GLY C 55 32.03 26.57 1.93
N LEU C 56 31.99 26.11 0.70
CA LEU C 56 30.92 26.40 -0.24
C LEU C 56 30.18 25.12 -0.58
N MET C 57 28.88 25.24 -0.84
CA MET C 57 28.11 24.07 -1.23
C MET C 57 28.48 23.67 -2.64
N THR C 58 28.72 22.37 -2.85
CA THR C 58 28.87 21.83 -4.19
C THR C 58 28.52 20.35 -4.18
N ILE C 59 27.99 19.85 -5.31
CA ILE C 59 27.69 18.43 -5.43
C ILE C 59 28.87 17.65 -5.99
N ARG C 60 29.99 18.32 -6.20
CA ARG C 60 31.20 17.73 -6.77
C ARG C 60 31.67 16.51 -5.97
N GLY C 61 31.97 15.42 -6.67
CA GLY C 61 32.35 14.18 -6.02
C GLY C 61 33.86 14.07 -5.83
N CYS C 62 34.27 12.93 -5.28
CA CYS C 62 35.66 12.65 -5.00
C CYS C 62 36.27 11.68 -6.03
N ALA C 63 37.53 11.33 -5.81
CA ALA C 63 38.20 10.39 -6.69
C ALA C 63 37.57 9.00 -6.59
N TYR C 64 37.12 8.62 -5.39
CA TYR C 64 36.48 7.33 -5.21
C TYR C 64 35.18 7.26 -6.02
N ALA C 65 34.41 8.33 -6.00
CA ALA C 65 33.18 8.39 -6.78
C ALA C 65 33.48 8.25 -8.26
N GLY C 66 34.55 8.91 -8.73
CA GLY C 66 34.91 8.82 -10.13
C GLY C 66 35.41 7.45 -10.53
N SER C 67 36.08 6.76 -9.62
CA SER C 67 36.68 5.46 -9.93
C SER C 67 35.69 4.34 -9.65
N LYS C 68 35.23 4.21 -8.40
CA LYS C 68 34.31 3.13 -8.06
C LYS C 68 32.94 3.38 -8.67
N GLY C 69 32.44 4.61 -8.53
CA GLY C 69 31.07 4.89 -8.92
C GLY C 69 30.87 4.90 -10.42
N VAL C 70 31.89 5.33 -11.17
CA VAL C 70 31.76 5.60 -12.59
C VAL C 70 32.44 4.51 -13.43
N VAL C 71 33.72 4.26 -13.18
CA VAL C 71 34.50 3.41 -14.09
C VAL C 71 34.41 1.95 -13.70
N TRP C 72 34.71 1.61 -12.44
CA TRP C 72 34.85 0.20 -12.06
C TRP C 72 33.52 -0.42 -11.72
N GLY C 73 32.66 0.31 -11.01
CA GLY C 73 31.44 -0.24 -10.44
C GLY C 73 30.49 -0.86 -11.45
N PRO C 74 30.26 -0.23 -12.61
CA PRO C 74 29.38 -0.85 -13.63
C PRO C 74 29.90 -2.16 -14.21
N ILE C 75 31.11 -2.61 -13.90
CA ILE C 75 31.61 -3.84 -14.51
C ILE C 75 30.94 -4.98 -13.75
N LYS C 76 30.02 -5.67 -14.43
CA LYS C 76 29.05 -6.52 -13.76
C LYS C 76 29.66 -7.77 -13.16
N ASP C 77 30.66 -8.38 -13.81
CA ASP C 77 31.09 -9.70 -13.39
C ASP C 77 32.28 -9.63 -12.43
N MET C 78 32.70 -8.43 -12.07
CA MET C 78 33.77 -8.23 -11.09
C MET C 78 33.14 -7.79 -9.78
N ILE C 79 33.78 -8.14 -8.67
CA ILE C 79 33.37 -7.66 -7.36
C ILE C 79 34.26 -6.49 -6.96
N HIS C 80 33.64 -5.36 -6.64
CA HIS C 80 34.34 -4.13 -6.27
C HIS C 80 34.23 -3.92 -4.77
N ILE C 81 35.37 -3.91 -4.08
CA ILE C 81 35.42 -3.73 -2.64
C ILE C 81 35.66 -2.27 -2.33
N SER C 82 34.71 -1.64 -1.64
CA SER C 82 34.89 -0.29 -1.11
C SER C 82 35.78 -0.38 0.12
N HIS C 83 37.10 -0.28 -0.09
CA HIS C 83 38.07 -0.55 0.96
C HIS C 83 38.14 0.62 1.93
N GLY C 84 37.72 0.40 3.17
CA GLY C 84 37.72 1.43 4.18
C GLY C 84 36.49 1.41 5.04
N PRO C 85 36.15 2.55 5.64
CA PRO C 85 34.94 2.63 6.46
C PRO C 85 33.67 2.52 5.63
N VAL C 86 32.56 2.29 6.34
CA VAL C 86 31.31 1.84 5.73
C VAL C 86 30.63 2.90 4.87
N GLY C 87 30.88 4.18 5.13
CA GLY C 87 30.06 5.23 4.53
C GLY C 87 30.05 5.23 3.02
N CYS C 88 31.24 5.21 2.40
CA CYS C 88 31.34 5.50 0.97
C CYS C 88 30.58 4.47 0.15
N GLY C 89 30.80 3.19 0.45
CA GLY C 89 30.10 2.14 -0.28
C GLY C 89 28.59 2.22 -0.10
N GLN C 90 28.16 2.56 1.12
CA GLN C 90 26.72 2.62 1.37
C GLN C 90 26.08 3.75 0.58
N TYR C 91 26.72 4.92 0.55
CA TYR C 91 26.13 6.04 -0.16
C TYR C 91 26.18 5.82 -1.66
N SER C 92 27.19 5.09 -2.14
CA SER C 92 27.33 4.86 -3.58
C SER C 92 26.59 3.62 -4.05
N ARG C 93 26.00 2.84 -3.14
CA ARG C 93 25.41 1.56 -3.51
C ARG C 93 24.19 1.77 -4.40
N ALA C 94 24.24 1.25 -5.62
CA ALA C 94 23.11 1.28 -6.54
C ALA C 94 22.65 2.72 -6.80
N GLY C 95 23.57 3.66 -6.67
CA GLY C 95 23.24 5.07 -6.79
C GLY C 95 23.20 5.57 -8.22
N ARG C 96 23.90 4.89 -9.12
CA ARG C 96 23.94 5.27 -10.52
C ARG C 96 23.22 4.20 -11.33
N ARG C 97 22.43 4.63 -12.30
CA ARG C 97 21.60 3.70 -13.08
C ARG C 97 22.37 3.12 -14.26
N ASN C 98 23.47 2.44 -13.95
CA ASN C 98 24.30 1.80 -14.96
C ASN C 98 23.72 0.41 -15.19
N TYR C 99 22.87 0.30 -16.20
CA TYR C 99 22.10 -0.92 -16.43
C TYR C 99 22.98 -2.07 -16.92
N TYR C 100 22.66 -3.26 -16.45
CA TYR C 100 23.39 -4.47 -16.81
C TYR C 100 22.43 -5.64 -16.84
N ILE C 101 22.86 -6.74 -17.46
CA ILE C 101 22.13 -8.00 -17.47
C ILE C 101 22.95 -9.01 -16.68
N GLY C 102 22.32 -9.63 -15.69
CA GLY C 102 22.96 -10.70 -14.96
C GLY C 102 22.12 -11.12 -13.78
N THR C 103 22.62 -12.13 -13.08
CA THR C 103 21.99 -12.65 -11.87
C THR C 103 22.76 -12.05 -10.70
N THR C 104 22.15 -11.05 -10.06
CA THR C 104 22.85 -10.29 -9.02
C THR C 104 23.12 -11.19 -7.84
N GLY C 105 24.38 -11.19 -7.39
CA GLY C 105 24.81 -11.99 -6.27
C GLY C 105 25.27 -13.39 -6.64
N VAL C 106 25.25 -13.74 -7.92
CA VAL C 106 25.72 -15.03 -8.37
C VAL C 106 26.82 -14.82 -9.41
N ASN C 107 26.47 -14.17 -10.52
CA ASN C 107 27.44 -13.91 -11.58
C ASN C 107 27.62 -12.43 -11.84
N ALA C 108 26.81 -11.57 -11.21
CA ALA C 108 26.86 -10.13 -11.41
C ALA C 108 26.71 -9.49 -10.05
N PHE C 109 27.31 -8.30 -9.88
CA PHE C 109 27.42 -7.76 -8.53
C PHE C 109 27.24 -6.24 -8.46
N VAL C 110 26.64 -5.61 -9.48
CA VAL C 110 26.73 -4.16 -9.63
C VAL C 110 26.05 -3.46 -8.46
N THR C 111 24.83 -3.88 -8.13
CA THR C 111 24.02 -3.15 -7.15
C THR C 111 24.38 -3.51 -5.72
N MET C 112 25.31 -4.43 -5.51
CA MET C 112 25.73 -4.84 -4.19
C MET C 112 26.82 -3.90 -3.68
N ASN C 113 26.91 -3.79 -2.36
CA ASN C 113 27.96 -2.99 -1.72
C ASN C 113 28.88 -3.95 -0.97
N PHE C 114 30.08 -4.19 -1.51
CA PHE C 114 31.09 -4.96 -0.83
C PHE C 114 32.06 -3.98 -0.17
N THR C 115 32.29 -4.16 1.13
CA THR C 115 33.18 -3.24 1.85
C THR C 115 33.94 -4.01 2.93
N SER C 116 35.10 -3.46 3.29
CA SER C 116 35.87 -3.96 4.42
C SER C 116 35.35 -3.43 5.75
N ASP C 117 34.54 -2.38 5.73
CA ASP C 117 33.88 -1.85 6.93
C ASP C 117 34.89 -1.57 8.05
N PHE C 118 35.82 -0.66 7.75
CA PHE C 118 36.93 -0.40 8.64
C PHE C 118 36.44 0.06 10.01
N GLN C 119 37.00 -0.53 11.06
CA GLN C 119 36.81 -0.09 12.42
C GLN C 119 38.09 0.59 12.92
N GLU C 120 38.07 0.99 14.19
CA GLU C 120 39.20 1.73 14.73
C GLU C 120 40.49 0.90 14.71
N LYS C 121 40.40 -0.39 15.05
CA LYS C 121 41.58 -1.24 15.03
C LYS C 121 42.17 -1.33 13.63
N ASP C 122 41.33 -1.30 12.60
CA ASP C 122 41.83 -1.33 11.23
C ASP C 122 42.60 -0.05 10.92
N ILE C 123 42.13 1.08 11.44
CA ILE C 123 42.82 2.34 11.23
C ILE C 123 44.17 2.32 11.94
N VAL C 124 44.18 1.84 13.19
CA VAL C 124 45.38 1.92 14.01
C VAL C 124 46.44 0.95 13.50
N PHE C 125 46.05 -0.29 13.20
CA PHE C 125 46.99 -1.35 12.89
C PHE C 125 47.03 -1.71 11.40
N GLY C 126 46.31 -0.98 10.56
CA GLY C 126 46.29 -1.26 9.14
C GLY C 126 45.26 -2.31 8.76
N GLY C 127 44.94 -2.36 7.47
CA GLY C 127 43.90 -3.23 6.99
C GLY C 127 44.31 -4.21 5.92
N ASP C 128 45.61 -4.49 5.82
CA ASP C 128 46.09 -5.40 4.78
C ASP C 128 45.71 -6.85 5.10
N LYS C 129 45.86 -7.25 6.36
CA LYS C 129 45.47 -8.60 6.75
C LYS C 129 43.97 -8.77 6.57
N LYS C 130 43.20 -7.75 6.95
CA LYS C 130 41.77 -7.78 6.77
C LYS C 130 41.44 -7.88 5.29
N LEU C 131 42.19 -7.17 4.43
CA LEU C 131 41.91 -7.20 3.00
C LEU C 131 42.16 -8.59 2.42
N ALA C 132 43.24 -9.25 2.86
CA ALA C 132 43.51 -10.60 2.39
C ALA C 132 42.40 -11.56 2.84
N LYS C 133 41.99 -11.45 4.10
CA LYS C 133 40.93 -12.32 4.59
C LYS C 133 39.64 -12.05 3.85
N LEU C 134 39.38 -10.78 3.53
CA LEU C 134 38.17 -10.40 2.81
C LEU C 134 38.18 -11.03 1.43
N ILE C 135 39.33 -11.00 0.77
CA ILE C 135 39.42 -11.58 -0.57
C ILE C 135 39.13 -13.07 -0.51
N ASP C 136 39.66 -13.75 0.51
CA ASP C 136 39.36 -15.16 0.68
C ASP C 136 37.86 -15.38 0.88
N GLU C 137 37.22 -14.53 1.69
CA GLU C 137 35.79 -14.70 1.95
C GLU C 137 34.98 -14.45 0.68
N VAL C 138 35.41 -13.47 -0.13
CA VAL C 138 34.74 -13.19 -1.39
C VAL C 138 34.82 -14.40 -2.29
N GLU C 139 36.02 -15.01 -2.36
CA GLU C 139 36.19 -16.19 -3.19
C GLU C 139 35.26 -17.32 -2.72
N THR C 140 35.15 -17.50 -1.40
CA THR C 140 34.31 -18.57 -0.88
C THR C 140 32.84 -18.33 -1.19
N LEU C 141 32.35 -17.11 -0.98
CA LEU C 141 30.91 -16.87 -1.01
C LEU C 141 30.39 -16.47 -2.38
N PHE C 142 31.25 -16.01 -3.27
CA PHE C 142 30.88 -15.57 -4.61
C PHE C 142 31.83 -16.23 -5.60
N PRO C 143 31.73 -17.55 -5.77
CA PRO C 143 32.69 -18.27 -6.61
C PRO C 143 32.63 -17.92 -8.09
N LEU C 144 31.56 -17.32 -8.57
CA LEU C 144 31.46 -17.01 -9.99
C LEU C 144 31.95 -15.62 -10.35
N ASN C 145 32.56 -14.91 -9.42
CA ASN C 145 33.15 -13.62 -9.76
C ASN C 145 34.34 -13.84 -10.69
N LYS C 146 34.50 -12.95 -11.66
CA LYS C 146 35.57 -13.07 -12.65
C LYS C 146 36.70 -12.08 -12.40
N GLY C 147 36.75 -11.49 -11.22
CA GLY C 147 37.77 -10.54 -10.84
C GLY C 147 37.33 -9.70 -9.68
N ILE C 148 38.30 -9.11 -9.01
CA ILE C 148 38.05 -8.26 -7.85
C ILE C 148 38.79 -6.95 -8.04
N SER C 149 38.13 -5.84 -7.78
CA SER C 149 38.77 -4.54 -7.67
C SER C 149 38.75 -4.11 -6.20
N VAL C 150 39.78 -3.40 -5.78
CA VAL C 150 39.90 -2.85 -4.44
C VAL C 150 39.95 -1.34 -4.60
N GLN C 151 38.84 -0.66 -4.35
CA GLN C 151 38.74 0.78 -4.50
C GLN C 151 39.07 1.44 -3.16
N SER C 152 40.19 2.16 -3.10
CA SER C 152 40.61 2.74 -1.82
C SER C 152 39.74 3.93 -1.46
N GLU C 153 39.25 3.94 -0.22
CA GLU C 153 38.65 5.14 0.35
C GLU C 153 39.74 5.94 1.04
N CYS C 154 39.37 7.11 1.57
CA CYS C 154 40.34 8.05 2.13
C CYS C 154 41.33 7.43 3.12
N PRO C 155 40.91 6.71 4.16
CA PRO C 155 41.89 6.28 5.17
C PRO C 155 42.95 5.35 4.63
N ILE C 156 42.67 4.68 3.50
CA ILE C 156 43.63 3.72 2.97
C ILE C 156 44.90 4.45 2.58
N GLY C 157 44.75 5.66 2.04
CA GLY C 157 45.91 6.42 1.59
C GLY C 157 46.69 7.09 2.69
N LEU C 158 46.16 7.08 3.92
CA LEU C 158 46.74 7.87 5.00
C LEU C 158 47.35 7.02 6.10
N ILE C 159 46.96 5.75 6.21
CA ILE C 159 47.48 4.86 7.24
C ILE C 159 48.60 3.98 6.71
N GLY C 160 49.02 4.19 5.47
CA GLY C 160 50.13 3.47 4.89
C GLY C 160 49.84 2.03 4.53
N ASP C 161 48.58 1.72 4.23
CA ASP C 161 48.23 0.38 3.74
C ASP C 161 48.80 0.17 2.35
N ASP C 162 49.29 -1.04 2.09
CA ASP C 162 49.83 -1.42 0.79
C ASP C 162 48.85 -2.39 0.14
N ILE C 163 47.88 -1.86 -0.59
CA ILE C 163 46.90 -2.73 -1.24
C ILE C 163 47.51 -3.41 -2.46
N GLU C 164 48.55 -2.82 -3.05
CA GLU C 164 49.16 -3.40 -4.24
C GLU C 164 49.79 -4.76 -3.92
N SER C 165 50.51 -4.85 -2.80
CA SER C 165 51.16 -6.11 -2.46
C SER C 165 50.14 -7.18 -2.16
N VAL C 166 49.09 -6.83 -1.41
CA VAL C 166 48.05 -7.80 -1.09
C VAL C 166 47.36 -8.26 -2.37
N SER C 167 47.07 -7.31 -3.27
CA SER C 167 46.43 -7.63 -4.54
C SER C 167 47.30 -8.61 -5.34
N LYS C 168 48.59 -8.32 -5.43
CA LYS C 168 49.50 -9.17 -6.19
C LYS C 168 49.55 -10.57 -5.60
N VAL C 169 49.70 -10.66 -4.28
CA VAL C 169 49.87 -11.95 -3.61
C VAL C 169 48.60 -12.78 -3.80
N LYS C 170 47.46 -12.18 -3.49
CA LYS C 170 46.20 -12.93 -3.56
C LYS C 170 45.84 -13.27 -5.00
N GLY C 171 46.18 -12.39 -5.95
CA GLY C 171 45.93 -12.68 -7.36
C GLY C 171 46.78 -13.85 -7.83
N ALA C 172 48.05 -13.89 -7.42
CA ALA C 172 48.90 -15.01 -7.79
C ALA C 172 48.40 -16.29 -7.15
N GLU C 173 47.94 -16.20 -5.89
CA GLU C 173 47.51 -17.40 -5.17
C GLU C 173 46.24 -17.96 -5.78
N LEU C 174 45.27 -17.11 -6.10
CA LEU C 174 43.96 -17.54 -6.55
C LEU C 174 43.82 -17.55 -8.07
N SER C 175 44.86 -17.15 -8.80
CA SER C 175 44.83 -17.07 -10.25
C SER C 175 43.70 -16.17 -10.72
N LYS C 176 43.50 -15.06 -10.01
CA LYS C 176 42.40 -14.15 -10.26
C LYS C 176 42.95 -12.74 -10.45
N THR C 177 42.29 -11.96 -11.30
CA THR C 177 42.66 -10.58 -11.50
C THR C 177 42.17 -9.75 -10.31
N ILE C 178 43.10 -9.20 -9.53
CA ILE C 178 42.76 -8.28 -8.45
C ILE C 178 43.40 -6.94 -8.79
N VAL C 179 42.56 -5.92 -8.95
CA VAL C 179 43.00 -4.60 -9.38
C VAL C 179 43.03 -3.68 -8.17
N PRO C 180 44.20 -3.24 -7.69
CA PRO C 180 44.24 -2.22 -6.65
C PRO C 180 44.08 -0.84 -7.26
N VAL C 181 43.08 -0.08 -6.80
CA VAL C 181 42.85 1.28 -7.26
C VAL C 181 43.11 2.23 -6.11
N ARG C 182 44.09 3.11 -6.31
CA ARG C 182 44.43 4.18 -5.35
C ARG C 182 43.55 5.39 -5.63
N CYS C 183 42.28 5.26 -5.27
CA CYS C 183 41.26 6.24 -5.62
C CYS C 183 40.80 7.06 -4.42
N GLU C 184 41.68 7.25 -3.44
CA GLU C 184 41.28 7.86 -2.18
C GLU C 184 40.63 9.21 -2.41
N GLY C 185 39.51 9.45 -1.72
CA GLY C 185 38.67 10.59 -2.01
C GLY C 185 39.39 11.93 -1.97
N PHE C 186 40.37 12.08 -1.08
CA PHE C 186 41.06 13.35 -0.96
C PHE C 186 42.00 13.65 -2.12
N ARG C 187 42.28 12.67 -2.98
CA ARG C 187 43.16 12.93 -4.12
C ARG C 187 42.46 13.82 -5.13
N GLY C 188 43.21 14.79 -5.65
CA GLY C 188 42.69 15.70 -6.65
C GLY C 188 41.61 16.59 -6.07
N VAL C 189 40.74 17.08 -6.96
CA VAL C 189 39.77 18.08 -6.56
C VAL C 189 38.37 17.63 -6.95
N SER C 190 38.28 16.59 -7.77
CA SER C 190 37.02 16.19 -8.37
C SER C 190 37.09 14.72 -8.75
N GLN C 191 35.95 14.20 -9.21
CA GLN C 191 35.90 12.87 -9.79
C GLN C 191 36.86 12.67 -10.96
N SER C 192 37.40 13.75 -11.54
CA SER C 192 38.22 13.63 -12.75
C SER C 192 39.49 12.83 -12.47
N LEU C 193 40.15 13.11 -11.36
CA LEU C 193 41.34 12.35 -11.02
C LEU C 193 40.96 10.91 -10.72
N GLY C 194 39.76 10.70 -10.18
CA GLY C 194 39.28 9.33 -9.98
C GLY C 194 39.15 8.59 -11.29
N HIS C 195 38.60 9.26 -12.32
CA HIS C 195 38.55 8.68 -13.65
C HIS C 195 39.94 8.31 -14.12
N HIS C 196 40.89 9.23 -13.94
CA HIS C 196 42.26 8.99 -14.42
C HIS C 196 42.87 7.79 -13.71
N ILE C 197 42.70 7.72 -12.38
CA ILE C 197 43.29 6.63 -11.60
C ILE C 197 42.66 5.30 -12.02
N ALA C 198 41.34 5.29 -12.19
CA ALA C 198 40.63 4.08 -12.60
C ALA C 198 41.10 3.62 -13.97
N ASN C 199 41.30 4.57 -14.89
CA ASN C 199 41.79 4.23 -16.23
C ASN C 199 43.20 3.66 -16.15
N ASP C 200 44.05 4.25 -15.31
CA ASP C 200 45.40 3.72 -15.16
C ASP C 200 45.37 2.31 -14.61
N ALA C 201 44.45 2.05 -13.67
CA ALA C 201 44.31 0.70 -13.12
C ALA C 201 43.86 -0.26 -14.21
N VAL C 202 42.89 0.16 -15.03
CA VAL C 202 42.42 -0.67 -16.14
C VAL C 202 43.60 -1.03 -17.04
N ARG C 203 44.38 -0.02 -17.41
CA ARG C 203 45.51 -0.24 -18.31
C ARG C 203 46.52 -1.19 -17.70
N ASP C 204 46.83 -1.01 -16.41
CA ASP C 204 47.92 -1.73 -15.79
C ASP C 204 47.55 -3.17 -15.43
N TRP C 205 46.27 -3.45 -15.18
CA TRP C 205 45.89 -4.73 -14.60
C TRP C 205 44.97 -5.58 -15.46
N VAL C 206 44.20 -4.99 -16.37
CA VAL C 206 43.17 -5.70 -17.12
C VAL C 206 43.41 -5.62 -18.63
N LEU C 207 43.71 -4.42 -19.14
CA LEU C 207 43.67 -4.18 -20.58
C LEU C 207 44.67 -5.05 -21.33
N GLY C 208 45.84 -5.27 -20.75
CA GLY C 208 46.90 -6.03 -21.40
C GLY C 208 46.87 -7.52 -21.16
N LYS C 209 45.77 -8.06 -20.61
CA LYS C 209 45.75 -9.45 -20.17
C LYS C 209 45.82 -10.43 -21.35
N ARG C 210 45.36 -10.02 -22.53
CA ARG C 210 45.37 -10.90 -23.70
C ARG C 210 46.33 -10.42 -24.78
N ASP C 211 47.44 -9.80 -24.37
CA ASP C 211 48.41 -9.29 -25.34
C ASP C 211 49.03 -10.43 -26.14
N GLU C 212 49.35 -11.54 -25.48
CA GLU C 212 50.00 -12.67 -26.12
C GLU C 212 48.99 -13.69 -26.65
N ASP C 213 47.70 -13.44 -26.47
CA ASP C 213 46.65 -14.32 -26.92
C ASP C 213 46.22 -13.91 -28.32
N THR C 214 46.15 -14.88 -29.23
CA THR C 214 45.75 -14.61 -30.60
C THR C 214 44.58 -15.49 -31.04
N THR C 215 43.82 -16.03 -30.10
CA THR C 215 42.74 -16.96 -30.42
C THR C 215 41.44 -16.28 -30.78
N PHE C 216 41.32 -14.97 -30.53
CA PHE C 216 40.08 -14.25 -30.81
C PHE C 216 39.97 -13.98 -32.31
N ALA C 217 38.90 -14.45 -32.92
CA ALA C 217 38.66 -14.21 -34.35
C ALA C 217 38.17 -12.79 -34.54
N SER C 218 38.96 -12.00 -35.25
CA SER C 218 38.65 -10.59 -35.51
C SER C 218 38.09 -10.40 -36.90
N THR C 219 37.23 -9.40 -37.04
CA THR C 219 36.66 -8.97 -38.30
C THR C 219 37.02 -7.50 -38.53
N PRO C 220 37.00 -7.04 -39.78
CA PRO C 220 37.29 -5.61 -40.04
C PRO C 220 36.26 -4.65 -39.46
N TYR C 221 35.12 -5.12 -38.99
CA TYR C 221 34.08 -4.25 -38.45
C TYR C 221 34.01 -4.34 -36.92
N ASP C 222 35.15 -4.53 -36.27
CA ASP C 222 35.18 -4.68 -34.82
C ASP C 222 35.37 -3.33 -34.16
N VAL C 223 34.44 -2.98 -33.28
CA VAL C 223 34.48 -1.73 -32.54
C VAL C 223 34.33 -2.05 -31.06
N ALA C 224 34.82 -1.14 -30.24
CA ALA C 224 34.55 -1.13 -28.81
C ALA C 224 33.85 0.18 -28.46
N ILE C 225 32.79 0.09 -27.67
CA ILE C 225 32.18 1.28 -27.10
C ILE C 225 32.79 1.49 -25.72
N ILE C 226 33.44 2.63 -25.54
CA ILE C 226 34.20 2.93 -24.34
C ILE C 226 33.58 4.16 -23.70
N GLY C 227 33.47 4.13 -22.37
CA GLY C 227 33.00 5.28 -21.63
C GLY C 227 31.51 5.50 -21.70
N ASP C 228 30.75 4.50 -22.13
CA ASP C 228 29.31 4.53 -22.03
C ASP C 228 28.92 3.74 -20.79
N TYR C 229 28.27 4.42 -19.85
CA TYR C 229 27.96 3.80 -18.57
C TYR C 229 26.55 3.22 -18.56
N ASN C 230 25.89 3.21 -19.72
CA ASN C 230 24.60 2.54 -19.90
C ASN C 230 23.56 3.07 -18.91
N ILE C 231 23.51 4.39 -18.79
CA ILE C 231 22.53 5.01 -17.92
C ILE C 231 21.15 4.82 -18.51
N GLY C 232 20.29 4.12 -17.78
CA GLY C 232 18.97 3.78 -18.27
C GLY C 232 19.02 2.98 -19.56
N GLY C 233 20.10 2.25 -19.79
CA GLY C 233 20.25 1.48 -21.01
C GLY C 233 20.72 2.29 -22.20
N ASP C 234 21.30 3.47 -21.97
CA ASP C 234 21.74 4.33 -23.07
C ASP C 234 22.70 3.59 -24.00
N ALA C 235 23.65 2.84 -23.44
CA ALA C 235 24.62 2.14 -24.27
C ALA C 235 23.92 1.10 -25.13
N TRP C 236 22.95 0.39 -24.56
CA TRP C 236 22.22 -0.60 -25.35
C TRP C 236 21.53 0.09 -26.52
N SER C 237 20.91 1.25 -26.27
CA SER C 237 20.22 1.96 -27.34
C SER C 237 21.20 2.41 -28.40
N SER C 238 22.45 2.67 -28.00
CA SER C 238 23.47 2.98 -29.00
C SER C 238 23.91 1.72 -29.72
N ARG C 239 24.12 0.64 -28.97
CA ARG C 239 24.75 -0.54 -29.53
C ARG C 239 23.92 -1.14 -30.66
N ILE C 240 22.60 -1.18 -30.48
CA ILE C 240 21.72 -1.75 -31.50
C ILE C 240 21.92 -1.02 -32.83
N LEU C 241 22.08 0.30 -32.79
CA LEU C 241 22.28 1.04 -34.04
C LEU C 241 23.59 0.62 -34.67
N LEU C 242 24.63 0.48 -33.85
CA LEU C 242 25.92 0.08 -34.39
C LEU C 242 25.82 -1.31 -34.98
N GLU C 243 25.04 -2.19 -34.34
CA GLU C 243 24.92 -3.54 -34.85
C GLU C 243 24.06 -3.53 -36.11
N GLU C 244 23.10 -2.62 -36.21
CA GLU C 244 22.26 -2.56 -37.40
C GLU C 244 23.03 -2.02 -38.58
N MET C 245 24.08 -1.25 -38.33
CA MET C 245 24.95 -0.70 -39.35
C MET C 245 25.92 -1.72 -39.91
N GLY C 246 25.97 -2.92 -39.33
CA GLY C 246 26.85 -3.98 -39.76
C GLY C 246 28.10 -4.15 -38.90
N LEU C 247 28.32 -3.26 -37.94
CA LEU C 247 29.49 -3.39 -37.09
C LEU C 247 29.27 -4.44 -36.01
N ARG C 248 30.37 -4.97 -35.49
CA ARG C 248 30.35 -5.92 -34.39
C ARG C 248 30.95 -5.24 -33.16
N CYS C 249 30.12 -4.97 -32.17
CA CYS C 249 30.57 -4.35 -30.93
C CYS C 249 31.20 -5.42 -30.06
N VAL C 250 32.51 -5.58 -30.20
CA VAL C 250 33.23 -6.62 -29.46
C VAL C 250 33.26 -6.27 -27.97
N ALA C 251 33.52 -5.02 -27.64
CA ALA C 251 33.69 -4.61 -26.25
C ALA C 251 32.72 -3.47 -25.96
N GLN C 252 32.12 -3.50 -24.78
CA GLN C 252 31.32 -2.40 -24.28
C GLN C 252 31.51 -2.30 -22.78
N TRP C 253 32.13 -1.20 -22.33
CA TRP C 253 32.38 -0.98 -20.92
C TRP C 253 32.46 0.53 -20.67
N SER C 254 32.12 0.94 -19.46
CA SER C 254 31.84 0.13 -18.28
C SER C 254 30.39 -0.35 -18.20
N GLY C 255 29.48 0.41 -18.79
CA GLY C 255 28.06 0.10 -18.69
C GLY C 255 27.74 -1.27 -19.27
N ASP C 256 27.16 -2.14 -18.43
CA ASP C 256 26.89 -3.54 -18.80
C ASP C 256 28.17 -4.21 -19.29
N GLY C 257 29.29 -3.84 -18.67
CA GLY C 257 30.58 -4.32 -19.10
C GLY C 257 31.01 -5.56 -18.34
N SER C 258 31.74 -6.42 -19.04
CA SER C 258 32.37 -7.58 -18.43
C SER C 258 33.88 -7.43 -18.53
N ILE C 259 34.60 -8.14 -17.67
CA ILE C 259 36.05 -8.06 -17.68
C ILE C 259 36.60 -8.62 -18.98
N SER C 260 35.95 -9.65 -19.54
CA SER C 260 36.40 -10.20 -20.82
C SER C 260 36.30 -9.16 -21.92
N GLU C 261 35.29 -8.30 -21.88
CA GLU C 261 35.14 -7.27 -22.90
C GLU C 261 36.26 -6.25 -22.80
N ILE C 262 36.68 -5.92 -21.58
CA ILE C 262 37.79 -5.00 -21.41
C ILE C 262 39.05 -5.66 -21.95
N GLU C 263 39.23 -6.95 -21.65
CA GLU C 263 40.43 -7.64 -22.10
C GLU C 263 40.45 -7.76 -23.63
N LEU C 264 39.27 -7.84 -24.24
CA LEU C 264 39.13 -7.97 -25.69
C LEU C 264 39.19 -6.64 -26.42
N THR C 265 39.10 -5.53 -25.69
CA THR C 265 39.11 -4.21 -26.33
C THR C 265 40.31 -3.98 -27.24
N PRO C 266 41.56 -4.35 -26.88
CA PRO C 266 42.69 -4.14 -27.80
C PRO C 266 42.63 -4.93 -29.10
N LYS C 267 41.61 -5.77 -29.29
CA LYS C 267 41.48 -6.55 -30.50
C LYS C 267 40.55 -5.93 -31.53
N VAL C 268 39.96 -4.77 -31.23
CA VAL C 268 38.95 -4.16 -32.09
C VAL C 268 39.62 -3.27 -33.14
N LYS C 269 38.84 -2.83 -34.12
CA LYS C 269 39.37 -1.95 -35.16
C LYS C 269 39.15 -0.48 -34.82
N LEU C 270 38.09 -0.16 -34.08
CA LEU C 270 37.79 1.22 -33.77
C LEU C 270 37.34 1.33 -32.33
N ASN C 271 37.68 2.45 -31.68
CA ASN C 271 37.24 2.73 -30.32
C ASN C 271 36.29 3.93 -30.37
N LEU C 272 35.01 3.68 -30.12
CA LEU C 272 34.02 4.73 -30.09
C LEU C 272 33.86 5.16 -28.64
N VAL C 273 34.23 6.40 -28.33
CA VAL C 273 34.27 6.89 -26.97
C VAL C 273 33.06 7.78 -26.73
N HIS C 274 32.27 7.45 -25.72
CA HIS C 274 31.09 8.28 -25.49
C HIS C 274 31.45 9.42 -24.54
N CYS C 275 32.16 9.10 -23.46
CA CYS C 275 32.47 10.06 -22.42
C CYS C 275 33.97 10.27 -22.52
N TYR C 276 34.37 11.29 -23.28
CA TYR C 276 35.79 11.50 -23.53
C TYR C 276 36.50 11.90 -22.25
N ARG C 277 35.84 12.72 -21.43
CA ARG C 277 36.44 13.26 -20.19
C ARG C 277 36.98 12.16 -19.28
N SER C 278 36.30 11.04 -19.22
CA SER C 278 36.67 9.98 -18.27
C SER C 278 37.47 8.85 -18.89
N MET C 279 37.51 8.72 -20.21
CA MET C 279 38.15 7.54 -20.80
C MET C 279 39.10 7.93 -21.93
N ASN C 280 39.48 9.21 -21.99
CA ASN C 280 40.44 9.64 -22.99
C ASN C 280 41.82 9.05 -22.69
N TYR C 281 42.14 8.84 -21.41
CA TYR C 281 43.45 8.30 -21.05
C TYR C 281 43.62 6.92 -21.67
N ILE C 282 42.63 6.04 -21.46
CA ILE C 282 42.72 4.69 -21.97
C ILE C 282 42.66 4.72 -23.49
N SER C 283 41.88 5.64 -24.07
CA SER C 283 41.78 5.69 -25.52
C SER C 283 43.13 6.04 -26.15
N ARG C 284 43.81 7.03 -25.56
CA ARG C 284 45.12 7.45 -26.05
C ARG C 284 46.12 6.31 -25.87
N HIS C 285 46.05 5.61 -24.74
CA HIS C 285 46.96 4.49 -24.50
C HIS C 285 46.76 3.43 -25.58
N MET C 286 45.50 3.12 -25.90
CA MET C 286 45.25 2.09 -26.91
C MET C 286 45.66 2.57 -28.29
N GLU C 287 45.54 3.87 -28.56
CA GLU C 287 45.96 4.42 -29.84
C GLU C 287 47.48 4.29 -30.02
N GLU C 288 48.24 4.55 -28.96
CA GLU C 288 49.70 4.40 -29.02
C GLU C 288 50.12 2.94 -29.04
N LYS C 289 49.79 2.18 -28.00
CA LYS C 289 50.28 0.80 -27.88
C LYS C 289 49.76 -0.09 -28.99
N TYR C 290 48.46 -0.07 -29.25
CA TYR C 290 47.89 -1.05 -30.18
C TYR C 290 47.58 -0.46 -31.55
N GLY C 291 47.77 0.84 -31.73
CA GLY C 291 47.44 1.46 -32.99
C GLY C 291 45.97 1.51 -33.32
N ILE C 292 45.10 1.43 -32.32
CA ILE C 292 43.65 1.44 -32.54
C ILE C 292 43.20 2.89 -32.62
N PRO C 293 42.60 3.33 -33.72
CA PRO C 293 42.01 4.67 -33.76
C PRO C 293 40.82 4.76 -32.84
N TRP C 294 40.60 5.97 -32.30
CA TRP C 294 39.44 6.24 -31.47
C TRP C 294 38.79 7.53 -31.95
N MET C 295 37.48 7.60 -31.75
CA MET C 295 36.71 8.78 -32.13
C MET C 295 35.54 8.94 -31.17
N GLU C 296 35.06 10.18 -31.07
CA GLU C 296 33.89 10.49 -30.25
C GLU C 296 32.62 10.29 -31.09
N TYR C 297 31.59 9.76 -30.45
CA TYR C 297 30.27 9.63 -31.05
C TYR C 297 29.22 10.27 -30.16
N ASN C 298 28.24 10.91 -30.80
CA ASN C 298 27.14 11.57 -30.12
C ASN C 298 25.82 11.05 -30.67
N PHE C 299 25.07 10.34 -29.83
CA PHE C 299 23.77 9.78 -30.21
C PHE C 299 22.62 10.46 -29.48
N PHE C 300 22.75 11.74 -29.17
CA PHE C 300 21.70 12.47 -28.43
C PHE C 300 20.85 13.22 -29.45
N GLY C 301 19.68 12.68 -29.77
CA GLY C 301 18.80 13.29 -30.73
C GLY C 301 19.08 12.80 -32.14
N PRO C 302 18.05 12.86 -33.00
CA PRO C 302 18.22 12.32 -34.37
C PRO C 302 19.35 12.97 -35.16
N THR C 303 19.54 14.28 -35.04
CA THR C 303 20.57 14.95 -35.83
C THR C 303 21.96 14.46 -35.44
N LYS C 304 22.27 14.48 -34.15
CA LYS C 304 23.56 14.02 -33.68
C LYS C 304 23.74 12.54 -33.98
N THR C 305 22.68 11.74 -33.80
CA THR C 305 22.76 10.31 -34.06
C THR C 305 23.10 10.05 -35.52
N ILE C 306 22.41 10.74 -36.43
CA ILE C 306 22.64 10.54 -37.85
C ILE C 306 24.08 10.94 -38.20
N GLU C 307 24.52 12.10 -37.70
CA GLU C 307 25.87 12.57 -38.00
C GLU C 307 26.90 11.59 -37.49
N SER C 308 26.72 11.10 -36.26
CA SER C 308 27.70 10.19 -35.66
C SER C 308 27.71 8.88 -36.41
N LEU C 309 26.54 8.36 -36.79
CA LEU C 309 26.48 7.09 -37.52
C LEU C 309 27.20 7.23 -38.86
N ARG C 310 26.98 8.35 -39.56
CA ARG C 310 27.65 8.55 -40.84
C ARG C 310 29.15 8.65 -40.65
N ALA C 311 29.59 9.38 -39.61
CA ALA C 311 31.02 9.54 -39.36
C ALA C 311 31.67 8.21 -39.05
N ILE C 312 31.00 7.39 -38.24
CA ILE C 312 31.54 6.07 -37.89
C ILE C 312 31.61 5.19 -39.12
N ALA C 313 30.54 5.19 -39.93
CA ALA C 313 30.50 4.33 -41.10
C ALA C 313 31.54 4.76 -42.13
N ALA C 314 31.89 6.04 -42.15
CA ALA C 314 32.88 6.54 -43.10
C ALA C 314 34.26 5.97 -42.87
N LYS C 315 34.49 5.39 -41.68
CA LYS C 315 35.78 4.81 -41.34
C LYS C 315 35.87 3.34 -41.73
N PHE C 316 34.85 2.81 -42.38
CA PHE C 316 34.81 1.43 -42.85
C PHE C 316 34.55 1.43 -44.37
N ASP C 317 34.28 0.26 -44.91
CA ASP C 317 34.10 0.08 -46.35
C ASP C 317 32.71 0.56 -46.78
N GLU C 318 32.38 0.34 -48.06
CA GLU C 318 31.13 0.86 -48.61
C GLU C 318 29.92 0.09 -48.08
N SER C 319 30.10 -1.18 -47.72
CA SER C 319 28.98 -1.98 -47.22
C SER C 319 28.44 -1.40 -45.92
N ILE C 320 29.34 -0.95 -45.04
CA ILE C 320 28.93 -0.35 -43.77
C ILE C 320 28.21 0.97 -44.02
N GLN C 321 28.69 1.77 -44.99
CA GLN C 321 28.05 3.03 -45.31
C GLN C 321 26.64 2.80 -45.85
N LYS C 322 26.49 1.79 -46.71
CA LYS C 322 25.18 1.46 -47.24
C LYS C 322 24.25 1.03 -46.12
N LYS C 323 24.74 0.18 -45.21
CA LYS C 323 23.90 -0.26 -44.10
C LYS C 323 23.54 0.93 -43.20
N CYS C 324 24.47 1.88 -43.06
CA CYS C 324 24.19 3.08 -42.28
C CYS C 324 23.04 3.86 -42.90
N GLU C 325 23.08 4.05 -44.22
CA GLU C 325 22.00 4.76 -44.89
C GLU C 325 20.68 4.02 -44.70
N GLU C 326 20.72 2.68 -44.76
CA GLU C 326 19.51 1.90 -44.56
C GLU C 326 18.96 2.09 -43.15
N VAL C 327 19.84 2.11 -42.14
CA VAL C 327 19.39 2.28 -40.76
C VAL C 327 18.76 3.65 -40.57
N ILE C 328 19.40 4.67 -41.13
CA ILE C 328 18.87 6.03 -41.03
C ILE C 328 17.49 6.09 -41.66
N ALA C 329 17.35 5.50 -42.86
CA ALA C 329 16.06 5.50 -43.55
C ALA C 329 15.02 4.78 -42.71
N LYS C 330 15.40 3.67 -42.07
CA LYS C 330 14.45 2.90 -41.29
C LYS C 330 13.93 3.72 -40.12
N TYR C 331 14.84 4.43 -39.44
CA TYR C 331 14.44 5.13 -38.22
C TYR C 331 13.89 6.52 -38.48
N LYS C 332 13.98 7.03 -39.72
CA LYS C 332 13.50 8.38 -40.01
C LYS C 332 12.05 8.60 -39.62
N PRO C 333 11.09 7.76 -40.04
CA PRO C 333 9.69 8.03 -39.67
C PRO C 333 9.42 8.01 -38.17
N GLU C 334 10.16 7.22 -37.39
CA GLU C 334 9.91 7.17 -35.95
C GLU C 334 10.29 8.48 -35.27
N TRP C 335 11.50 8.99 -35.53
CA TRP C 335 11.89 10.21 -34.86
C TRP C 335 11.16 11.40 -35.47
N GLU C 336 10.77 11.31 -36.75
CA GLU C 336 9.95 12.33 -37.35
C GLU C 336 8.59 12.41 -36.66
N ALA C 337 8.01 11.24 -36.35
CA ALA C 337 6.74 11.20 -35.63
C ALA C 337 6.89 11.78 -34.23
N VAL C 338 8.02 11.46 -33.57
CA VAL C 338 8.27 12.00 -32.23
C VAL C 338 8.32 13.52 -32.30
N VAL C 339 9.03 14.05 -33.30
CA VAL C 339 9.14 15.50 -33.46
C VAL C 339 7.77 16.09 -33.72
N ALA C 340 7.00 15.48 -34.63
CA ALA C 340 5.67 15.99 -34.96
C ALA C 340 4.79 16.05 -33.72
N LYS C 341 4.93 15.07 -32.82
CA LYS C 341 4.07 15.06 -31.64
C LYS C 341 4.54 16.09 -30.61
N TYR C 342 5.84 16.19 -30.37
CA TYR C 342 6.33 16.87 -29.17
C TYR C 342 6.89 18.26 -29.43
N ARG C 343 7.37 18.55 -30.65
CA ARG C 343 7.93 19.87 -30.92
C ARG C 343 6.90 20.99 -30.75
N PRO C 344 5.65 20.86 -31.19
CA PRO C 344 4.67 21.91 -30.89
C PRO C 344 4.51 22.17 -29.41
N ARG C 345 4.70 21.15 -28.57
CA ARG C 345 4.59 21.34 -27.13
C ARG C 345 5.85 21.93 -26.53
N LEU C 346 6.97 21.93 -27.27
CA LEU C 346 8.25 22.36 -26.73
C LEU C 346 8.93 23.46 -27.53
N GLU C 347 8.38 23.86 -28.67
CA GLU C 347 9.04 24.84 -29.51
C GLU C 347 9.08 26.18 -28.79
N GLY C 348 10.26 26.80 -28.76
CA GLY C 348 10.43 28.10 -28.19
C GLY C 348 10.75 28.12 -26.71
N LYS C 349 10.66 26.98 -26.04
CA LYS C 349 11.02 26.91 -24.63
C LYS C 349 12.53 27.04 -24.51
N ARG C 350 12.97 27.71 -23.44
CA ARG C 350 14.37 28.01 -23.23
C ARG C 350 14.94 27.09 -22.17
N VAL C 351 15.97 26.33 -22.54
CA VAL C 351 16.73 25.50 -21.62
C VAL C 351 18.07 26.19 -21.41
N MET C 352 18.51 26.27 -20.16
CA MET C 352 19.74 26.97 -19.84
C MET C 352 20.83 25.93 -19.56
N LEU C 353 22.00 26.15 -20.16
CA LEU C 353 23.12 25.23 -19.99
C LEU C 353 24.33 25.94 -19.40
N HIS C 362 27.06 17.48 -26.87
CA HIS C 362 26.18 16.37 -26.55
C HIS C 362 24.75 16.73 -26.19
N VAL C 363 24.61 17.58 -25.16
CA VAL C 363 23.29 17.98 -24.69
C VAL C 363 22.47 18.75 -25.73
N ILE C 364 23.11 19.63 -26.50
CA ILE C 364 22.36 20.56 -27.35
C ILE C 364 21.52 19.87 -28.43
N GLY C 365 22.04 18.82 -29.08
CA GLY C 365 21.31 18.23 -30.17
C GLY C 365 19.84 17.94 -30.00
N ALA C 366 19.46 17.17 -28.98
CA ALA C 366 18.06 16.77 -28.86
C ALA C 366 17.17 18.00 -28.69
N TYR C 367 17.69 19.00 -27.96
CA TYR C 367 16.93 20.22 -27.70
C TYR C 367 16.63 20.95 -29.00
N GLU C 368 17.64 21.13 -29.85
CA GLU C 368 17.31 21.81 -31.10
C GLU C 368 16.42 20.93 -31.98
N ASP C 369 16.59 19.60 -31.91
CA ASP C 369 15.70 18.73 -32.66
C ASP C 369 14.24 18.86 -32.22
N LEU C 370 14.00 19.28 -30.98
CA LEU C 370 12.64 19.44 -30.47
C LEU C 370 12.15 20.89 -30.52
N GLY C 371 12.85 21.76 -31.24
CA GLY C 371 12.43 23.15 -31.37
C GLY C 371 12.76 24.03 -30.19
N MET C 372 13.52 23.51 -29.23
CA MET C 372 13.89 24.20 -28.02
C MET C 372 15.04 25.18 -28.29
N GLU C 373 15.18 26.16 -27.43
CA GLU C 373 16.25 27.15 -27.54
C GLU C 373 17.21 26.97 -26.38
N VAL C 374 18.50 26.87 -26.69
CA VAL C 374 19.55 26.70 -25.69
C VAL C 374 20.18 28.05 -25.38
N VAL C 375 20.28 28.37 -24.10
CA VAL C 375 20.86 29.62 -23.63
C VAL C 375 21.96 29.32 -22.62
N GLY C 376 22.80 30.31 -22.39
CA GLY C 376 23.89 30.17 -21.42
C GLY C 376 23.83 31.19 -20.30
N ILE C 416 18.02 35.31 -17.94
CA ILE C 416 18.00 34.09 -18.71
C ILE C 416 16.52 33.73 -18.92
N LYS C 417 15.79 33.80 -17.82
CA LYS C 417 14.37 33.44 -17.74
C LYS C 417 14.17 32.01 -18.27
N PRO C 418 14.92 31.03 -17.75
CA PRO C 418 14.82 29.67 -18.32
C PRO C 418 13.59 28.87 -17.94
N ASP C 419 13.02 28.20 -18.95
CA ASP C 419 11.94 27.25 -18.70
C ASP C 419 12.49 25.97 -18.08
N LEU C 420 13.74 25.66 -18.37
CA LEU C 420 14.42 24.44 -17.95
C LEU C 420 15.90 24.74 -17.76
N ILE C 421 16.49 24.06 -16.78
CA ILE C 421 17.93 24.11 -16.55
C ILE C 421 18.51 22.75 -16.89
N GLY C 422 19.47 22.74 -17.82
CA GLY C 422 20.05 21.51 -18.31
C GLY C 422 21.45 21.21 -17.81
N SER C 423 22.27 22.24 -17.61
CA SER C 423 23.63 22.04 -17.13
C SER C 423 23.65 21.51 -15.70
N GLU C 427 22.48 21.28 -8.23
CA GLU C 427 21.54 20.56 -7.38
C GLU C 427 20.11 20.81 -7.88
N LYS C 428 19.38 19.72 -8.14
CA LYS C 428 18.06 19.84 -8.75
C LYS C 428 17.04 20.41 -7.78
N PHE C 429 17.10 20.04 -6.50
CA PHE C 429 16.05 20.44 -5.56
C PHE C 429 16.05 21.94 -5.29
N ILE C 430 17.20 22.60 -5.39
CA ILE C 430 17.23 24.04 -5.21
C ILE C 430 16.45 24.72 -6.34
N PHE C 431 16.73 24.32 -7.58
CA PHE C 431 16.05 24.94 -8.71
C PHE C 431 14.57 24.59 -8.66
N GLN C 432 14.24 23.37 -8.25
CA GLN C 432 12.86 22.97 -8.13
C GLN C 432 12.13 23.86 -7.13
N LYS C 433 12.76 24.13 -5.98
CA LYS C 433 12.16 25.04 -5.02
C LYS C 433 12.00 26.42 -5.62
N MET C 434 12.97 26.84 -6.45
CA MET C 434 12.89 28.12 -7.13
C MET C 434 11.85 28.11 -8.24
N GLY C 435 11.34 26.94 -8.61
CA GLY C 435 10.28 26.82 -9.58
C GLY C 435 10.72 26.56 -11.00
N ILE C 436 11.97 26.17 -11.22
CA ILE C 436 12.50 25.87 -12.54
C ILE C 436 12.83 24.38 -12.61
N PRO C 437 12.31 23.65 -13.60
CA PRO C 437 12.72 22.24 -13.78
C PRO C 437 14.20 22.11 -14.10
N PHE C 438 14.81 21.06 -13.57
CA PHE C 438 16.22 20.75 -13.76
C PHE C 438 16.35 19.33 -14.34
N ARG C 439 17.01 19.20 -15.49
CA ARG C 439 17.18 17.91 -16.14
C ARG C 439 18.44 17.90 -16.99
N GLU C 440 19.32 16.95 -16.72
CA GLU C 440 20.53 16.69 -17.49
C GLU C 440 20.18 16.00 -18.81
N MET C 441 21.18 15.92 -19.70
CA MET C 441 20.94 15.20 -20.95
C MET C 441 20.81 13.70 -20.70
N HIS C 442 21.57 13.15 -19.77
CA HIS C 442 21.30 11.76 -19.40
C HIS C 442 20.12 11.72 -18.43
N SER C 443 19.43 10.59 -18.41
CA SER C 443 18.23 10.41 -17.59
C SER C 443 18.58 9.73 -16.27
N TRP C 444 19.45 10.39 -15.51
CA TRP C 444 20.01 9.78 -14.32
C TRP C 444 19.03 9.41 -13.22
N ASP C 445 18.11 10.32 -12.88
CA ASP C 445 17.26 10.02 -11.74
C ASP C 445 16.26 8.87 -11.91
N TYR C 446 15.49 8.84 -13.02
CA TYR C 446 14.45 7.81 -13.09
C TYR C 446 14.07 7.26 -14.46
N SER C 447 14.73 7.64 -15.55
CA SER C 447 14.15 7.42 -16.87
C SER C 447 15.23 7.08 -17.87
N GLY C 448 14.79 6.62 -19.03
CA GLY C 448 15.72 6.39 -20.12
C GLY C 448 15.54 5.07 -20.81
N PRO C 449 16.31 4.86 -21.87
CA PRO C 449 17.43 5.69 -22.35
C PRO C 449 17.04 7.01 -23.02
N TYR C 450 17.98 7.94 -23.18
CA TYR C 450 17.74 9.17 -23.92
C TYR C 450 18.51 9.23 -25.22
N HIS C 451 19.54 8.40 -25.38
CA HIS C 451 20.40 8.42 -26.55
C HIS C 451 19.87 7.48 -27.62
N GLY C 452 20.22 7.77 -28.86
CA GLY C 452 19.75 6.97 -29.97
C GLY C 452 18.33 7.34 -30.35
N PHE C 453 17.85 6.68 -31.41
CA PHE C 453 16.50 6.96 -31.89
C PHE C 453 15.46 6.53 -30.87
N ASP C 454 15.66 5.37 -30.24
CA ASP C 454 14.71 4.91 -29.24
C ASP C 454 14.72 5.84 -28.03
N GLY C 455 15.90 6.34 -27.67
CA GLY C 455 16.01 7.20 -26.52
C GLY C 455 15.44 8.59 -26.79
N PHE C 456 15.41 9.00 -28.06
CA PHE C 456 14.90 10.32 -28.39
C PHE C 456 13.41 10.44 -28.05
N ALA C 457 12.65 9.38 -28.30
CA ALA C 457 11.22 9.40 -27.96
C ALA C 457 11.03 9.59 -26.46
N ILE C 458 11.79 8.85 -25.66
CA ILE C 458 11.68 8.94 -24.21
C ILE C 458 12.09 10.32 -23.75
N PHE C 459 13.17 10.86 -24.34
CA PHE C 459 13.66 12.18 -23.96
C PHE C 459 12.59 13.23 -24.25
N ALA C 460 11.98 13.17 -25.43
CA ALA C 460 10.99 14.16 -25.82
C ALA C 460 9.78 14.09 -24.90
N ARG C 461 9.32 12.86 -24.62
CA ARG C 461 8.18 12.69 -23.73
C ARG C 461 8.49 13.25 -22.34
N ASP C 462 9.68 12.98 -21.82
CA ASP C 462 10.04 13.47 -20.49
C ASP C 462 10.12 14.98 -20.48
N MET C 463 10.68 15.58 -21.53
CA MET C 463 10.76 17.04 -21.60
C MET C 463 9.37 17.64 -21.59
N ASP C 464 8.47 17.09 -22.40
CA ASP C 464 7.11 17.64 -22.46
C ASP C 464 6.45 17.48 -21.11
N MET C 465 6.64 16.32 -20.48
CA MET C 465 6.03 16.03 -19.19
C MET C 465 6.49 17.02 -18.13
N THR C 466 7.81 17.28 -18.08
CA THR C 466 8.35 18.11 -17.02
C THR C 466 8.03 19.58 -17.25
N LEU C 467 8.14 20.06 -18.50
CA LEU C 467 7.99 21.48 -18.75
C LEU C 467 6.53 21.90 -18.74
N ASN C 468 5.62 21.04 -19.19
CA ASN C 468 4.21 21.39 -19.32
C ASN C 468 3.37 20.87 -18.17
N ASN C 469 4.01 20.33 -17.13
CA ASN C 469 3.24 19.84 -15.99
C ASN C 469 2.57 21.00 -15.27
N PRO C 470 1.31 20.84 -14.86
CA PRO C 470 0.64 21.92 -14.12
C PRO C 470 1.24 22.20 -12.74
N CYS C 471 2.06 21.31 -12.20
CA CYS C 471 2.65 21.56 -10.88
C CYS C 471 3.48 22.83 -10.86
N TRP C 472 4.10 23.19 -11.98
CA TRP C 472 4.93 24.39 -12.04
C TRP C 472 4.09 25.66 -12.07
N LYS C 473 2.80 25.56 -12.33
CA LYS C 473 1.93 26.72 -12.46
C LYS C 473 1.11 26.99 -11.20
N LYS C 474 1.41 26.29 -10.11
CA LYS C 474 0.62 26.37 -8.89
C LYS C 474 1.44 26.84 -7.69
N LEU C 475 2.53 27.57 -7.94
CA LEU C 475 3.43 28.03 -6.88
C LEU C 475 2.79 29.16 -6.08
N GLN C 476 1.95 29.96 -6.72
CA GLN C 476 1.35 31.14 -6.10
C GLN C 476 -0.05 30.81 -5.61
N ALA C 477 -0.26 30.93 -4.31
CA ALA C 477 -1.59 30.74 -3.75
C ALA C 477 -2.55 31.77 -4.32
N PRO C 478 -3.79 31.40 -4.63
CA PRO C 478 -4.70 32.37 -5.26
C PRO C 478 -5.00 33.57 -4.40
N TRP C 479 -4.80 33.47 -3.08
CA TRP C 479 -5.02 34.58 -2.17
C TRP C 479 -3.76 35.39 -1.90
N GLU C 480 -2.65 35.06 -2.54
CA GLU C 480 -1.41 35.80 -2.35
C GLU C 480 -1.01 36.53 -3.62
N SER D 2 13.01 0.16 -31.66
CA SER D 2 11.94 0.92 -32.30
C SER D 2 10.95 1.46 -31.29
N GLN D 3 10.41 2.64 -31.58
CA GLN D 3 9.41 3.23 -30.71
C GLN D 3 8.22 3.67 -31.53
N GLN D 4 7.04 3.45 -30.96
CA GLN D 4 5.78 3.97 -31.46
C GLN D 4 5.41 5.23 -30.68
N VAL D 5 5.11 6.29 -31.41
CA VAL D 5 4.98 7.61 -30.80
C VAL D 5 3.80 7.68 -29.83
N ASP D 6 2.77 6.85 -30.03
CA ASP D 6 1.62 6.91 -29.14
C ASP D 6 1.83 6.12 -27.86
N LYS D 7 2.60 5.04 -27.88
CA LYS D 7 2.92 4.28 -26.67
C LYS D 7 4.44 4.14 -26.54
N ILE D 8 5.09 5.23 -26.13
CA ILE D 8 6.54 5.23 -25.94
C ILE D 8 6.91 4.37 -24.75
N LYS D 9 7.84 3.44 -24.94
CA LYS D 9 8.29 2.56 -23.87
C LYS D 9 9.59 3.10 -23.28
N ALA D 10 9.67 3.14 -21.96
CA ALA D 10 10.92 3.46 -21.26
C ALA D 10 11.76 2.20 -21.20
N SER D 11 12.89 2.23 -20.48
CA SER D 11 13.83 1.10 -20.49
C SER D 11 13.09 -0.21 -20.30
N TYR D 12 12.22 -0.27 -19.30
CA TYR D 12 11.24 -1.33 -19.22
C TYR D 12 9.93 -0.78 -19.75
N PRO D 13 9.30 -1.45 -20.72
CA PRO D 13 9.72 -2.70 -21.33
C PRO D 13 10.40 -2.54 -22.69
N LEU D 14 11.08 -1.42 -22.97
CA LEU D 14 11.70 -1.24 -24.28
C LEU D 14 12.69 -2.37 -24.56
N PHE D 15 13.50 -2.71 -23.58
CA PHE D 15 14.58 -3.67 -23.80
C PHE D 15 14.08 -5.10 -23.82
N LEU D 16 12.79 -5.33 -23.59
CA LEU D 16 12.19 -6.65 -23.75
C LEU D 16 11.78 -6.92 -25.19
N ASP D 17 11.91 -5.94 -26.09
CA ASP D 17 11.59 -6.14 -27.49
C ASP D 17 12.52 -7.17 -28.09
N GLN D 18 12.07 -7.79 -29.19
CA GLN D 18 12.81 -8.92 -29.75
C GLN D 18 14.19 -8.49 -30.25
N ASP D 19 14.28 -7.32 -30.89
CA ASP D 19 15.57 -6.88 -31.41
C ASP D 19 16.57 -6.66 -30.28
N TYR D 20 16.14 -6.03 -29.19
CA TYR D 20 17.02 -5.82 -28.04
C TYR D 20 17.40 -7.15 -27.41
N LYS D 21 16.45 -8.08 -27.29
CA LYS D 21 16.77 -9.39 -26.73
C LYS D 21 17.82 -10.09 -27.57
N ASP D 22 17.67 -10.04 -28.90
CA ASP D 22 18.63 -10.68 -29.79
C ASP D 22 20.00 -10.02 -29.65
N MET D 23 20.03 -8.69 -29.57
CA MET D 23 21.29 -7.97 -29.41
C MET D 23 21.99 -8.36 -28.11
N LEU D 24 21.22 -8.43 -27.02
CA LEU D 24 21.80 -8.76 -25.72
C LEU D 24 22.30 -10.19 -25.72
N ALA D 25 21.55 -11.10 -26.36
CA ALA D 25 22.00 -12.48 -26.47
C ALA D 25 23.30 -12.57 -27.25
N LYS D 26 23.41 -11.82 -28.35
CA LYS D 26 24.65 -11.83 -29.12
C LYS D 26 25.80 -11.30 -28.29
N LYS D 27 25.57 -10.21 -27.55
CA LYS D 27 26.62 -9.64 -26.72
C LYS D 27 27.11 -10.68 -25.71
N ARG D 28 26.16 -11.30 -25.01
CA ARG D 28 26.51 -12.26 -23.95
C ARG D 28 27.26 -13.44 -24.54
N ASP D 29 26.75 -14.00 -25.65
CA ASP D 29 27.32 -15.23 -26.18
C ASP D 29 28.68 -14.97 -26.80
N GLY D 30 28.87 -13.80 -27.40
CA GLY D 30 30.06 -13.52 -28.16
C GLY D 30 31.21 -13.05 -27.29
N PHE D 31 30.95 -12.13 -26.37
CA PHE D 31 32.03 -11.38 -25.75
C PHE D 31 32.07 -11.42 -24.23
N GLU D 32 30.98 -11.79 -23.56
CA GLU D 32 30.92 -11.65 -22.11
C GLU D 32 31.58 -12.82 -21.39
N GLU D 33 31.76 -13.94 -22.09
CA GLU D 33 32.31 -15.16 -21.52
C GLU D 33 31.55 -15.56 -20.26
N LYS D 34 30.24 -15.44 -20.33
CA LYS D 34 29.34 -15.69 -19.22
C LYS D 34 29.35 -17.16 -18.83
N TYR D 35 29.19 -17.41 -17.54
CA TYR D 35 29.03 -18.78 -17.09
C TYR D 35 27.73 -19.34 -17.67
N PRO D 36 27.68 -20.65 -17.93
CA PRO D 36 26.44 -21.26 -18.41
C PRO D 36 25.29 -21.07 -17.43
N GLN D 37 24.08 -20.93 -17.99
CA GLN D 37 22.90 -20.67 -17.18
C GLN D 37 22.66 -21.76 -16.14
N ASP D 38 22.98 -23.02 -16.47
CA ASP D 38 22.80 -24.09 -15.51
C ASP D 38 23.76 -23.90 -14.33
N LYS D 39 24.98 -23.44 -14.58
CA LYS D 39 25.92 -23.18 -13.49
C LYS D 39 25.41 -22.05 -12.62
N ILE D 40 24.88 -21.00 -13.23
CA ILE D 40 24.35 -19.86 -12.47
C ILE D 40 23.19 -20.32 -11.61
N ASP D 41 22.29 -21.12 -12.18
CA ASP D 41 21.15 -21.64 -11.43
C ASP D 41 21.61 -22.48 -10.24
N GLU D 42 22.62 -23.33 -10.48
CA GLU D 42 23.13 -24.18 -9.42
C GLU D 42 23.71 -23.33 -8.29
N VAL D 43 24.52 -22.33 -8.64
CA VAL D 43 25.14 -21.51 -7.61
C VAL D 43 24.09 -20.71 -6.85
N PHE D 44 23.09 -20.17 -7.55
CA PHE D 44 22.01 -19.45 -6.86
C PHE D 44 21.32 -20.37 -5.86
N GLN D 45 20.94 -21.57 -6.31
CA GLN D 45 20.26 -22.51 -5.42
C GLN D 45 21.14 -22.79 -4.22
N TRP D 46 22.44 -22.94 -4.44
CA TRP D 46 23.36 -23.18 -3.33
C TRP D 46 23.36 -22.00 -2.36
N THR D 47 23.35 -20.78 -2.90
CA THR D 47 23.31 -19.59 -2.05
C THR D 47 22.03 -19.50 -1.24
N THR D 48 20.99 -20.24 -1.63
CA THR D 48 19.74 -20.25 -0.89
C THR D 48 19.69 -21.34 0.19
N THR D 49 20.82 -21.95 0.54
CA THR D 49 20.79 -23.13 1.40
C THR D 49 21.38 -22.85 2.78
N LYS D 50 21.17 -23.83 3.66
CA LYS D 50 21.68 -23.79 5.03
C LYS D 50 23.20 -23.88 5.09
N GLU D 51 23.81 -24.64 4.18
CA GLU D 51 25.27 -24.76 4.16
C GLU D 51 25.89 -23.42 3.79
N TYR D 52 25.28 -22.76 2.81
CA TYR D 52 25.73 -21.44 2.43
C TYR D 52 25.58 -20.50 3.61
N GLN D 53 24.44 -20.58 4.30
CA GLN D 53 24.22 -19.69 5.44
C GLN D 53 25.31 -19.89 6.48
N GLU D 54 25.74 -21.14 6.70
CA GLU D 54 26.82 -21.40 7.64
C GLU D 54 28.11 -20.73 7.19
N LEU D 55 28.41 -20.80 5.89
CA LEU D 55 29.62 -20.14 5.39
C LEU D 55 29.49 -18.61 5.46
N ASN D 56 28.31 -18.09 5.13
CA ASN D 56 28.03 -16.66 5.20
C ASN D 56 28.21 -16.10 6.61
N PHE D 57 27.70 -16.80 7.61
CA PHE D 57 27.75 -16.33 8.99
C PHE D 57 29.13 -16.48 9.62
N GLN D 58 30.05 -17.15 8.94
CA GLN D 58 31.44 -17.27 9.37
C GLN D 58 32.30 -16.10 8.88
N ARG D 59 31.70 -15.15 8.17
CA ARG D 59 32.43 -13.99 7.68
C ARG D 59 33.01 -13.19 8.84
N GLU D 60 34.26 -12.75 8.67
CA GLU D 60 34.94 -11.96 9.68
C GLU D 60 35.54 -10.68 9.13
N ALA D 61 35.81 -10.61 7.83
CA ALA D 61 36.48 -9.48 7.21
C ALA D 61 35.61 -8.77 6.19
N LEU D 62 34.68 -9.48 5.56
CA LEU D 62 33.89 -8.97 4.46
C LEU D 62 32.51 -8.58 4.97
N THR D 63 32.05 -7.40 4.58
CA THR D 63 30.69 -6.95 4.83
C THR D 63 30.01 -6.79 3.48
N VAL D 64 28.82 -7.38 3.35
CA VAL D 64 28.04 -7.28 2.13
C VAL D 64 26.69 -6.65 2.46
N ASN D 65 26.36 -5.58 1.77
CA ASN D 65 25.07 -4.89 1.91
C ASN D 65 24.86 -4.55 3.38
N PRO D 66 25.64 -3.61 3.92
CA PRO D 66 25.44 -3.19 5.32
C PRO D 66 24.12 -2.49 5.51
N ALA D 67 23.67 -2.48 6.76
CA ALA D 67 22.44 -1.79 7.13
C ALA D 67 22.77 -0.65 8.09
N LYS D 68 23.72 0.19 7.71
CA LYS D 68 24.14 1.32 8.52
C LYS D 68 24.96 2.26 7.65
N ALA D 69 25.08 3.50 8.11
CA ALA D 69 25.89 4.53 7.46
C ALA D 69 26.96 5.00 8.45
N CYS D 70 27.65 6.08 8.09
CA CYS D 70 28.76 6.56 8.89
C CYS D 70 28.35 7.77 9.72
N GLN D 71 29.12 8.05 10.76
CA GLN D 71 28.78 9.08 11.75
C GLN D 71 28.43 10.44 11.16
N PRO D 72 29.24 11.04 10.28
CA PRO D 72 28.93 12.41 9.86
C PRO D 72 27.55 12.59 9.26
N LEU D 73 26.95 11.54 8.69
CA LEU D 73 25.58 11.64 8.21
C LEU D 73 24.63 11.97 9.35
N GLY D 74 24.77 11.24 10.47
CA GLY D 74 23.98 11.55 11.65
C GLY D 74 24.30 12.91 12.22
N ALA D 75 25.58 13.29 12.16
CA ALA D 75 25.95 14.62 12.64
C ALA D 75 25.26 15.71 11.82
N VAL D 76 25.22 15.52 10.49
CA VAL D 76 24.57 16.49 9.62
C VAL D 76 23.09 16.56 9.93
N LEU D 77 22.45 15.40 10.12
CA LEU D 77 21.02 15.41 10.40
C LEU D 77 20.75 16.15 11.71
N CYS D 78 21.57 15.89 12.72
CA CYS D 78 21.40 16.56 14.01
C CYS D 78 21.56 18.07 13.84
N ALA D 79 22.60 18.48 13.11
CA ALA D 79 22.87 19.91 12.93
C ALA D 79 21.74 20.60 12.18
N LEU D 80 21.10 19.89 11.23
CA LEU D 80 20.03 20.51 10.45
C LEU D 80 18.82 20.86 11.30
N GLY D 81 18.71 20.30 12.50
CA GLY D 81 17.60 20.54 13.39
C GLY D 81 17.68 21.79 14.23
N PHE D 82 18.69 22.63 14.01
CA PHE D 82 18.88 23.86 14.76
C PHE D 82 18.66 25.07 13.86
N GLU D 83 18.22 26.17 14.48
CA GLU D 83 17.79 27.34 13.74
C GLU D 83 18.95 27.98 12.98
N LYS D 84 18.74 28.17 11.67
CA LYS D 84 19.69 28.86 10.80
C LYS D 84 21.11 28.30 10.97
N THR D 85 21.20 26.98 11.04
CA THR D 85 22.46 26.29 11.28
C THR D 85 22.94 25.61 10.01
N MET D 86 24.21 25.82 9.67
CA MET D 86 24.80 25.21 8.49
C MET D 86 25.60 24.00 8.92
N PRO D 87 25.22 22.78 8.53
CA PRO D 87 26.09 21.63 8.81
C PRO D 87 27.40 21.78 8.04
N TYR D 88 28.50 21.62 8.76
CA TYR D 88 29.84 21.79 8.22
C TYR D 88 30.63 20.55 8.56
N VAL D 89 31.15 19.87 7.55
CA VAL D 89 31.93 18.66 7.77
C VAL D 89 33.38 18.99 7.40
N HIS D 90 34.25 18.96 8.40
CA HIS D 90 35.68 19.20 8.20
C HIS D 90 36.28 17.94 7.59
N GLY D 91 36.70 18.02 6.35
CA GLY D 91 37.25 16.86 5.66
C GLY D 91 37.08 17.00 4.16
N SER D 92 36.94 15.86 3.51
CA SER D 92 36.91 15.78 2.06
C SER D 92 35.51 16.04 1.51
N GLN D 93 35.44 16.56 0.29
CA GLN D 93 34.18 17.01 -0.31
C GLN D 93 33.31 15.83 -0.72
N GLY D 94 33.91 14.71 -1.11
CA GLY D 94 33.14 13.55 -1.53
C GLY D 94 32.10 13.16 -0.50
N CYS D 95 32.51 13.18 0.78
CA CYS D 95 31.62 12.84 1.88
C CYS D 95 30.37 13.71 1.86
N VAL D 96 30.56 15.02 1.73
CA VAL D 96 29.42 15.93 1.79
C VAL D 96 28.51 15.72 0.59
N ALA D 97 29.11 15.46 -0.59
CA ALA D 97 28.29 15.17 -1.76
C ALA D 97 27.40 13.96 -1.49
N TYR D 98 27.98 12.90 -0.91
CA TYR D 98 27.22 11.69 -0.63
C TYR D 98 26.15 11.95 0.43
N PHE D 99 26.48 12.69 1.49
CA PHE D 99 25.51 12.93 2.55
C PHE D 99 24.30 13.67 2.00
N ARG D 100 24.57 14.72 1.22
CA ARG D 100 23.49 15.50 0.64
C ARG D 100 22.65 14.65 -0.30
N SER D 101 23.29 13.82 -1.13
CA SER D 101 22.54 12.97 -2.05
C SER D 101 21.66 11.98 -1.29
N TYR D 102 22.21 11.37 -0.24
CA TYR D 102 21.48 10.37 0.54
C TYR D 102 20.22 11.00 1.14
N PHE D 103 20.39 12.17 1.76
CA PHE D 103 19.24 12.81 2.40
C PHE D 103 18.26 13.34 1.35
N ASN D 104 18.77 13.84 0.21
CA ASN D 104 17.87 14.30 -0.84
C ASN D 104 17.00 13.16 -1.31
N ARG D 105 17.60 11.99 -1.49
CA ARG D 105 16.85 10.86 -2.02
C ARG D 105 15.82 10.36 -1.01
N HIS D 106 16.12 10.44 0.28
CA HIS D 106 15.14 9.98 1.26
C HIS D 106 14.02 11.00 1.44
N PHE D 107 14.37 12.27 1.64
CA PHE D 107 13.40 13.31 1.98
C PHE D 107 12.80 13.99 0.76
N ARG D 108 13.45 13.90 -0.40
CA ARG D 108 13.06 14.61 -1.61
C ARG D 108 12.95 16.11 -1.37
N GLU D 109 13.96 16.63 -0.68
CA GLU D 109 14.07 18.04 -0.33
C GLU D 109 15.51 18.48 -0.54
N PRO D 110 15.76 19.77 -0.69
CA PRO D 110 17.14 20.26 -0.61
C PRO D 110 17.70 20.01 0.78
N VAL D 111 18.97 19.65 0.83
CA VAL D 111 19.67 19.41 2.10
C VAL D 111 20.94 20.25 2.13
N SER D 112 21.07 21.11 3.13
CA SER D 112 22.20 22.00 3.24
C SER D 112 23.33 21.36 4.02
N CYS D 113 24.53 21.37 3.45
CA CYS D 113 25.75 20.90 4.10
C CYS D 113 26.95 21.40 3.30
N VAL D 114 28.01 21.79 3.99
CA VAL D 114 29.22 22.25 3.32
C VAL D 114 30.41 21.41 3.78
N SER D 115 31.48 21.47 2.98
CA SER D 115 32.77 20.86 3.27
C SER D 115 33.86 21.90 3.12
N ASP D 116 34.97 21.70 3.80
CA ASP D 116 36.12 22.58 3.63
C ASP D 116 37.14 22.03 2.64
N SER D 117 36.79 20.96 1.90
CA SER D 117 37.54 20.46 0.74
C SER D 117 39.00 20.14 1.06
N MET D 118 39.22 19.39 2.13
CA MET D 118 40.55 18.91 2.45
C MET D 118 41.09 17.97 1.37
N THR D 119 42.30 18.23 0.90
CA THR D 119 42.88 17.48 -0.22
C THR D 119 44.26 16.95 0.22
N GLU D 120 45.06 16.51 -0.75
CA GLU D 120 46.35 15.88 -0.41
C GLU D 120 47.25 16.82 0.36
N ASP D 121 47.19 18.12 0.07
CA ASP D 121 47.98 19.08 0.84
C ASP D 121 47.57 19.03 2.29
N ALA D 122 46.27 19.01 2.54
CA ALA D 122 45.79 18.91 3.91
C ALA D 122 46.11 17.54 4.49
N ALA D 123 46.17 16.53 3.62
CA ALA D 123 46.51 15.19 4.07
C ALA D 123 47.93 15.18 4.63
N VAL D 124 48.76 16.10 4.17
CA VAL D 124 50.14 16.20 4.63
C VAL D 124 50.25 17.15 5.82
N PHE D 125 49.72 18.36 5.68
CA PHE D 125 49.96 19.44 6.63
C PHE D 125 48.83 19.61 7.65
N GLY D 126 47.77 18.82 7.55
CA GLY D 126 46.57 19.05 8.33
C GLY D 126 45.65 20.07 7.68
N GLY D 127 44.47 20.21 8.27
CA GLY D 127 43.43 20.99 7.63
C GLY D 127 43.11 22.31 8.32
N GLN D 128 44.10 22.94 8.95
CA GLN D 128 43.85 24.19 9.66
C GLN D 128 43.47 25.31 8.69
N GLN D 129 44.23 25.46 7.60
CA GLN D 129 43.90 26.48 6.62
C GLN D 129 42.53 26.23 6.02
N ASN D 130 42.22 24.96 5.78
CA ASN D 130 40.91 24.60 5.27
C ASN D 130 39.83 25.07 6.24
N MET D 131 40.03 24.83 7.53
CA MET D 131 39.03 25.25 8.52
C MET D 131 38.85 26.76 8.51
N LYS D 132 39.96 27.52 8.50
CA LYS D 132 39.84 28.98 8.54
C LYS D 132 39.09 29.48 7.30
N ASP D 133 39.55 29.07 6.12
CA ASP D 133 38.93 29.54 4.88
C ASP D 133 37.49 29.09 4.79
N GLY D 134 37.21 27.83 5.17
CA GLY D 134 35.87 27.29 5.04
C GLY D 134 34.91 28.01 5.95
N LEU D 135 35.29 28.21 7.22
CA LEU D 135 34.40 28.90 8.15
C LEU D 135 34.12 30.31 7.66
N GLN D 136 35.16 31.01 7.19
CA GLN D 136 34.97 32.37 6.69
C GLN D 136 34.02 32.38 5.50
N ASN D 137 34.27 31.51 4.52
CA ASN D 137 33.46 31.49 3.29
C ASN D 137 32.03 31.10 3.60
N CYS D 138 31.84 30.08 4.45
CA CYS D 138 30.51 29.61 4.78
C CYS D 138 29.71 30.73 5.43
N LYS D 139 30.31 31.40 6.42
CA LYS D 139 29.61 32.46 7.12
C LYS D 139 29.28 33.59 6.15
N ALA D 140 30.23 33.95 5.29
CA ALA D 140 30.02 35.07 4.39
C ALA D 140 28.93 34.77 3.36
N THR D 141 28.87 33.52 2.89
CA THR D 141 28.05 33.17 1.75
C THR D 141 26.63 32.81 2.17
N TYR D 142 26.50 31.91 3.15
CA TYR D 142 25.21 31.35 3.50
C TYR D 142 24.58 32.02 4.71
N LYS D 143 25.29 32.94 5.36
CA LYS D 143 24.83 33.72 6.51
C LYS D 143 24.09 32.86 7.53
N PRO D 144 24.73 31.83 8.08
CA PRO D 144 24.07 31.07 9.14
C PRO D 144 24.23 31.75 10.50
N ASP D 145 23.30 31.43 11.38
CA ASP D 145 23.41 31.89 12.77
C ASP D 145 24.41 31.05 13.55
N MET D 146 24.70 29.85 13.08
CA MET D 146 25.63 28.95 13.74
C MET D 146 26.14 27.95 12.72
N ILE D 147 27.41 27.55 12.87
CA ILE D 147 28.02 26.52 12.06
C ILE D 147 28.35 25.34 12.97
N ALA D 148 27.75 24.18 12.70
CA ALA D 148 28.02 22.98 13.47
C ALA D 148 29.03 22.13 12.69
N VAL D 149 30.15 21.81 13.32
CA VAL D 149 31.29 21.19 12.64
C VAL D 149 31.37 19.72 13.02
N SER D 150 31.43 18.85 12.01
CA SER D 150 31.71 17.43 12.18
C SER D 150 32.93 17.10 11.32
N THR D 151 33.30 15.82 11.29
CA THR D 151 34.52 15.42 10.59
C THR D 151 34.28 14.21 9.70
N THR D 152 35.03 14.17 8.60
CA THR D 152 35.13 12.98 7.76
C THR D 152 36.29 12.12 8.26
N CYS D 153 36.38 10.91 7.71
CA CYS D 153 37.40 9.97 8.19
C CYS D 153 38.81 10.51 7.93
N MET D 154 39.02 11.26 6.86
CA MET D 154 40.33 11.84 6.57
C MET D 154 40.83 12.70 7.73
N ALA D 155 39.99 13.64 8.17
CA ALA D 155 40.36 14.53 9.27
C ALA D 155 40.61 13.76 10.55
N GLU D 156 39.81 12.72 10.80
CA GLU D 156 39.97 11.93 12.01
C GLU D 156 41.27 11.14 11.97
N VAL D 157 41.61 10.56 10.81
CA VAL D 157 42.81 9.76 10.73
C VAL D 157 44.05 10.63 10.87
N ILE D 158 44.07 11.79 10.19
CA ILE D 158 45.24 12.66 10.31
C ILE D 158 45.27 13.39 11.65
N GLY D 159 44.21 13.30 12.43
CA GLY D 159 44.16 13.85 13.77
C GLY D 159 44.04 15.35 13.83
N ASP D 160 43.20 15.93 12.97
CA ASP D 160 42.90 17.36 13.05
C ASP D 160 42.24 17.69 14.38
N ASP D 161 42.76 18.73 15.05
CA ASP D 161 42.23 19.18 16.32
C ASP D 161 41.15 20.23 16.06
N LEU D 162 39.89 19.79 16.10
CA LEU D 162 38.77 20.68 15.77
C LEU D 162 38.76 21.89 16.70
N ASN D 163 38.90 21.66 18.01
CA ASN D 163 38.83 22.75 18.97
C ASN D 163 39.90 23.80 18.67
N ALA D 164 41.15 23.36 18.52
CA ALA D 164 42.25 24.28 18.25
C ALA D 164 42.04 24.99 16.92
N PHE D 165 41.58 24.28 15.89
CA PHE D 165 41.40 24.90 14.58
C PHE D 165 40.34 25.99 14.64
N ILE D 166 39.22 25.70 15.31
CA ILE D 166 38.13 26.67 15.40
C ILE D 166 38.59 27.87 16.22
N ASN D 167 39.31 27.61 17.32
CA ASN D 167 39.81 28.70 18.14
C ASN D 167 40.79 29.56 17.35
N ASN D 168 41.64 28.94 16.54
CA ASN D 168 42.59 29.71 15.74
C ASN D 168 41.88 30.52 14.67
N SER D 169 40.80 29.97 14.09
CA SER D 169 40.01 30.73 13.13
C SER D 169 39.41 31.96 13.80
N LYS D 170 38.90 31.77 15.01
CA LYS D 170 38.31 32.90 15.75
C LYS D 170 39.40 33.89 16.13
N LYS D 171 40.55 33.38 16.55
CA LYS D 171 41.63 34.20 17.07
C LYS D 171 42.21 35.05 15.95
N GLU D 172 42.34 34.49 14.75
CA GLU D 172 42.97 35.14 13.61
C GLU D 172 41.97 35.94 12.78
N GLY D 173 40.75 36.13 13.28
CA GLY D 173 39.78 37.03 12.67
C GLY D 173 39.01 36.46 11.51
N PHE D 174 39.11 35.16 11.24
CA PHE D 174 38.37 34.54 10.15
C PHE D 174 36.87 34.52 10.42
N ILE D 175 36.48 34.32 11.68
CA ILE D 175 35.08 34.38 12.09
C ILE D 175 35.03 35.23 13.35
N PRO D 176 33.91 35.89 13.65
CA PRO D 176 33.78 36.58 14.93
C PRO D 176 33.90 35.63 16.11
N ASP D 177 34.51 36.14 17.18
CA ASP D 177 34.74 35.35 18.39
C ASP D 177 33.43 34.84 18.98
N GLU D 178 32.38 35.66 18.90
CA GLU D 178 31.10 35.30 19.50
C GLU D 178 30.28 34.37 18.63
N PHE D 179 30.67 34.16 17.37
CA PHE D 179 29.88 33.35 16.46
C PHE D 179 29.88 31.90 16.93
N PRO D 180 28.71 31.29 17.12
CA PRO D 180 28.66 29.92 17.65
C PRO D 180 29.17 28.91 16.63
N VAL D 181 30.21 28.17 17.01
CA VAL D 181 30.73 27.09 16.18
C VAL D 181 30.88 25.84 17.06
N PRO D 182 29.79 25.16 17.42
CA PRO D 182 29.93 23.88 18.10
C PRO D 182 30.54 22.84 17.18
N PHE D 183 31.24 21.88 17.77
CA PHE D 183 31.95 20.87 17.00
C PHE D 183 31.79 19.52 17.66
N ALA D 184 32.00 18.47 16.87
CA ALA D 184 32.07 17.11 17.38
C ALA D 184 32.95 16.29 16.45
N HIS D 185 33.81 15.46 17.05
CA HIS D 185 34.55 14.46 16.30
C HIS D 185 33.61 13.32 15.97
N THR D 186 33.46 13.03 14.68
CA THR D 186 32.53 12.00 14.20
C THR D 186 33.27 11.01 13.32
N PRO D 187 34.10 10.15 13.92
CA PRO D 187 34.88 9.19 13.12
C PRO D 187 33.98 8.14 12.49
N SER D 188 34.10 8.00 11.16
CA SER D 188 33.26 7.08 10.42
C SER D 188 33.58 5.62 10.73
N PHE D 189 34.75 5.35 11.29
CA PHE D 189 35.17 3.99 11.61
C PHE D 189 34.77 3.58 13.02
N VAL D 190 34.00 4.42 13.71
CA VAL D 190 33.44 4.08 15.02
C VAL D 190 31.92 4.19 14.93
N GLY D 191 31.24 3.13 15.35
CA GLY D 191 29.79 3.15 15.42
C GLY D 191 29.16 3.35 14.06
N SER D 192 28.21 4.27 13.99
CA SER D 192 27.33 4.42 12.83
C SER D 192 26.82 5.85 12.78
N HIS D 193 25.95 6.12 11.81
CA HIS D 193 25.35 7.44 11.68
C HIS D 193 24.65 7.89 12.98
N VAL D 194 23.98 6.97 13.67
CA VAL D 194 23.32 7.35 14.93
C VAL D 194 24.35 7.85 15.94
N THR D 195 25.53 7.22 15.96
CA THR D 195 26.60 7.68 16.83
C THR D 195 26.99 9.11 16.46
N GLY D 196 27.02 9.41 15.16
CA GLY D 196 27.30 10.78 14.72
C GLY D 196 26.26 11.75 15.22
N TRP D 197 24.99 11.36 15.19
CA TRP D 197 23.94 12.22 15.72
C TRP D 197 24.18 12.50 17.19
N ASP D 198 24.45 11.45 17.97
CA ASP D 198 24.69 11.60 19.41
C ASP D 198 25.87 12.53 19.66
N ASN D 199 26.97 12.31 18.94
CA ASN D 199 28.17 13.13 19.14
C ASN D 199 27.90 14.58 18.79
N MET D 200 27.20 14.83 17.69
CA MET D 200 26.92 16.20 17.28
C MET D 200 26.05 16.89 18.32
N PHE D 201 25.00 16.20 18.78
CA PHE D 201 24.08 16.82 19.74
C PHE D 201 24.83 17.15 21.03
N GLU D 202 25.64 16.20 21.51
CA GLU D 202 26.38 16.44 22.73
C GLU D 202 27.33 17.61 22.55
N GLY D 203 27.96 17.71 21.38
CA GLY D 203 28.84 18.84 21.12
C GLY D 203 28.12 20.18 21.15
N ILE D 204 26.93 20.24 20.53
CA ILE D 204 26.17 21.50 20.53
C ILE D 204 25.69 21.84 21.93
N ALA D 205 25.18 20.84 22.66
CA ALA D 205 24.69 21.09 24.01
C ALA D 205 25.83 21.57 24.90
N ARG D 206 26.99 20.93 24.77
CA ARG D 206 28.15 21.32 25.56
C ARG D 206 28.54 22.75 25.23
N TYR D 207 28.61 23.06 23.93
CA TYR D 207 29.00 24.40 23.50
C TYR D 207 28.10 25.45 24.13
N PHE D 208 26.80 25.18 24.18
CA PHE D 208 25.87 26.21 24.61
C PHE D 208 25.65 26.24 26.11
N THR D 209 26.05 25.20 26.86
CA THR D 209 25.65 25.11 28.26
C THR D 209 26.78 24.86 29.25
N LEU D 210 27.93 24.33 28.82
CA LEU D 210 28.91 23.83 29.78
C LEU D 210 29.47 24.94 30.67
N LYS D 211 29.75 26.10 30.08
CA LYS D 211 30.47 27.16 30.79
C LYS D 211 29.53 28.14 31.48
N SER D 212 28.22 27.92 31.43
CA SER D 212 27.25 28.84 32.02
C SER D 212 26.24 28.08 32.87
N MET D 213 26.73 27.14 33.68
CA MET D 213 25.86 26.36 34.54
C MET D 213 25.68 26.97 35.92
N ASP D 214 26.36 28.07 36.22
CA ASP D 214 26.31 28.67 37.55
C ASP D 214 24.91 29.14 37.90
N ASP D 215 24.23 29.78 36.94
CA ASP D 215 22.94 30.42 37.20
C ASP D 215 21.76 29.52 36.85
N LYS D 216 22.01 28.28 36.45
CA LYS D 216 20.95 27.39 36.02
C LYS D 216 20.31 26.71 37.22
N VAL D 217 18.99 26.66 37.23
CA VAL D 217 18.21 25.95 38.24
C VAL D 217 17.34 24.93 37.53
N VAL D 218 17.42 23.68 37.96
CA VAL D 218 16.66 22.62 37.33
C VAL D 218 15.16 22.86 37.55
N GLY D 219 14.41 22.87 36.46
CA GLY D 219 12.98 23.02 36.53
C GLY D 219 12.50 24.44 36.70
N SER D 220 13.34 25.43 36.42
CA SER D 220 12.93 26.81 36.60
C SER D 220 12.13 27.37 35.43
N ASN D 221 12.13 26.69 34.28
CA ASN D 221 11.36 27.13 33.14
C ASN D 221 10.10 26.29 32.93
N LYS D 222 9.87 25.30 33.80
CA LYS D 222 8.65 24.47 33.78
C LYS D 222 8.47 23.74 32.46
N LYS D 223 9.57 23.28 31.87
CA LYS D 223 9.52 22.62 30.57
C LYS D 223 10.26 21.29 30.64
N ILE D 224 9.97 20.43 29.66
CA ILE D 224 10.67 19.17 29.48
C ILE D 224 11.45 19.24 28.18
N ASN D 225 12.73 18.88 28.23
CA ASN D 225 13.51 18.77 27.02
C ASN D 225 13.21 17.43 26.34
N ILE D 226 13.04 17.47 25.03
CA ILE D 226 12.89 16.27 24.22
C ILE D 226 14.04 16.20 23.23
N VAL D 227 14.84 15.14 23.32
CA VAL D 227 15.92 14.90 22.38
C VAL D 227 15.50 13.74 21.47
N PRO D 228 15.17 13.99 20.21
CA PRO D 228 14.65 12.92 19.35
C PRO D 228 15.70 11.89 18.93
N GLY D 229 16.97 12.30 18.79
CA GLY D 229 17.94 11.41 18.18
C GLY D 229 17.78 11.42 16.68
N PHE D 230 18.41 10.44 16.04
CA PHE D 230 18.44 10.40 14.57
C PHE D 230 17.06 9.93 14.12
N GLU D 231 16.32 10.85 13.50
CA GLU D 231 14.93 10.62 13.12
C GLU D 231 14.69 11.09 11.69
N THR D 232 14.15 10.21 10.86
CA THR D 232 13.94 10.50 9.45
C THR D 232 12.45 10.51 9.07
N TYR D 233 11.57 10.42 10.05
CA TYR D 233 10.13 10.54 9.85
C TYR D 233 9.66 11.87 10.42
N LEU D 234 9.23 12.77 9.53
CA LEU D 234 8.72 14.07 9.96
C LEU D 234 7.55 13.90 10.92
N GLY D 235 6.73 12.88 10.69
CA GLY D 235 5.60 12.62 11.54
C GLY D 235 5.97 12.36 12.99
N ASN D 236 7.19 11.85 13.23
CA ASN D 236 7.58 11.56 14.60
C ASN D 236 7.80 12.84 15.39
N PHE D 237 8.52 13.81 14.79
CA PHE D 237 8.66 15.12 15.42
C PHE D 237 7.28 15.72 15.65
N ARG D 238 6.44 15.64 14.61
CA ARG D 238 5.14 16.29 14.67
C ARG D 238 4.29 15.66 15.78
N VAL D 239 4.32 14.33 15.89
CA VAL D 239 3.43 13.66 16.81
C VAL D 239 3.89 13.91 18.24
N ILE D 240 5.21 13.96 18.47
CA ILE D 240 5.68 14.22 19.82
C ILE D 240 5.24 15.62 20.24
N LYS D 241 5.43 16.59 19.34
CA LYS D 241 5.01 17.96 19.64
C LYS D 241 3.50 18.03 19.89
N ARG D 242 2.72 17.33 19.05
CA ARG D 242 1.26 17.37 19.16
C ARG D 242 0.81 16.76 20.49
N MET D 243 1.38 15.62 20.86
CA MET D 243 0.97 14.96 22.09
C MET D 243 1.34 15.82 23.30
N LEU D 244 2.51 16.46 23.28
CA LEU D 244 2.90 17.28 24.42
C LEU D 244 2.02 18.52 24.51
N SER D 245 1.72 19.15 23.37
CA SER D 245 0.86 20.33 23.37
C SER D 245 -0.56 19.98 23.80
N GLU D 246 -1.04 18.83 23.36
CA GLU D 246 -2.37 18.34 23.71
C GLU D 246 -2.48 18.13 25.22
N MET D 247 -1.37 17.78 25.84
CA MET D 247 -1.30 17.49 27.27
C MET D 247 -1.06 18.76 28.09
N GLY D 248 -0.87 19.89 27.43
CA GLY D 248 -0.51 21.13 28.10
C GLY D 248 0.81 21.06 28.82
N VAL D 249 1.78 20.38 28.22
CA VAL D 249 3.11 20.23 28.81
C VAL D 249 4.06 21.17 28.10
N GLY D 250 4.71 22.06 28.85
CA GLY D 250 5.76 22.87 28.29
C GLY D 250 6.93 21.99 27.87
N TYR D 251 7.40 22.17 26.65
CA TYR D 251 8.48 21.34 26.12
C TYR D 251 9.38 22.18 25.23
N SER D 252 10.60 21.71 25.05
CA SER D 252 11.51 22.27 24.05
C SER D 252 12.07 21.10 23.26
N LEU D 253 11.62 20.93 22.01
CA LEU D 253 12.26 19.95 21.16
C LEU D 253 13.66 20.45 20.79
N LEU D 254 14.66 19.58 20.88
CA LEU D 254 16.04 19.95 20.62
C LEU D 254 16.54 19.22 19.38
N SER D 255 17.19 19.95 18.47
CA SER D 255 17.43 19.47 17.10
C SER D 255 16.13 19.16 16.35
N ASP D 256 15.24 20.15 16.29
CA ASP D 256 14.03 20.03 15.48
C ASP D 256 14.19 20.36 13.99
N PRO D 257 14.29 19.36 13.12
CA PRO D 257 14.55 19.63 11.69
C PRO D 257 13.33 19.49 10.80
N GLU D 258 12.14 19.39 11.40
CA GLU D 258 10.91 19.10 10.69
C GLU D 258 10.57 20.19 9.66
N GLU D 259 10.73 21.46 10.04
CA GLU D 259 10.45 22.56 9.13
C GLU D 259 11.43 22.60 7.95
N VAL D 260 12.72 22.43 8.21
CA VAL D 260 13.72 22.56 7.16
C VAL D 260 13.59 21.44 6.15
N LEU D 261 13.16 20.26 6.58
CA LEU D 261 13.01 19.11 5.70
C LEU D 261 11.65 19.06 5.03
N ASP D 262 10.79 20.05 5.25
CA ASP D 262 9.43 20.05 4.70
C ASP D 262 9.04 21.46 4.28
N THR D 263 9.93 22.18 3.61
CA THR D 263 9.60 23.51 3.15
C THR D 263 8.54 23.45 2.05
N PRO D 264 7.60 24.40 2.03
CA PRO D 264 6.62 24.43 0.95
C PRO D 264 7.25 24.82 -0.38
N ALA D 265 6.61 24.37 -1.46
CA ALA D 265 6.96 24.79 -2.82
C ALA D 265 6.10 25.99 -3.18
N ASP D 266 6.63 27.19 -2.94
CA ASP D 266 5.91 28.42 -3.23
C ASP D 266 6.75 29.38 -4.07
N GLY D 267 7.71 28.84 -4.82
CA GLY D 267 8.50 29.61 -5.75
C GLY D 267 9.75 30.25 -5.17
N GLN D 268 10.03 30.07 -3.89
CA GLN D 268 11.27 30.55 -3.31
C GLN D 268 11.99 29.41 -2.59
N PHE D 269 13.31 29.44 -2.64
CA PHE D 269 14.14 28.45 -1.95
C PHE D 269 14.46 28.98 -0.56
N ARG D 270 14.13 28.20 0.46
CA ARG D 270 14.42 28.54 1.85
C ARG D 270 15.56 27.64 2.32
N MET D 271 16.75 28.23 2.47
CA MET D 271 17.87 27.45 2.98
C MET D 271 17.60 26.97 4.41
N TYR D 272 17.02 27.83 5.23
CA TYR D 272 16.76 27.53 6.63
C TYR D 272 15.26 27.64 6.91
N ALA D 273 14.79 26.86 7.88
CA ALA D 273 13.40 26.94 8.30
C ALA D 273 13.28 26.31 9.68
N GLY D 274 12.71 27.06 10.62
CA GLY D 274 12.42 26.52 11.93
C GLY D 274 13.69 26.14 12.65
N GLY D 275 13.61 25.06 13.42
CA GLY D 275 14.74 24.53 14.16
C GLY D 275 14.83 25.03 15.58
N THR D 276 15.57 24.29 16.39
CA THR D 276 15.82 24.66 17.77
C THR D 276 16.65 25.94 17.82
N THR D 277 16.18 26.93 18.58
CA THR D 277 16.91 28.18 18.66
C THR D 277 18.06 28.07 19.64
N GLN D 278 19.02 28.98 19.52
CA GLN D 278 20.15 29.00 20.45
C GLN D 278 19.70 29.32 21.86
N GLU D 279 18.66 30.15 22.00
CA GLU D 279 18.15 30.47 23.33
C GLU D 279 17.52 29.24 23.99
N GLU D 280 16.84 28.41 23.18
CA GLU D 280 16.30 27.17 23.73
C GLU D 280 17.43 26.28 24.24
N MET D 281 18.51 26.18 23.48
CA MET D 281 19.64 25.35 23.89
C MET D 281 20.25 25.91 25.18
N LYS D 282 20.41 27.23 25.24
CA LYS D 282 21.03 27.85 26.41
C LYS D 282 20.16 27.67 27.65
N ASP D 283 18.84 27.67 27.47
CA ASP D 283 17.90 27.55 28.58
C ASP D 283 17.57 26.10 28.91
N ALA D 284 18.05 25.15 28.10
CA ALA D 284 17.75 23.74 28.32
C ALA D 284 18.08 23.24 29.74
N PRO D 285 19.21 23.62 30.35
CA PRO D 285 19.48 23.14 31.72
C PRO D 285 18.42 23.58 32.73
N ASN D 286 17.61 24.58 32.42
CA ASN D 286 16.58 25.06 33.33
C ASN D 286 15.31 24.22 33.26
N ALA D 287 15.26 23.23 32.38
CA ALA D 287 14.08 22.39 32.22
C ALA D 287 13.88 21.51 33.44
N LEU D 288 12.65 21.01 33.58
CA LEU D 288 12.36 20.05 34.65
C LEU D 288 13.18 18.78 34.49
N ASN D 289 13.30 18.30 33.25
CA ASN D 289 13.97 17.05 32.95
C ASN D 289 14.21 17.02 31.44
N THR D 290 15.00 16.04 31.01
CA THR D 290 15.26 15.81 29.60
C THR D 290 14.85 14.38 29.29
N VAL D 291 14.02 14.21 28.26
CA VAL D 291 13.60 12.90 27.81
C VAL D 291 14.31 12.59 26.49
N LEU D 292 14.99 11.46 26.43
CA LEU D 292 15.65 11.00 25.22
C LEU D 292 14.72 10.01 24.52
N LEU D 293 14.26 10.36 23.32
CA LEU D 293 13.34 9.50 22.60
C LEU D 293 13.99 8.18 22.17
N GLN D 294 15.27 8.21 21.83
CA GLN D 294 15.98 7.03 21.34
C GLN D 294 17.23 6.81 22.20
N PRO D 295 17.07 6.29 23.41
CA PRO D 295 18.20 6.27 24.34
C PRO D 295 19.36 5.38 23.92
N TRP D 296 19.13 4.38 23.07
CA TRP D 296 20.18 3.43 22.74
C TRP D 296 21.23 3.99 21.79
N HIS D 297 21.02 5.15 21.18
CA HIS D 297 22.10 5.84 20.50
C HIS D 297 22.29 7.26 21.03
N LEU D 298 21.84 7.54 22.24
CA LEU D 298 22.04 8.84 22.87
C LEU D 298 22.79 8.69 24.19
N GLU D 299 23.80 7.82 24.21
CA GLU D 299 24.53 7.54 25.45
C GLU D 299 25.39 8.72 25.86
N LYS D 300 26.13 9.30 24.92
CA LYS D 300 26.98 10.44 25.23
C LYS D 300 26.14 11.64 25.65
N THR D 301 25.04 11.88 24.94
CA THR D 301 24.14 12.96 25.30
C THR D 301 23.60 12.73 26.71
N LYS D 302 23.21 11.48 27.01
CA LYS D 302 22.67 11.19 28.33
C LYS D 302 23.70 11.45 29.41
N LYS D 303 24.95 11.04 29.16
CA LYS D 303 26.00 11.29 30.14
C LYS D 303 26.16 12.78 30.38
N PHE D 304 26.16 13.58 29.30
CA PHE D 304 26.35 15.02 29.46
C PHE D 304 25.18 15.63 30.22
N VAL D 305 23.95 15.26 29.85
CA VAL D 305 22.77 15.87 30.42
C VAL D 305 22.63 15.51 31.90
N GLU D 306 22.94 14.26 32.25
CA GLU D 306 22.87 13.85 33.65
C GLU D 306 24.02 14.45 34.46
N GLY D 307 25.21 14.53 33.88
CA GLY D 307 26.39 14.94 34.61
C GLY D 307 26.51 16.44 34.74
N THR D 308 26.10 17.19 33.72
CA THR D 308 26.27 18.63 33.69
C THR D 308 24.97 19.36 34.02
N TRP D 309 23.91 19.08 33.27
CA TRP D 309 22.62 19.72 33.54
C TRP D 309 21.98 19.20 34.82
N LYS D 310 22.43 18.05 35.32
CA LYS D 310 21.91 17.39 36.52
C LYS D 310 20.44 17.02 36.37
N HIS D 311 20.02 16.66 35.16
CA HIS D 311 18.68 16.17 34.93
C HIS D 311 18.64 14.67 35.22
N GLU D 312 17.63 14.24 35.96
CA GLU D 312 17.41 12.82 36.22
C GLU D 312 16.70 12.20 35.02
N VAL D 313 17.48 11.93 33.97
CA VAL D 313 16.93 11.45 32.71
C VAL D 313 16.20 10.13 32.95
N PRO D 314 14.90 10.08 32.68
CA PRO D 314 14.10 8.88 32.98
C PRO D 314 14.42 7.69 32.08
N LYS D 315 14.23 6.51 32.65
CA LYS D 315 14.42 5.28 31.88
C LYS D 315 13.18 4.96 31.06
N LEU D 316 13.12 5.54 29.87
CA LEU D 316 11.99 5.35 28.99
C LEU D 316 12.47 4.64 27.74
N ASN D 317 11.70 3.63 27.29
CA ASN D 317 11.88 3.10 25.96
C ASN D 317 11.42 4.11 24.92
N ILE D 318 11.78 3.86 23.67
CA ILE D 318 11.24 4.65 22.56
C ILE D 318 9.72 4.60 22.61
N PRO D 319 9.02 5.74 22.51
CA PRO D 319 7.56 5.71 22.54
C PRO D 319 6.93 5.16 21.28
N MET D 320 7.07 3.84 21.10
CA MET D 320 6.55 3.12 19.96
C MET D 320 5.60 2.04 20.46
N GLY D 321 4.50 1.84 19.74
CA GLY D 321 3.55 0.84 20.14
C GLY D 321 2.64 1.35 21.24
N LEU D 322 2.03 0.40 21.95
CA LEU D 322 0.98 0.72 22.91
C LEU D 322 1.55 0.89 24.31
N ASP D 323 2.26 -0.13 24.81
CA ASP D 323 2.77 -0.10 26.18
C ASP D 323 3.76 1.04 26.36
N TRP D 324 4.69 1.20 25.41
CA TRP D 324 5.76 2.19 25.57
C TRP D 324 5.25 3.60 25.39
N THR D 325 4.25 3.81 24.53
CA THR D 325 3.60 5.12 24.47
C THR D 325 2.90 5.42 25.80
N ASP D 326 2.24 4.41 26.38
CA ASP D 326 1.62 4.61 27.68
C ASP D 326 2.66 5.02 28.71
N GLU D 327 3.80 4.32 28.73
CA GLU D 327 4.85 4.60 29.71
C GLU D 327 5.40 6.01 29.50
N PHE D 328 5.60 6.39 28.24
CA PHE D 328 6.13 7.73 27.93
C PHE D 328 5.17 8.80 28.42
N LEU D 329 3.87 8.63 28.13
CA LEU D 329 2.89 9.62 28.53
C LEU D 329 2.77 9.69 30.05
N MET D 330 2.82 8.54 30.71
CA MET D 330 2.73 8.50 32.17
C MET D 330 3.93 9.20 32.79
N LYS D 331 5.13 8.98 32.22
CA LYS D 331 6.33 9.62 32.75
C LYS D 331 6.27 11.12 32.53
N VAL D 332 5.81 11.55 31.35
CA VAL D 332 5.69 12.97 31.08
C VAL D 332 4.69 13.60 32.05
N SER D 333 3.58 12.91 32.31
CA SER D 333 2.59 13.38 33.27
C SER D 333 3.22 13.57 34.64
N GLU D 334 3.99 12.57 35.07
CA GLU D 334 4.63 12.62 36.38
C GLU D 334 5.61 13.79 36.45
N ILE D 335 6.41 13.99 35.42
CA ILE D 335 7.44 15.03 35.45
C ILE D 335 6.79 16.41 35.43
N SER D 336 5.82 16.61 34.54
CA SER D 336 5.23 17.92 34.33
C SER D 336 4.08 18.22 35.29
N GLY D 337 3.48 17.20 35.90
CA GLY D 337 2.30 17.36 36.72
C GLY D 337 1.02 17.56 35.95
N GLN D 338 1.04 17.41 34.63
CA GLN D 338 -0.15 17.53 33.79
C GLN D 338 -0.83 16.18 33.67
N PRO D 339 -2.13 16.09 33.92
CA PRO D 339 -2.84 14.83 33.69
C PRO D 339 -2.89 14.49 32.20
N ILE D 340 -2.99 13.20 31.92
CA ILE D 340 -3.16 12.73 30.55
C ILE D 340 -4.58 13.10 30.11
N PRO D 341 -4.73 13.91 29.07
CA PRO D 341 -6.06 14.40 28.69
C PRO D 341 -6.94 13.31 28.10
N ALA D 342 -8.24 13.62 28.08
CA ALA D 342 -9.24 12.70 27.54
C ALA D 342 -8.98 12.38 26.08
N SER D 343 -8.41 13.33 25.32
CA SER D 343 -8.17 13.12 23.90
C SER D 343 -7.13 12.03 23.68
N LEU D 344 -6.06 12.02 24.48
CA LEU D 344 -5.04 10.99 24.33
C LEU D 344 -5.59 9.64 24.78
N THR D 345 -6.42 9.62 25.82
CA THR D 345 -7.04 8.38 26.25
C THR D 345 -7.91 7.81 25.14
N LYS D 346 -8.68 8.69 24.47
CA LYS D 346 -9.53 8.23 23.38
C LYS D 346 -8.68 7.71 22.22
N GLU D 347 -7.57 8.39 21.92
CA GLU D 347 -6.70 7.93 20.85
C GLU D 347 -6.14 6.56 21.16
N ARG D 348 -5.74 6.34 22.42
CA ARG D 348 -5.26 5.03 22.83
C ARG D 348 -6.33 3.97 22.64
N GLY D 349 -7.56 4.30 23.06
CA GLY D 349 -8.66 3.35 22.90
C GLY D 349 -8.95 3.04 21.45
N ARG D 350 -8.77 4.04 20.57
CA ARG D 350 -8.97 3.83 19.13
C ARG D 350 -7.88 2.93 18.57
N LEU D 351 -6.64 3.08 19.04
CA LEU D 351 -5.59 2.18 18.63
C LEU D 351 -5.92 0.75 19.06
N VAL D 352 -6.39 0.59 20.30
CA VAL D 352 -6.73 -0.74 20.79
C VAL D 352 -7.87 -1.32 19.95
N ASP D 353 -8.82 -0.47 19.57
CA ASP D 353 -9.92 -0.91 18.72
C ASP D 353 -9.41 -1.43 17.38
N MET D 354 -8.48 -0.69 16.76
CA MET D 354 -7.90 -1.14 15.50
C MET D 354 -7.17 -2.47 15.67
N MET D 355 -6.45 -2.61 16.80
CA MET D 355 -5.76 -3.86 17.11
C MET D 355 -6.75 -5.01 17.19
N THR D 356 -7.87 -4.79 17.86
CA THR D 356 -8.88 -5.82 18.01
C THR D 356 -9.50 -6.17 16.65
N ASP D 357 -9.72 -5.15 15.82
CA ASP D 357 -10.33 -5.39 14.52
C ASP D 357 -9.41 -6.20 13.61
N SER D 358 -8.09 -6.00 13.72
CA SER D 358 -7.14 -6.58 12.77
C SER D 358 -6.39 -7.79 13.32
N HIS D 359 -6.64 -8.18 14.57
CA HIS D 359 -5.80 -9.20 15.20
C HIS D 359 -5.91 -10.54 14.48
N THR D 360 -7.06 -10.83 13.86
CA THR D 360 -7.22 -12.12 13.18
C THR D 360 -6.22 -12.25 12.04
N TRP D 361 -5.98 -11.16 11.31
CA TRP D 361 -5.01 -11.21 10.23
C TRP D 361 -3.59 -11.06 10.75
N LEU D 362 -3.41 -10.36 11.87
CA LEU D 362 -2.04 -10.06 12.28
C LEU D 362 -1.42 -11.23 13.03
N HIS D 363 -2.24 -12.01 13.75
CA HIS D 363 -1.75 -12.99 14.70
C HIS D 363 -0.93 -14.08 14.01
N GLY D 364 0.23 -14.39 14.57
CA GLY D 364 1.08 -15.47 14.09
C GLY D 364 1.90 -15.17 12.86
N LYS D 365 1.79 -13.97 12.29
CA LYS D 365 2.59 -13.63 11.12
C LYS D 365 4.06 -13.53 11.49
N ARG D 366 4.92 -14.02 10.60
CA ARG D 366 6.35 -14.09 10.88
C ARG D 366 7.07 -12.97 10.13
N PHE D 367 7.91 -12.24 10.85
CA PHE D 367 8.60 -11.09 10.29
C PHE D 367 10.10 -11.17 10.49
N ALA D 368 10.84 -10.81 9.46
CA ALA D 368 12.25 -10.46 9.55
C ALA D 368 12.28 -8.95 9.54
N LEU D 369 13.02 -8.32 10.45
CA LEU D 369 13.08 -6.87 10.44
C LEU D 369 14.51 -6.39 10.69
N TRP D 370 14.77 -5.17 10.21
CA TRP D 370 16.07 -4.55 10.52
C TRP D 370 15.94 -3.04 10.60
N GLY D 371 17.00 -2.40 11.09
CA GLY D 371 17.09 -0.97 11.19
C GLY D 371 17.96 -0.57 12.37
N ASP D 372 17.78 0.67 12.82
CA ASP D 372 18.52 1.20 13.96
C ASP D 372 18.01 0.60 15.28
N PRO D 373 18.86 0.59 16.32
CA PRO D 373 18.49 -0.13 17.56
C PRO D 373 17.18 0.29 18.20
N ASP D 374 16.95 1.58 18.43
CA ASP D 374 15.72 2.00 19.10
C ASP D 374 14.51 1.70 18.22
N PHE D 375 14.61 2.03 16.93
CA PHE D 375 13.52 1.76 16.01
C PHE D 375 13.20 0.27 15.99
N VAL D 376 14.24 -0.57 15.92
CA VAL D 376 14.05 -2.00 15.82
C VAL D 376 13.38 -2.55 17.07
N MET D 377 13.85 -2.12 18.25
CA MET D 377 13.27 -2.66 19.47
C MET D 377 11.83 -2.19 19.63
N GLY D 378 11.53 -0.96 19.22
CA GLY D 378 10.14 -0.51 19.24
C GLY D 378 9.27 -1.31 18.31
N LEU D 379 9.76 -1.59 17.11
CA LEU D 379 9.00 -2.40 16.16
C LEU D 379 8.77 -3.81 16.71
N VAL D 380 9.80 -4.38 17.35
CA VAL D 380 9.67 -5.72 17.93
C VAL D 380 8.61 -5.71 19.03
N LYS D 381 8.64 -4.67 19.89
CA LYS D 381 7.67 -4.58 20.97
C LYS D 381 6.26 -4.48 20.42
N PHE D 382 6.07 -3.63 19.40
CA PHE D 382 4.74 -3.45 18.83
C PHE D 382 4.27 -4.75 18.20
N LEU D 383 5.16 -5.45 17.48
CA LEU D 383 4.79 -6.71 16.85
C LEU D 383 4.35 -7.71 17.91
N LEU D 384 5.07 -7.77 19.03
CA LEU D 384 4.66 -8.66 20.12
C LEU D 384 3.29 -8.26 20.65
N GLU D 385 3.01 -6.96 20.72
CA GLU D 385 1.70 -6.52 21.20
C GLU D 385 0.59 -6.91 20.25
N LEU D 386 0.90 -7.08 18.96
CA LEU D 386 -0.07 -7.44 17.94
C LEU D 386 -0.22 -8.95 17.80
N GLY D 387 0.54 -9.72 18.55
CA GLY D 387 0.56 -11.15 18.47
C GLY D 387 1.36 -11.70 17.32
N CYS D 388 2.06 -10.85 16.56
CA CYS D 388 2.93 -11.30 15.50
C CYS D 388 4.19 -11.91 16.11
N GLU D 389 4.84 -12.81 15.39
CA GLU D 389 6.09 -13.31 15.91
C GLU D 389 7.27 -12.80 15.10
N PRO D 390 8.10 -11.92 15.65
CA PRO D 390 9.36 -11.56 14.99
C PRO D 390 10.32 -12.73 15.06
N VAL D 391 10.90 -13.09 13.93
CA VAL D 391 11.77 -14.27 13.85
C VAL D 391 13.23 -13.86 13.63
N HIS D 392 13.48 -12.95 12.70
CA HIS D 392 14.85 -12.51 12.40
C HIS D 392 14.89 -11.03 12.73
N ILE D 393 15.52 -10.70 13.85
CA ILE D 393 15.71 -9.32 14.28
C ILE D 393 17.17 -8.96 14.04
N LEU D 394 17.41 -8.06 13.09
CA LEU D 394 18.76 -7.70 12.67
C LEU D 394 19.01 -6.23 12.97
N CYS D 395 20.13 -5.93 13.63
CA CYS D 395 20.55 -4.55 13.87
C CYS D 395 22.05 -4.50 13.64
N HIS D 396 22.45 -4.01 12.46
CA HIS D 396 23.86 -4.01 12.10
C HIS D 396 24.68 -3.14 13.05
N ASN D 397 24.13 -2.02 13.49
CA ASN D 397 24.82 -1.11 14.39
C ASN D 397 24.44 -1.31 15.85
N GLY D 398 23.88 -2.46 16.20
CA GLY D 398 23.53 -2.74 17.58
C GLY D 398 24.71 -3.29 18.37
N ASN D 399 24.54 -3.34 19.70
CA ASN D 399 25.57 -3.82 20.60
C ASN D 399 25.01 -4.92 21.50
N LYS D 400 25.89 -5.49 22.32
CA LYS D 400 25.52 -6.63 23.17
C LYS D 400 24.51 -6.22 24.25
N ARG D 401 24.65 -5.02 24.80
CA ARG D 401 23.71 -4.54 25.81
C ARG D 401 22.32 -4.38 25.21
N TRP D 402 22.25 -3.79 24.02
CA TRP D 402 20.98 -3.63 23.32
C TRP D 402 20.39 -4.99 23.01
N LYS D 403 21.24 -5.94 22.61
CA LYS D 403 20.77 -7.28 22.30
C LYS D 403 20.18 -7.93 23.54
N LYS D 404 20.84 -7.74 24.69
CA LYS D 404 20.33 -8.28 25.95
C LYS D 404 18.95 -7.69 26.25
N ALA D 405 18.79 -6.39 26.04
CA ALA D 405 17.49 -5.74 26.27
C ALA D 405 16.42 -6.35 25.36
N VAL D 406 16.72 -6.50 24.07
CA VAL D 406 15.74 -7.04 23.14
C VAL D 406 15.41 -8.49 23.47
N ASP D 407 16.43 -9.27 23.89
CA ASP D 407 16.19 -10.65 24.28
C ASP D 407 15.28 -10.71 25.50
N ALA D 408 15.47 -9.79 26.44
CA ALA D 408 14.59 -9.72 27.61
C ALA D 408 13.16 -9.41 27.19
N ILE D 409 12.99 -8.47 26.26
CA ILE D 409 11.65 -8.13 25.78
C ILE D 409 11.00 -9.35 25.12
N LEU D 410 11.77 -10.07 24.30
CA LEU D 410 11.25 -11.25 23.62
C LEU D 410 10.86 -12.34 24.61
N ALA D 411 11.67 -12.52 25.66
CA ALA D 411 11.40 -13.56 26.65
C ALA D 411 10.15 -13.28 27.45
N ALA D 412 9.77 -12.00 27.58
CA ALA D 412 8.57 -11.63 28.33
C ALA D 412 7.29 -11.97 27.58
N SER D 413 7.38 -12.30 26.29
CA SER D 413 6.20 -12.49 25.45
C SER D 413 6.18 -13.91 24.90
N PRO D 414 5.01 -14.55 24.85
CA PRO D 414 4.91 -15.87 24.19
C PRO D 414 5.12 -15.80 22.69
N TYR D 415 5.05 -14.62 22.09
CA TYR D 415 5.21 -14.46 20.64
C TYR D 415 6.66 -14.21 20.24
N GLY D 416 7.57 -14.18 21.21
CA GLY D 416 8.99 -14.05 20.99
C GLY D 416 9.75 -15.35 21.08
N LYS D 417 9.06 -16.49 21.06
CA LYS D 417 9.69 -17.78 21.29
C LYS D 417 10.67 -18.12 20.16
N ASN D 418 10.30 -17.79 18.92
CA ASN D 418 11.06 -18.16 17.73
C ASN D 418 11.93 -17.03 17.21
N ALA D 419 12.26 -16.05 18.06
CA ALA D 419 12.98 -14.86 17.65
C ALA D 419 14.47 -14.99 17.96
N THR D 420 15.29 -14.56 17.01
CA THR D 420 16.72 -14.42 17.22
C THR D 420 17.13 -12.99 16.88
N VAL D 421 18.00 -12.43 17.72
CA VAL D 421 18.53 -11.08 17.52
C VAL D 421 19.93 -11.21 16.95
N TYR D 422 20.22 -10.45 15.89
CA TYR D 422 21.53 -10.43 15.28
C TYR D 422 22.09 -9.02 15.33
N ILE D 423 23.30 -8.88 15.88
CA ILE D 423 24.03 -7.63 15.83
C ILE D 423 25.31 -7.84 15.02
N GLY D 424 25.72 -6.80 14.31
CA GLY D 424 26.91 -6.86 13.50
C GLY D 424 26.74 -7.64 12.22
N LYS D 425 25.51 -8.02 11.87
CA LYS D 425 25.22 -8.75 10.66
C LYS D 425 24.60 -7.82 9.63
N ASP D 426 24.85 -8.11 8.37
CA ASP D 426 24.42 -7.25 7.28
C ASP D 426 23.22 -7.88 6.56
N LEU D 427 22.82 -7.28 5.45
CA LEU D 427 21.65 -7.76 4.73
C LEU D 427 21.92 -9.02 3.91
N TRP D 428 23.18 -9.37 3.67
CA TRP D 428 23.46 -10.68 3.06
C TRP D 428 23.19 -11.80 4.06
N HIS D 429 23.53 -11.56 5.33
CA HIS D 429 23.16 -12.50 6.38
C HIS D 429 21.64 -12.63 6.44
N LEU D 430 20.94 -11.50 6.35
CA LEU D 430 19.49 -11.52 6.44
C LEU D 430 18.90 -12.27 5.26
N ARG D 431 19.50 -12.10 4.07
CA ARG D 431 19.03 -12.80 2.89
C ARG D 431 19.12 -14.31 3.12
N SER D 432 20.26 -14.76 3.66
CA SER D 432 20.40 -16.17 3.99
C SER D 432 19.31 -16.60 4.97
N LEU D 433 19.06 -15.77 5.99
CA LEU D 433 18.10 -16.13 7.03
C LEU D 433 16.70 -16.27 6.44
N VAL D 434 16.30 -15.35 5.57
CA VAL D 434 14.95 -15.42 5.00
C VAL D 434 14.84 -16.54 3.99
N PHE D 435 15.97 -17.02 3.44
CA PHE D 435 15.91 -18.21 2.62
C PHE D 435 15.75 -19.48 3.46
N THR D 436 16.51 -19.58 4.55
CA THR D 436 16.57 -20.83 5.31
C THR D 436 15.43 -20.95 6.32
N ASP D 437 15.03 -19.85 6.95
CA ASP D 437 13.91 -19.80 7.88
C ASP D 437 12.98 -18.70 7.40
N LYS D 438 12.13 -19.05 6.45
CA LYS D 438 11.36 -18.04 5.71
C LYS D 438 10.33 -17.38 6.61
N PRO D 439 10.35 -16.06 6.76
CA PRO D 439 9.24 -15.37 7.42
C PRO D 439 8.14 -15.04 6.44
N ASP D 440 7.03 -14.49 6.96
CA ASP D 440 5.95 -14.06 6.08
C ASP D 440 6.30 -12.74 5.40
N PHE D 441 6.97 -11.84 6.11
CA PHE D 441 7.28 -10.53 5.55
C PHE D 441 8.62 -10.05 6.11
N MET D 442 9.22 -9.10 5.40
CA MET D 442 10.33 -8.32 5.92
C MET D 442 9.84 -6.92 6.21
N ILE D 443 10.36 -6.31 7.28
CA ILE D 443 10.18 -4.89 7.55
C ILE D 443 11.56 -4.24 7.54
N GLY D 444 11.75 -3.28 6.65
CA GLY D 444 13.03 -2.62 6.55
C GLY D 444 13.02 -1.54 5.50
N ASN D 445 14.22 -1.04 5.21
CA ASN D 445 14.39 0.06 4.27
C ASN D 445 14.37 -0.47 2.83
N SER D 446 14.66 0.40 1.87
CA SER D 446 14.58 0.04 0.46
C SER D 446 15.58 -1.04 0.03
N TYR D 447 16.68 -1.22 0.77
CA TYR D 447 17.66 -2.23 0.39
C TYR D 447 17.07 -3.64 0.46
N GLY D 448 16.01 -3.83 1.24
CA GLY D 448 15.39 -5.14 1.30
C GLY D 448 14.72 -5.53 0.01
N LYS D 449 14.46 -4.56 -0.87
CA LYS D 449 13.81 -4.90 -2.12
C LYS D 449 14.66 -5.90 -2.89
N PHE D 450 15.99 -5.80 -2.75
CA PHE D 450 16.84 -6.77 -3.46
C PHE D 450 16.66 -8.16 -2.89
N ILE D 451 16.49 -8.25 -1.58
CA ILE D 451 16.26 -9.54 -0.96
C ILE D 451 14.95 -10.12 -1.48
N GLN D 452 13.90 -9.30 -1.53
CA GLN D 452 12.64 -9.80 -2.08
C GLN D 452 12.86 -10.34 -3.48
N ARG D 453 13.60 -9.59 -4.30
CA ARG D 453 13.90 -10.04 -5.65
C ARG D 453 14.54 -11.43 -5.61
N ASP D 454 15.56 -11.60 -4.77
CA ASP D 454 16.22 -12.89 -4.65
C ASP D 454 15.23 -13.98 -4.29
N THR D 455 14.38 -13.72 -3.28
CA THR D 455 13.45 -14.75 -2.86
C THR D 455 12.49 -15.10 -3.97
N LEU D 456 12.05 -14.10 -4.73
CA LEU D 456 11.13 -14.39 -5.83
C LEU D 456 11.82 -15.26 -6.88
N HIS D 457 13.13 -15.10 -7.05
CA HIS D 457 13.83 -15.91 -8.02
C HIS D 457 13.81 -17.39 -7.62
N LYS D 458 13.78 -17.68 -6.32
CA LYS D 458 13.68 -19.07 -5.91
C LYS D 458 12.31 -19.64 -6.24
N GLY D 459 11.28 -18.81 -6.20
CA GLY D 459 9.93 -19.22 -6.50
C GLY D 459 8.93 -18.29 -5.86
N LYS D 460 7.73 -18.23 -6.45
CA LYS D 460 6.67 -17.40 -5.90
C LYS D 460 6.32 -17.82 -4.48
N GLU D 461 6.33 -19.13 -4.21
CA GLU D 461 6.03 -19.62 -2.88
C GLU D 461 7.10 -19.24 -1.86
N PHE D 462 8.30 -18.89 -2.31
CA PHE D 462 9.39 -18.54 -1.44
C PHE D 462 9.60 -17.04 -1.33
N GLU D 463 8.79 -16.25 -2.03
CA GLU D 463 8.97 -14.81 -2.04
C GLU D 463 8.63 -14.23 -0.68
N VAL D 464 9.48 -13.33 -0.20
CA VAL D 464 9.23 -12.61 1.06
C VAL D 464 9.02 -11.14 0.72
N PRO D 465 7.78 -10.66 0.75
CA PRO D 465 7.53 -9.26 0.44
C PRO D 465 8.12 -8.32 1.48
N LEU D 466 8.57 -7.17 1.00
CA LEU D 466 9.13 -6.13 1.84
C LEU D 466 8.05 -5.12 2.22
N ILE D 467 8.06 -4.73 3.48
CA ILE D 467 7.27 -3.62 4.00
C ILE D 467 8.25 -2.52 4.39
N ARG D 468 8.12 -1.36 3.75
CA ARG D 468 9.11 -0.29 3.84
C ARG D 468 8.82 0.56 5.07
N ILE D 469 9.49 0.24 6.16
CA ILE D 469 9.50 1.09 7.36
C ILE D 469 10.95 1.23 7.78
N GLY D 470 11.42 2.47 7.88
CA GLY D 470 12.76 2.76 8.34
C GLY D 470 13.44 3.71 7.40
N PHE D 471 14.78 3.70 7.44
CA PHE D 471 15.58 4.66 6.69
C PHE D 471 16.73 3.90 6.04
N PRO D 472 17.04 4.22 4.78
CA PRO D 472 16.33 5.14 3.91
C PRO D 472 15.32 4.44 3.00
N ILE D 473 14.31 5.19 2.57
CA ILE D 473 13.30 4.70 1.63
C ILE D 473 13.49 5.50 0.35
N PHE D 474 14.02 4.86 -0.68
CA PHE D 474 14.32 5.54 -1.94
C PHE D 474 13.36 5.22 -3.06
N ASP D 475 12.66 4.09 -3.01
CA ASP D 475 11.88 3.61 -4.14
C ASP D 475 10.40 3.89 -3.97
N ARG D 476 10.01 4.59 -2.91
CA ARG D 476 8.64 5.04 -2.71
C ARG D 476 8.68 6.53 -2.38
N HIS D 477 7.58 7.21 -2.65
CA HIS D 477 7.51 8.65 -2.48
C HIS D 477 6.76 9.01 -1.20
N HIS D 478 7.32 9.97 -0.46
CA HIS D 478 6.65 10.67 0.63
C HIS D 478 6.39 9.81 1.85
N LEU D 479 7.04 8.65 1.95
CA LEU D 479 6.90 7.84 3.15
C LEU D 479 7.61 8.48 4.34
N HIS D 480 8.53 9.41 4.09
CA HIS D 480 9.20 10.12 5.17
C HIS D 480 8.23 10.97 5.98
N ARG D 481 7.07 11.31 5.41
CA ARG D 481 6.05 12.08 6.13
C ARG D 481 5.27 11.23 7.12
N SER D 482 5.47 9.91 7.12
CA SER D 482 4.74 9.01 7.99
C SER D 482 5.14 9.22 9.45
N THR D 483 4.42 8.53 10.33
CA THR D 483 4.67 8.53 11.76
C THR D 483 4.87 7.10 12.23
N THR D 484 5.82 6.91 13.15
CA THR D 484 6.02 5.63 13.80
C THR D 484 5.90 5.70 15.33
N LEU D 485 5.92 6.89 15.91
CA LEU D 485 5.90 7.05 17.36
C LEU D 485 4.47 7.29 17.84
N GLY D 486 4.22 6.93 19.09
CA GLY D 486 2.95 7.25 19.69
C GLY D 486 1.81 6.37 19.18
N TYR D 487 0.60 6.75 19.61
CA TYR D 487 -0.59 6.04 19.15
C TYR D 487 -0.79 6.24 17.66
N GLU D 488 -0.54 7.45 17.16
CA GLU D 488 -0.74 7.72 15.74
C GLU D 488 0.21 6.88 14.89
N GLY D 489 1.48 6.80 15.32
CA GLY D 489 2.44 5.98 14.62
C GLY D 489 2.09 4.51 14.70
N ALA D 490 1.60 4.06 15.86
CA ALA D 490 1.19 2.68 16.01
C ALA D 490 0.03 2.37 15.06
N MET D 491 -0.91 3.30 14.93
CA MET D 491 -2.04 3.10 14.01
C MET D 491 -1.53 3.00 12.58
N GLN D 492 -0.62 3.89 12.19
CA GLN D 492 -0.07 3.87 10.84
C GLN D 492 0.63 2.55 10.57
N ILE D 493 1.45 2.08 11.52
CA ILE D 493 2.20 0.85 11.34
C ILE D 493 1.24 -0.33 11.23
N LEU D 494 0.24 -0.37 12.12
CA LEU D 494 -0.73 -1.47 12.11
C LEU D 494 -1.44 -1.52 10.77
N THR D 495 -1.89 -0.36 10.28
CA THR D 495 -2.61 -0.31 9.02
C THR D 495 -1.71 -0.83 7.89
N THR D 496 -0.46 -0.37 7.88
CA THR D 496 0.49 -0.82 6.87
C THR D 496 0.64 -2.34 6.92
N LEU D 497 0.81 -2.89 8.12
CA LEU D 497 1.07 -4.32 8.25
C LEU D 497 -0.15 -5.12 7.79
N VAL D 498 -1.33 -4.78 8.32
CA VAL D 498 -2.50 -5.61 8.03
C VAL D 498 -2.85 -5.51 6.56
N ASN D 499 -2.70 -4.32 5.96
CA ASN D 499 -3.04 -4.18 4.55
C ASN D 499 -1.99 -4.80 3.66
N SER D 500 -0.73 -4.86 4.11
CA SER D 500 0.27 -5.63 3.36
C SER D 500 -0.10 -7.10 3.35
N ILE D 501 -0.54 -7.61 4.50
CA ILE D 501 -0.96 -9.00 4.59
C ILE D 501 -2.13 -9.24 3.64
N LEU D 502 -3.10 -8.33 3.65
CA LEU D 502 -4.30 -8.53 2.86
C LEU D 502 -4.00 -8.39 1.37
N GLU D 503 -3.10 -7.47 1.01
CA GLU D 503 -2.72 -7.32 -0.39
C GLU D 503 -2.04 -8.58 -0.88
N ARG D 504 -1.16 -9.16 -0.05
CA ARG D 504 -0.47 -10.38 -0.45
C ARG D 504 -1.49 -11.50 -0.63
N LEU D 505 -2.44 -11.62 0.30
CA LEU D 505 -3.44 -12.66 0.20
C LEU D 505 -4.27 -12.49 -1.06
N ASP D 506 -4.63 -11.24 -1.38
CA ASP D 506 -5.38 -10.97 -2.61
C ASP D 506 -4.57 -11.38 -3.83
N GLU D 507 -3.26 -11.09 -3.82
CA GLU D 507 -2.41 -11.50 -4.94
C GLU D 507 -2.40 -13.01 -5.10
N GLU D 508 -2.27 -13.74 -4.00
CA GLU D 508 -2.15 -15.19 -4.12
C GLU D 508 -3.49 -15.88 -4.33
N THR D 509 -4.60 -15.17 -4.22
CA THR D 509 -5.92 -15.74 -4.46
C THR D 509 -6.60 -15.12 -5.69
N ARG D 510 -5.83 -14.49 -6.57
CA ARG D 510 -6.40 -13.80 -7.73
C ARG D 510 -6.53 -14.70 -8.95
N GLY D 511 -6.07 -15.95 -8.87
CA GLY D 511 -6.07 -16.85 -10.00
C GLY D 511 -7.45 -17.41 -10.29
N MET D 512 -8.00 -17.11 -11.47
CA MET D 512 -9.35 -17.52 -11.79
C MET D 512 -9.45 -19.04 -11.89
N GLN D 513 -10.41 -19.61 -11.15
CA GLN D 513 -10.76 -21.03 -11.13
C GLN D 513 -9.64 -21.87 -10.54
N ALA D 514 -8.64 -21.24 -9.92
CA ALA D 514 -7.55 -21.94 -9.26
C ALA D 514 -7.52 -21.60 -7.77
N THR D 515 -7.40 -20.33 -7.42
CA THR D 515 -7.29 -19.91 -6.03
C THR D 515 -8.31 -18.83 -5.68
N ASP D 516 -9.09 -18.36 -6.65
CA ASP D 516 -10.01 -17.25 -6.43
C ASP D 516 -11.22 -17.64 -5.60
N TYR D 517 -11.36 -18.92 -5.25
CA TYR D 517 -12.38 -19.33 -4.29
C TYR D 517 -12.21 -18.63 -2.96
N ASN D 518 -10.99 -18.23 -2.63
CA ASN D 518 -10.69 -17.50 -1.40
C ASN D 518 -10.49 -16.01 -1.65
N HIS D 519 -10.85 -15.52 -2.84
CA HIS D 519 -10.74 -14.10 -3.18
C HIS D 519 -11.93 -13.34 -2.60
N ASP D 520 -12.01 -13.31 -1.27
CA ASP D 520 -13.18 -12.80 -0.58
C ASP D 520 -13.31 -11.28 -0.76
N LEU D 521 -14.55 -10.84 -0.99
CA LEU D 521 -14.86 -9.41 -0.92
C LEU D 521 -14.62 -8.85 0.48
N VAL D 522 -15.02 -9.59 1.51
CA VAL D 522 -14.96 -9.12 2.89
C VAL D 522 -13.77 -9.78 3.57
N ARG D 523 -12.89 -8.96 4.13
CA ARG D 523 -11.74 -9.44 4.90
C ARG D 523 -11.71 -8.75 6.25
FE1 ICS E . -29.01 -23.07 8.99
MO1 ICS E . -26.08 -16.78 9.40
FE2 ICS E . -29.43 -20.45 8.65
FE3 ICS E . -27.08 -21.56 8.14
FE4 ICS E . -27.84 -21.37 10.62
FE5 ICS E . -26.81 -19.02 10.82
FE6 ICS E . -28.28 -18.14 8.81
FE7 ICS E . -25.96 -19.23 8.29
CX ICS E . -27.56 -19.98 9.22
S1A ICS E . -30.09 -21.65 10.44
S1B ICS E . -27.99 -17.08 10.76
S2A ICS E . -29.03 -21.94 7.02
S2B ICS E . -30.32 -18.50 8.11
S3A ICS E . -27.07 -20.48 12.52
S3B ICS E . -26.86 -17.43 7.26
S4A ICS E . -26.82 -23.17 9.67
S4B ICS E . -24.75 -18.61 10.04
S5A ICS E . -25.34 -20.90 6.96
FE1 CLF F . -37.33 -6.27 1.41
FE2 CLF F . -35.35 -5.34 2.68
FE3 CLF F . -35.39 -8.06 2.36
FE4 CLF F . -34.99 -6.34 0.29
S1 CLF F . -36.21 -4.33 0.59
S2A CLF F . -36.86 -6.81 3.59
S4A CLF F . -33.62 -6.66 2.08
S3A CLF F . -36.45 -8.10 0.30
FE5 CLF F . -34.00 -3.69 -0.54
FE6 CLF F . -35.90 -2.02 -0.45
FE7 CLF F . -33.23 -0.97 -0.02
FE8 CLF F . -34.90 -2.67 1.58
S2B CLF F . -33.92 -1.79 -2.07
S3B CLF F . -35.19 -0.49 1.12
S4B CLF F . -32.68 -2.92 1.02
FE FE G . 10.08 17.59 -1.57
FE1 ICS H . 32.15 12.21 -17.87
MO1 ICS H . 27.66 12.81 -12.49
FE2 ICS H . 31.91 12.48 -15.19
FE3 ICS H . 30.10 11.11 -16.60
FE4 ICS H . 30.21 13.71 -16.85
FE5 ICS H . 28.56 13.99 -14.85
FE6 ICS H . 30.20 12.67 -13.26
FE7 ICS H . 28.43 11.36 -14.62
CX ICS H . 29.90 12.56 -15.26
S1A ICS H . 32.45 14.13 -16.63
S1B ICS H . 29.17 14.60 -12.75
S2A ICS H . 32.30 10.57 -16.30
S2B ICS H . 32.36 12.62 -13.03
S3A ICS H . 28.76 15.39 -16.61
S3B ICS H . 29.07 10.92 -12.51
S4A ICS H . 29.96 12.21 -18.54
S4B ICS H . 26.70 12.74 -14.63
S5A ICS H . 28.55 9.65 -16.04
FE FE I . -13.62 -0.93 15.10
FE1 CLF J . 36.66 9.82 1.25
FE2 CLF J . 34.29 10.63 1.41
FE3 CLF J . 35.09 9.82 -1.10
FE4 CLF J . 34.72 8.11 0.97
S1 CLF J . 35.30 9.09 3.05
S2A CLF J . 35.87 11.64 0.07
S4A CLF J . 33.13 9.37 -0.07
S3A CLF J . 36.56 8.20 -0.37
FE5 CLF J . 33.27 7.57 3.50
FE6 CLF J . 34.60 8.47 5.43
FE7 CLF J . 31.78 8.40 5.80
FE8 CLF J . 33.42 9.99 4.10
S2B CLF J . 33.03 6.46 5.65
S3B CLF J . 33.28 10.09 6.36
S4B CLF J . 31.50 8.86 3.58
#